data_5YTY
# 
_entry.id   5YTY 
# 
_audit_conform.dict_name       mmcif_pdbx.dic 
_audit_conform.dict_version    5.380 
_audit_conform.dict_location   http://mmcif.pdb.org/dictionaries/ascii/mmcif_pdbx.dic 
# 
loop_
_database_2.database_id 
_database_2.database_code 
_database_2.pdbx_database_accession 
_database_2.pdbx_DOI 
PDB   5YTY         pdb_00005yty 10.2210/pdb5yty/pdb 
WWPDB D_1300005908 ?            ?                   
# 
_pdbx_database_status.status_code                     REL 
_pdbx_database_status.status_code_sf                  REL 
_pdbx_database_status.status_code_mr                  ? 
_pdbx_database_status.entry_id                        5YTY 
_pdbx_database_status.recvd_initial_deposition_date   2017-11-20 
_pdbx_database_status.SG_entry                        N 
_pdbx_database_status.deposit_site                    PDBJ 
_pdbx_database_status.process_site                    PDBJ 
_pdbx_database_status.status_code_cs                  ? 
_pdbx_database_status.methods_development_category    ? 
_pdbx_database_status.pdb_format_compatible           Y 
_pdbx_database_status.status_code_nmr_data            ? 
# 
loop_
_audit_author.name 
_audit_author.pdbx_ordinal 
_audit_author.identifier_ORCID 
'Hou, M.H.' 1 ? 
'Wu, P.C.'  2 ? 
'Kao, Y.F.' 3 ? 
# 
_citation.abstract                  ? 
_citation.abstract_id_CAS           ? 
_citation.book_id_ISBN              ? 
_citation.book_publisher            ? 
_citation.book_publisher_city       ? 
_citation.book_title                ? 
_citation.coordinate_linkage        ? 
_citation.country                   UK 
_citation.database_id_Medline       ? 
_citation.details                   ? 
_citation.id                        primary 
_citation.journal_abbrev            'Nucleic Acids Res.' 
_citation.journal_id_ASTM           NARHAD 
_citation.journal_id_CSD            0389 
_citation.journal_id_ISSN           1362-4962 
_citation.journal_full              ? 
_citation.journal_issue             ? 
_citation.journal_volume            46 
_citation.language                  ? 
_citation.page_first                7396 
_citation.page_last                 7404 
_citation.title                     
'Cooperative recognition of T:T mismatch by echinomycin causes structural distortions in DNA duplex' 
_citation.year                      2018 
_citation.database_id_CSD           ? 
_citation.pdbx_database_id_DOI      10.1093/nar/gky345 
_citation.pdbx_database_id_PubMed   29741655 
_citation.unpublished_flag          ? 
# 
loop_
_citation_author.citation_id 
_citation_author.name 
_citation_author.ordinal 
_citation_author.identifier_ORCID 
primary 'Wu, P.C.'     1 ? 
primary 'Tzeng, S.L.'  2 ? 
primary 'Chang, C.K.'  3 ? 
primary 'Kao, Y.F.'    4 ? 
primary 'Waring, M.J.' 5 ? 
primary 'Hou, M.H.'    6 ? 
# 
_cell.entry_id           5YTY 
_cell.length_a           46.362 
_cell.length_b           46.362 
_cell.length_c           48.005 
_cell.angle_alpha        90.00 
_cell.angle_beta         90.00 
_cell.angle_gamma        120.00 
_cell.Z_PDB              12 
_cell.pdbx_unique_axis   ? 
# 
_symmetry.entry_id                         5YTY 
_symmetry.space_group_name_H-M             'P 31 1 2' 
_symmetry.pdbx_full_space_group_name_H-M   ? 
_symmetry.cell_setting                     ? 
_symmetry.Int_Tables_number                151 
# 
loop_
_entity.id 
_entity.type 
_entity.src_method 
_entity.pdbx_description 
_entity.formula_weight 
_entity.pdbx_number_of_molecules 
_entity.pdbx_ec 
_entity.pdbx_mutation 
_entity.pdbx_fragment 
_entity.details 
1 polymer     syn 
;DNA (5'-D(P*AP*CP*GP*AP*CP*GP*T)-3')
;
2122.424 1  ? ? ? ? 
2 polymer     syn 
;DNA (5'-D(P*AP*CP*GP*TP*CP*GP*T)-3')
;
2113.410 1  ? ? ? ? 
3 polymer     nat echinomycin                            809.008  2  ? ? ? ? 
4 non-polymer nat 'MAGNESIUM ION'                        24.305   2  ? ? ? ? 
5 non-polymer syn 'MANGANESE (II) ION'                   54.938   1  ? ? ? ? 
6 non-polymer syn 2-CARBOXYQUINOXALINE                   174.156  4  ? ? ? ? 
7 water       nat water                                  18.015   65 ? ? ? ? 
# 
loop_
_entity_poly.entity_id 
_entity_poly.type 
_entity_poly.nstd_linkage 
_entity_poly.nstd_monomer 
_entity_poly.pdbx_seq_one_letter_code 
_entity_poly.pdbx_seq_one_letter_code_can 
_entity_poly.pdbx_strand_id 
_entity_poly.pdbx_target_identifier 
1 polydeoxyribonucleotide no no  '(DA)(DC)(DG)(DA)(DC)(DG)(DT)'     ACGACGT  A   ? 
2 polydeoxyribonucleotide no no  '(DA)(DC)(DG)(DT)(DC)(DG)(DT)'     ACGTCGT  B   ? 
3 'polypeptide(L)'        no yes '(DSN)A(N2C)(MVA)(DSN)A(NCY)(MVA)' SAXVSAXV D,F ? 
# 
loop_
_entity_poly_seq.entity_id 
_entity_poly_seq.num 
_entity_poly_seq.mon_id 
_entity_poly_seq.hetero 
1 1 DA  n 
1 2 DC  n 
1 3 DG  n 
1 4 DA  n 
1 5 DC  n 
1 6 DG  n 
1 7 DT  n 
2 1 DA  n 
2 2 DC  n 
2 3 DG  n 
2 4 DT  n 
2 5 DC  n 
2 6 DG  n 
2 7 DT  n 
3 1 DSN n 
3 2 ALA n 
3 3 N2C n 
3 4 MVA n 
3 5 DSN n 
3 6 ALA n 
3 7 NCY n 
3 8 MVA n 
# 
_entity_src_nat.entity_id                  3 
_entity_src_nat.pdbx_src_id                1 
_entity_src_nat.pdbx_alt_source_flag       sample 
_entity_src_nat.pdbx_beg_seq_num           1 
_entity_src_nat.pdbx_end_seq_num           8 
_entity_src_nat.common_name                ? 
_entity_src_nat.pdbx_organism_scientific   'Streptomyces echinatus' 
_entity_src_nat.pdbx_ncbi_taxonomy_id      67293 
_entity_src_nat.genus                      ? 
_entity_src_nat.species                    ? 
_entity_src_nat.strain                     ? 
_entity_src_nat.tissue                     ? 
_entity_src_nat.tissue_fraction            ? 
_entity_src_nat.pdbx_secretion             ? 
_entity_src_nat.pdbx_fragment              ? 
_entity_src_nat.pdbx_variant               ? 
_entity_src_nat.pdbx_cell_line             ? 
_entity_src_nat.pdbx_atcc                  ? 
_entity_src_nat.pdbx_cellular_location     ? 
_entity_src_nat.pdbx_organ                 ? 
_entity_src_nat.pdbx_organelle             ? 
_entity_src_nat.pdbx_cell                  ? 
_entity_src_nat.pdbx_plasmid_name          ? 
_entity_src_nat.pdbx_plasmid_details       ? 
_entity_src_nat.details                    ? 
# 
loop_
_pdbx_entity_src_syn.entity_id 
_pdbx_entity_src_syn.pdbx_src_id 
_pdbx_entity_src_syn.pdbx_alt_source_flag 
_pdbx_entity_src_syn.pdbx_beg_seq_num 
_pdbx_entity_src_syn.pdbx_end_seq_num 
_pdbx_entity_src_syn.organism_scientific 
_pdbx_entity_src_syn.organism_common_name 
_pdbx_entity_src_syn.ncbi_taxonomy_id 
_pdbx_entity_src_syn.details 
1 1 sample 1 7 unidentified ? 32644 ? 
2 1 sample 1 7 unidentified ? 32644 ? 
# 
loop_
_struct_ref.id 
_struct_ref.db_name 
_struct_ref.db_code 
_struct_ref.pdbx_db_accession 
_struct_ref.pdbx_db_isoform 
_struct_ref.entity_id 
_struct_ref.pdbx_seq_one_letter_code 
_struct_ref.pdbx_align_begin 
1 PDB 5YTY 5YTY     ? 1 ? 1 
2 PDB 5YTY 5YTY     ? 2 ? 1 
3 NOR 5YTY NOR01126 ? 3 ? 1 
# 
loop_
_struct_ref_seq.align_id 
_struct_ref_seq.ref_id 
_struct_ref_seq.pdbx_PDB_id_code 
_struct_ref_seq.pdbx_strand_id 
_struct_ref_seq.seq_align_beg 
_struct_ref_seq.pdbx_seq_align_beg_ins_code 
_struct_ref_seq.seq_align_end 
_struct_ref_seq.pdbx_seq_align_end_ins_code 
_struct_ref_seq.pdbx_db_accession 
_struct_ref_seq.db_align_beg 
_struct_ref_seq.pdbx_db_align_beg_ins_code 
_struct_ref_seq.db_align_end 
_struct_ref_seq.pdbx_db_align_end_ins_code 
_struct_ref_seq.pdbx_auth_seq_align_beg 
_struct_ref_seq.pdbx_auth_seq_align_end 
1 1 5YTY A 1 ? 7 ? 5YTY 1 ? 7 ? 1 7 
2 2 5YTY B 1 ? 7 ? 5YTY 1 ? 7 ? 1 7 
3 3 5YTY D 1 ? 8 ? 5YTY 1 ? 8 ? 1 8 
4 3 5YTY F 1 ? 8 ? 5YTY 1 ? 8 ? 1 8 
# 
loop_
_chem_comp.id 
_chem_comp.type 
_chem_comp.mon_nstd_flag 
_chem_comp.name 
_chem_comp.pdbx_synonyms 
_chem_comp.formula 
_chem_comp.formula_weight 
ALA 'L-peptide linking' y ALANINE                              ? 'C3 H7 N O2'      89.093  
DA  'DNA linking'       y "2'-DEOXYADENOSINE-5'-MONOPHOSPHATE" ? 'C10 H14 N5 O6 P' 331.222 
DC  'DNA linking'       y "2'-DEOXYCYTIDINE-5'-MONOPHOSPHATE"  ? 'C9 H14 N3 O7 P'  307.197 
DG  'DNA linking'       y "2'-DEOXYGUANOSINE-5'-MONOPHOSPHATE" ? 'C10 H14 N5 O7 P' 347.221 
DSN 'D-peptide linking' . D-SERINE                             ? 'C3 H7 N O3'      105.093 
DT  'DNA linking'       y "THYMIDINE-5'-MONOPHOSPHATE"         ? 'C10 H15 N2 O8 P' 322.208 
HOH non-polymer         . WATER                                ? 'H2 O'            18.015  
MG  non-polymer         . 'MAGNESIUM ION'                      ? 'Mg 2'            24.305  
MN  non-polymer         . 'MANGANESE (II) ION'                 ? 'Mn 2'            54.938  
MVA 'L-peptide linking' n N-METHYLVALINE                       ? 'C6 H13 N O2'     131.173 
N2C 'L-peptide linking' . N,S-DIMETHYLCYSTEINE                 ? 'C5 H11 N O2 S'   149.211 
NCY 'L-peptide linking' . N-METHYLCYSTEINE                     ? 'C4 H9 N O2 S'    135.185 
QUI non-polymer         . 2-CARBOXYQUINOXALINE                 ? 'C9 H6 N2 O2'     174.156 
# 
_exptl.absorpt_coefficient_mu     ? 
_exptl.absorpt_correction_T_max   ? 
_exptl.absorpt_correction_T_min   ? 
_exptl.absorpt_correction_type    ? 
_exptl.absorpt_process_details    ? 
_exptl.entry_id                   5YTY 
_exptl.crystals_number            1 
_exptl.details                    ? 
_exptl.method                     'X-RAY DIFFRACTION' 
_exptl.method_details             ? 
# 
_exptl_crystal.colour                      ? 
_exptl_crystal.density_diffrn              ? 
_exptl_crystal.density_Matthews            2.31 
_exptl_crystal.density_method              ? 
_exptl_crystal.density_percent_sol         46.73 
_exptl_crystal.description                 ? 
_exptl_crystal.F_000                       ? 
_exptl_crystal.id                          1 
_exptl_crystal.preparation                 ? 
_exptl_crystal.size_max                    ? 
_exptl_crystal.size_mid                    ? 
_exptl_crystal.size_min                    ? 
_exptl_crystal.size_rad                    ? 
_exptl_crystal.colour_lustre               ? 
_exptl_crystal.colour_modifier             ? 
_exptl_crystal.colour_primary              ? 
_exptl_crystal.density_meas                ? 
_exptl_crystal.density_meas_esd            ? 
_exptl_crystal.density_meas_gt             ? 
_exptl_crystal.density_meas_lt             ? 
_exptl_crystal.density_meas_temp           ? 
_exptl_crystal.density_meas_temp_esd       ? 
_exptl_crystal.density_meas_temp_gt        ? 
_exptl_crystal.density_meas_temp_lt        ? 
_exptl_crystal.pdbx_crystal_image_url      ? 
_exptl_crystal.pdbx_crystal_image_format   ? 
_exptl_crystal.pdbx_mosaicity              ? 
_exptl_crystal.pdbx_mosaicity_esd          ? 
# 
_exptl_crystal_grow.apparatus       ? 
_exptl_crystal_grow.atmosphere      ? 
_exptl_crystal_grow.crystal_id      1 
_exptl_crystal_grow.details         ? 
_exptl_crystal_grow.method          'VAPOR DIFFUSION, SITTING DROP' 
_exptl_crystal_grow.method_ref      ? 
_exptl_crystal_grow.pH              ? 
_exptl_crystal_grow.pressure        ? 
_exptl_crystal_grow.pressure_esd    ? 
_exptl_crystal_grow.seeding         ? 
_exptl_crystal_grow.seeding_ref     ? 
_exptl_crystal_grow.temp            293 
_exptl_crystal_grow.temp_details    ? 
_exptl_crystal_grow.temp_esd        ? 
_exptl_crystal_grow.time            ? 
_exptl_crystal_grow.pdbx_details    
;20mM MES (pH 6.0), 10mM MgCl2, 2mM spermine 4HCl, 2% 2-methyl-2,4-pentanediol (MPD), 10mM MnSO4 and 10mM KBr by equilibrating against 500ul of 30% MPD reservoir solution.
;
_exptl_crystal_grow.pdbx_pH_range   ? 
# 
_diffrn.ambient_environment    ? 
_diffrn.ambient_temp           100 
_diffrn.ambient_temp_details   ? 
_diffrn.ambient_temp_esd       ? 
_diffrn.crystal_id             1 
_diffrn.crystal_support        ? 
_diffrn.crystal_treatment      ? 
_diffrn.details                ? 
_diffrn.id                     1 
_diffrn.ambient_pressure       ? 
_diffrn.ambient_pressure_esd   ? 
_diffrn.ambient_pressure_gt    ? 
_diffrn.ambient_pressure_lt    ? 
_diffrn.ambient_temp_gt        ? 
_diffrn.ambient_temp_lt        ? 
# 
_diffrn_detector.details                      ? 
_diffrn_detector.detector                     CCD 
_diffrn_detector.diffrn_id                    1 
_diffrn_detector.type                         'RAYONIX MX300HE' 
_diffrn_detector.area_resol_mean              ? 
_diffrn_detector.dtime                        ? 
_diffrn_detector.pdbx_frames_total            ? 
_diffrn_detector.pdbx_collection_time_total   ? 
_diffrn_detector.pdbx_collection_date         2016-12-19 
# 
_diffrn_radiation.collimation                      ? 
_diffrn_radiation.diffrn_id                        1 
_diffrn_radiation.filter_edge                      ? 
_diffrn_radiation.inhomogeneity                    ? 
_diffrn_radiation.monochromator                    ? 
_diffrn_radiation.polarisn_norm                    ? 
_diffrn_radiation.polarisn_ratio                   ? 
_diffrn_radiation.probe                            ? 
_diffrn_radiation.type                             ? 
_diffrn_radiation.xray_symbol                      ? 
_diffrn_radiation.wavelength_id                    1 
_diffrn_radiation.pdbx_monochromatic_or_laue_m_l   M 
_diffrn_radiation.pdbx_wavelength_list             ? 
_diffrn_radiation.pdbx_wavelength                  ? 
_diffrn_radiation.pdbx_diffrn_protocol             'SINGLE WAVELENGTH' 
_diffrn_radiation.pdbx_analyzer                    ? 
_diffrn_radiation.pdbx_scattering_type             x-ray 
# 
_diffrn_radiation_wavelength.id           1 
_diffrn_radiation_wavelength.wavelength   1.00000 
_diffrn_radiation_wavelength.wt           1.0 
# 
_diffrn_source.current                     ? 
_diffrn_source.details                     ? 
_diffrn_source.diffrn_id                   1 
_diffrn_source.power                       ? 
_diffrn_source.size                        ? 
_diffrn_source.source                      SYNCHROTRON 
_diffrn_source.target                      ? 
_diffrn_source.type                        'NSRRC BEAMLINE BL15A1' 
_diffrn_source.voltage                     ? 
_diffrn_source.take-off_angle              ? 
_diffrn_source.pdbx_wavelength_list        1.00000 
_diffrn_source.pdbx_wavelength             ? 
_diffrn_source.pdbx_synchrotron_beamline   BL15A1 
_diffrn_source.pdbx_synchrotron_site       NSRRC 
# 
_reflns.pdbx_diffrn_id               1 
_reflns.pdbx_ordinal                 1 
_reflns.entry_id                     5YTY 
_reflns.observed_criterion_sigma_I   ? 
_reflns.observed_criterion_sigma_F   ? 
_reflns.d_resolution_low             30.000 
_reflns.d_resolution_high            1.580 
_reflns.number_obs                   12609 
_reflns.number_all                   ? 
_reflns.percent_possible_obs         99.5 
_reflns.pdbx_Rmerge_I_obs            0.037 
_reflns.pdbx_Rsym_value              0.037 
_reflns.pdbx_netI_over_sigmaI        17.4000 
_reflns.B_iso_Wilson_estimate        10.94 
_reflns.pdbx_redundancy              6.000 
_reflns.pdbx_CC_half                 ? 
_reflns.pdbx_Rpim_I_all              ? 
_reflns.pdbx_Rrim_I_all              ? 
# 
_reflns_shell.pdbx_diffrn_id         1 
_reflns_shell.pdbx_ordinal           1 
_reflns_shell.d_res_high             1.58 
_reflns_shell.d_res_low              1.64 
_reflns_shell.percent_possible_all   100.0 
_reflns_shell.Rmerge_I_obs           0.141 
_reflns_shell.pdbx_Rsym_value        0.141 
_reflns_shell.meanI_over_sigI_obs    ? 
_reflns_shell.pdbx_redundancy        5.80 
_reflns_shell.number_measured_obs    ? 
_reflns_shell.number_unique_all      ? 
_reflns_shell.number_unique_obs      816 
_reflns_shell.pdbx_CC_half           ? 
_reflns_shell.pdbx_Rpim_I_all        ? 
_reflns_shell.pdbx_Rrim_I_all        ? 
# 
_refine.pdbx_refine_id                           'X-RAY DIFFRACTION' 
_refine.entry_id                                 5YTY 
_refine.pdbx_diffrn_id                           1 
_refine.pdbx_TLS_residual_ADP_flag               ? 
_refine.ls_number_reflns_obs                     12609 
_refine.ls_number_reflns_all                     ? 
_refine.pdbx_ls_sigma_I                          ? 
_refine.pdbx_ls_sigma_F                          1.389 
_refine.pdbx_data_cutoff_high_absF               ? 
_refine.pdbx_data_cutoff_low_absF                ? 
_refine.pdbx_data_cutoff_high_rms_absF           ? 
_refine.ls_d_res_low                             20.60 
_refine.ls_d_res_high                            1.58 
_refine.ls_percent_reflns_obs                    79.8 
_refine.ls_R_factor_obs                          0.226 
_refine.ls_R_factor_all                          ? 
_refine.ls_R_factor_R_work                       0.222 
_refine.ls_R_factor_R_free                       0.263 
_refine.ls_R_factor_R_free_error                 ? 
_refine.ls_R_factor_R_free_error_details         ? 
_refine.ls_percent_reflns_R_free                 9.882 
_refine.ls_number_reflns_R_free                  1246 
_refine.ls_number_parameters                     ? 
_refine.ls_number_restraints                     ? 
_refine.occupancy_min                            ? 
_refine.occupancy_max                            ? 
_refine.correlation_coeff_Fo_to_Fc               ? 
_refine.correlation_coeff_Fo_to_Fc_free          ? 
_refine.B_iso_mean                               23.51 
_refine.aniso_B[1][1]                            ? 
_refine.aniso_B[2][2]                            ? 
_refine.aniso_B[3][3]                            ? 
_refine.aniso_B[1][2]                            ? 
_refine.aniso_B[1][3]                            ? 
_refine.aniso_B[2][3]                            ? 
_refine.solvent_model_details                    ? 
_refine.solvent_model_param_ksol                 ? 
_refine.solvent_model_param_bsol                 ? 
_refine.pdbx_solvent_vdw_probe_radii             1.11 
_refine.pdbx_solvent_ion_probe_radii             ? 
_refine.pdbx_solvent_shrinkage_radii             0.90 
_refine.pdbx_ls_cross_valid_method               'FREE R-VALUE' 
_refine.details                                  ? 
_refine.pdbx_starting_model                      5YTZ 
_refine.pdbx_method_to_determine_struct          'MOLECULAR REPLACEMENT' 
_refine.pdbx_isotropic_thermal_model             ? 
_refine.pdbx_stereochemistry_target_values       ? 
_refine.pdbx_stereochem_target_val_spec_case     ? 
_refine.pdbx_R_Free_selection_details            ? 
_refine.pdbx_overall_ESU_R                       ? 
_refine.pdbx_overall_ESU_R_Free                  ? 
_refine.overall_SU_ML                            0.207 
_refine.pdbx_overall_phase_error                 29.675 
_refine.overall_SU_B                             ? 
_refine.overall_SU_R_Cruickshank_DPI             ? 
_refine.pdbx_overall_SU_R_free_Cruickshank_DPI   ? 
_refine.pdbx_overall_SU_R_Blow_DPI               ? 
_refine.pdbx_overall_SU_R_free_Blow_DPI          ? 
# 
_refine_hist.pdbx_refine_id                   'X-RAY DIFFRACTION' 
_refine_hist.cycle_id                         LAST 
_refine_hist.pdbx_number_atoms_protein        106 
_refine_hist.pdbx_number_atoms_nucleic_acid   287 
_refine_hist.pdbx_number_atoms_ligand         51 
_refine_hist.number_atoms_solvent             65 
_refine_hist.number_atoms_total               509 
_refine_hist.d_res_high                       1.58 
_refine_hist.d_res_low                        20.60 
# 
loop_
_refine_ls_restr.type 
_refine_ls_restr.dev_ideal 
_refine_ls_restr.dev_ideal_target 
_refine_ls_restr.weight 
_refine_ls_restr.number 
_refine_ls_restr.pdbx_refine_id 
_refine_ls_restr.pdbx_restraint_function 
f_bond_d           0.010  ? ? 484 'X-RAY DIFFRACTION' ? 
f_angle_d          1.475  ? ? 687 'X-RAY DIFFRACTION' ? 
f_dihedral_angle_d 28.635 ? ? 150 'X-RAY DIFFRACTION' ? 
f_chiral_restr     0.104  ? ? 76  'X-RAY DIFFRACTION' ? 
f_plane_restr      0.014  ? ? 30  'X-RAY DIFFRACTION' ? 
# 
loop_
_refine_ls_shell.pdbx_refine_id 
_refine_ls_shell.pdbx_total_number_of_bins_used 
_refine_ls_shell.d_res_high 
_refine_ls_shell.d_res_low 
_refine_ls_shell.number_reflns_R_work 
_refine_ls_shell.R_factor_R_work 
_refine_ls_shell.percent_reflns_obs 
_refine_ls_shell.R_factor_R_free 
_refine_ls_shell.R_factor_R_free_error 
_refine_ls_shell.percent_reflns_R_free 
_refine_ls_shell.number_reflns_R_free 
_refine_ls_shell.number_reflns_all 
_refine_ls_shell.R_factor_all 
_refine_ls_shell.R_factor_obs 
_refine_ls_shell.number_reflns_obs 
'X-RAY DIFFRACTION' . 1.5815 1.6448  632  0.1994 40.00 0.2311 . . 81  . . . . 
'X-RAY DIFFRACTION' . 1.6448 1.7197  855  0.2375 53.00 0.2216 . . 93  . . . . 
'X-RAY DIFFRACTION' . 1.7197 1.8103  1082 0.2974 69.00 0.3127 . . 108 . . . . 
'X-RAY DIFFRACTION' . 1.8103 1.9236  1235 0.2856 78.00 0.3488 . . 136 . . . . 
'X-RAY DIFFRACTION' . 1.9236 2.0720  1438 0.2553 91.00 0.3690 . . 151 . . . . 
'X-RAY DIFFRACTION' . 2.0720 2.2803  1535 0.2665 97.00 0.3258 . . 173 . . . . 
'X-RAY DIFFRACTION' . 2.2803 2.6097  1534 0.2155 98.00 0.2739 . . 171 . . . . 
'X-RAY DIFFRACTION' . 2.6097 3.2858  1545 0.2145 97.00 0.3178 . . 162 . . . . 
'X-RAY DIFFRACTION' . 3.2858 20.6036 1507 0.1750 95.00 0.1729 . . 171 . . . . 
# 
_struct.entry_id                     5YTY 
_struct.title                        'Crystal structure of echinomycin-d(ACGACGT/ACGTCGT) complex' 
_struct.pdbx_model_details           ? 
_struct.pdbx_formula_weight          ? 
_struct.pdbx_formula_weight_method   ? 
_struct.pdbx_model_type_details      ? 
_struct.pdbx_CASP_flag               N 
# 
_struct_keywords.entry_id        5YTY 
_struct_keywords.text            'DNA intercalator, Echinomycin-DNA complex, Watson-Crick, heptamer duplex, ANTIBIOTIC-DNA complex' 
_struct_keywords.pdbx_keywords   ANTIBIOTIC/DNA 
# 
loop_
_struct_asym.id 
_struct_asym.pdbx_blank_PDB_chainid_flag 
_struct_asym.pdbx_modified 
_struct_asym.entity_id 
_struct_asym.details 
A N N 1 ? 
B N N 2 ? 
C N N 3 ? 
D N N 3 ? 
E N N 4 ? 
F N N 5 ? 
G N N 4 ? 
H N N 6 ? 
I N N 6 ? 
J N N 6 ? 
K N N 6 ? 
L N N 7 ? 
M N N 7 ? 
N N N 7 ? 
O N N 7 ? 
# 
loop_
_struct_conn.id 
_struct_conn.conn_type_id 
_struct_conn.pdbx_leaving_atom_flag 
_struct_conn.pdbx_PDB_id 
_struct_conn.ptnr1_label_asym_id 
_struct_conn.ptnr1_label_comp_id 
_struct_conn.ptnr1_label_seq_id 
_struct_conn.ptnr1_label_atom_id 
_struct_conn.pdbx_ptnr1_label_alt_id 
_struct_conn.pdbx_ptnr1_PDB_ins_code 
_struct_conn.pdbx_ptnr1_standard_comp_id 
_struct_conn.ptnr1_symmetry 
_struct_conn.ptnr2_label_asym_id 
_struct_conn.ptnr2_label_comp_id 
_struct_conn.ptnr2_label_seq_id 
_struct_conn.ptnr2_label_atom_id 
_struct_conn.pdbx_ptnr2_label_alt_id 
_struct_conn.pdbx_ptnr2_PDB_ins_code 
_struct_conn.ptnr1_auth_asym_id 
_struct_conn.ptnr1_auth_comp_id 
_struct_conn.ptnr1_auth_seq_id 
_struct_conn.ptnr2_auth_asym_id 
_struct_conn.ptnr2_auth_comp_id 
_struct_conn.ptnr2_auth_seq_id 
_struct_conn.ptnr2_symmetry 
_struct_conn.pdbx_ptnr3_label_atom_id 
_struct_conn.pdbx_ptnr3_label_seq_id 
_struct_conn.pdbx_ptnr3_label_comp_id 
_struct_conn.pdbx_ptnr3_label_asym_id 
_struct_conn.pdbx_ptnr3_label_alt_id 
_struct_conn.pdbx_ptnr3_PDB_ins_code 
_struct_conn.details 
_struct_conn.pdbx_dist_value 
_struct_conn.pdbx_value_order 
_struct_conn.pdbx_role 
disulf1  disulf ?    ? C N2C 3 SG ? ? ? 1_555 C NCY 7 SG ? ? D N2C 3   D NCY 7   1_555 ? ? ? ? ? ? ?            2.899 ? ? 
disulf2  disulf ?    ? D N2C 3 SG ? ? ? 1_555 D NCY 7 SG ? ? F N2C 3   F NCY 7   1_555 ? ? ? ? ? ? ?            2.906 ? ? 
covale1  covale both ? C DSN 1 C  ? ? ? 1_555 C ALA 2 N  ? ? D DSN 1   D ALA 2   1_555 ? ? ? ? ? ? ?            1.331 ? ? 
covale2  covale one  ? C DSN 1 OG ? ? ? 1_555 C MVA 8 C  ? ? D DSN 1   D MVA 8   1_555 ? ? ? ? ? ? ?            1.374 ? ? 
covale3  covale both ? C DSN 1 N  ? ? ? 1_555 H QUI . C  ? ? D DSN 1   D QUI 101 1_555 ? ? ? ? ? ? ?            1.356 ? ? 
covale4  covale both ? C ALA 2 C  ? ? ? 1_555 C N2C 3 N  ? ? D ALA 2   D N2C 3   1_555 ? ? ? ? ? ? ?            1.365 ? ? 
covale5  covale both ? C N2C 3 C  ? ? ? 1_555 C MVA 4 N  ? ? D N2C 3   D MVA 4   1_555 ? ? ? ? ? ? ?            1.327 ? ? 
covale6  covale both ? C N2C 3 CB ? ? ? 1_555 C NCY 7 SG ? ? D N2C 3   D NCY 7   1_555 ? ? ? ? ? ? ?            1.829 ? ? 
covale7  covale one  ? C MVA 4 C  ? ? ? 1_555 C DSN 5 OG ? ? D MVA 4   D DSN 5   1_555 ? ? ? ? ? ? ?            1.374 ? ? 
covale8  covale both ? C DSN 5 C  ? ? ? 1_555 C ALA 6 N  ? ? D DSN 5   D ALA 6   1_555 ? ? ? ? ? ? ?            1.331 ? ? 
covale9  covale both ? C DSN 5 N  ? ? ? 1_555 I QUI . C  ? ? D DSN 5   D QUI 102 1_555 ? ? ? ? ? ? ?            1.329 ? ? 
covale10 covale both ? C ALA 6 C  ? ? ? 1_555 C NCY 7 N  ? ? D ALA 6   D NCY 7   1_555 ? ? ? ? ? ? ?            1.341 ? ? 
covale11 covale both ? C NCY 7 C  ? ? ? 1_555 C MVA 8 N  ? ? D NCY 7   D MVA 8   1_555 ? ? ? ? ? ? ?            1.333 ? ? 
covale12 covale both ? D DSN 1 C  ? ? ? 1_555 D ALA 2 N  ? ? F DSN 1   F ALA 2   1_555 ? ? ? ? ? ? ?            1.332 ? ? 
covale13 covale one  ? D DSN 1 OG ? ? ? 1_555 D MVA 8 C  ? ? F DSN 1   F MVA 8   1_555 ? ? ? ? ? ? ?            1.371 ? ? 
covale14 covale both ? D DSN 1 N  ? ? ? 1_555 J QUI . C  ? ? F DSN 1   F QUI 101 1_555 ? ? ? ? ? ? ?            1.334 ? ? 
covale15 covale both ? D ALA 2 C  ? ? ? 1_555 D N2C 3 N  ? ? F ALA 2   F N2C 3   1_555 ? ? ? ? ? ? ?            1.366 ? ? 
covale16 covale both ? D N2C 3 C  ? ? ? 1_555 D MVA 4 N  ? ? F N2C 3   F MVA 4   1_555 ? ? ? ? ? ? ?            1.332 ? ? 
covale17 covale both ? D N2C 3 CB ? ? ? 1_555 D NCY 7 SG ? ? F N2C 3   F NCY 7   1_555 ? ? ? ? ? ? ?            1.859 ? ? 
covale18 covale one  ? D MVA 4 C  ? ? ? 1_555 D DSN 5 OG ? ? F MVA 4   F DSN 5   1_555 ? ? ? ? ? ? ?            1.374 ? ? 
covale19 covale both ? D DSN 5 C  ? ? ? 1_555 D ALA 6 N  ? ? F DSN 5   F ALA 6   1_555 ? ? ? ? ? ? ?            1.332 ? ? 
covale20 covale both ? D DSN 5 N  ? ? ? 1_555 K QUI . C  ? ? F DSN 5   F QUI 102 1_555 ? ? ? ? ? ? ?            1.349 ? ? 
covale21 covale both ? D ALA 6 C  ? ? ? 1_555 D NCY 7 N  ? ? F ALA 6   F NCY 7   1_555 ? ? ? ? ? ? ?            1.344 ? ? 
covale22 covale both ? D NCY 7 C  ? ? ? 1_555 D MVA 8 N  ? ? F NCY 7   F MVA 8   1_555 ? ? ? ? ? ? ?            1.329 ? ? 
metalc1  metalc ?    ? A DG  3 N7 ? ? ? 1_555 F MN  . MN ? ? A DG  3   B MN  101 6_555 ? ? ? ? ? ? ?            2.163 ? ? 
metalc2  metalc ?    ? E MG  . MG ? ? ? 1_555 L HOH . O  ? ? A MG  101 A HOH 209 1_555 ? ? ? ? ? ? ?            2.762 ? ? 
metalc3  metalc ?    ? L HOH . O  ? ? ? 6_555 F MN  . MN ? ? A HOH 212 B MN  101 1_555 ? ? ? ? ? ? ?            2.109 ? ? 
metalc4  metalc ?    ? L HOH . O  ? ? ? 6_555 F MN  . MN ? ? A HOH 217 B MN  101 1_555 ? ? ? ? ? ? ?            2.276 ? ? 
metalc5  metalc ?    ? L HOH . O  ? ? ? 6_555 F MN  . MN ? ? A HOH 219 B MN  101 1_555 ? ? ? ? ? ? ?            2.204 ? ? 
metalc6  metalc ?    ? B DG  3 N7 ? ? ? 1_555 F MN  . MN ? ? B DG  3   B MN  101 1_555 ? ? ? ? ? ? ?            2.200 ? ? 
metalc7  metalc ?    ? F MN  . MN ? ? ? 1_555 M HOH . O  ? ? B MN  101 B HOH 211 1_555 ? ? ? ? ? ? ?            2.099 ? ? 
metalc8  metalc ?    ? G MG  . MG ? ? ? 1_555 M HOH . O  ? ? B MG  102 B HOH 207 1_555 ? ? ? ? ? ? ?            2.237 ? ? 
metalc9  metalc ?    ? G MG  . MG ? ? ? 1_555 M HOH . O  ? ? B MG  102 B HOH 215 1_555 ? ? ? ? ? ? ?            2.748 ? ? 
hydrog1  hydrog ?    ? A DA  1 N1 ? ? ? 1_555 B DT  7 N3 ? ? A DA  1   B DT  7   1_555 ? ? ? ? ? ? WATSON-CRICK ?     ? ? 
hydrog2  hydrog ?    ? A DA  1 N6 ? ? ? 1_555 B DT  7 O4 ? ? A DA  1   B DT  7   1_555 ? ? ? ? ? ? WATSON-CRICK ?     ? ? 
hydrog3  hydrog ?    ? A DC  2 N3 ? ? ? 1_555 B DG  6 N1 ? ? A DC  2   B DG  6   1_555 ? ? ? ? ? ? WATSON-CRICK ?     ? ? 
hydrog4  hydrog ?    ? A DC  2 N4 ? ? ? 1_555 B DG  6 O6 ? ? A DC  2   B DG  6   1_555 ? ? ? ? ? ? WATSON-CRICK ?     ? ? 
hydrog5  hydrog ?    ? A DC  2 O2 ? ? ? 1_555 B DG  6 N2 ? ? A DC  2   B DG  6   1_555 ? ? ? ? ? ? WATSON-CRICK ?     ? ? 
hydrog6  hydrog ?    ? A DG  3 N1 ? ? ? 1_555 B DC  5 N3 ? ? A DG  3   B DC  5   1_555 ? ? ? ? ? ? WATSON-CRICK ?     ? ? 
hydrog7  hydrog ?    ? A DG  3 N2 ? ? ? 1_555 B DC  5 O2 ? ? A DG  3   B DC  5   1_555 ? ? ? ? ? ? WATSON-CRICK ?     ? ? 
hydrog8  hydrog ?    ? A DG  3 O6 ? ? ? 1_555 B DC  5 N4 ? ? A DG  3   B DC  5   1_555 ? ? ? ? ? ? WATSON-CRICK ?     ? ? 
hydrog9  hydrog ?    ? A DA  4 N1 ? ? ? 1_555 B DT  4 N3 ? ? A DA  4   B DT  4   1_555 ? ? ? ? ? ? WATSON-CRICK ?     ? ? 
hydrog10 hydrog ?    ? A DA  4 N6 ? ? ? 1_555 B DT  4 O4 ? ? A DA  4   B DT  4   1_555 ? ? ? ? ? ? WATSON-CRICK ?     ? ? 
hydrog11 hydrog ?    ? A DC  5 N3 ? ? ? 1_555 B DG  3 N1 ? ? A DC  5   B DG  3   1_555 ? ? ? ? ? ? WATSON-CRICK ?     ? ? 
hydrog12 hydrog ?    ? A DC  5 N4 ? ? ? 1_555 B DG  3 O6 ? ? A DC  5   B DG  3   1_555 ? ? ? ? ? ? WATSON-CRICK ?     ? ? 
hydrog13 hydrog ?    ? A DC  5 O2 ? ? ? 1_555 B DG  3 N2 ? ? A DC  5   B DG  3   1_555 ? ? ? ? ? ? WATSON-CRICK ?     ? ? 
hydrog14 hydrog ?    ? A DG  6 N1 ? ? ? 1_555 B DC  2 N3 ? ? A DG  6   B DC  2   1_555 ? ? ? ? ? ? WATSON-CRICK ?     ? ? 
hydrog15 hydrog ?    ? A DG  6 N2 ? ? ? 1_555 B DC  2 O2 ? ? A DG  6   B DC  2   1_555 ? ? ? ? ? ? WATSON-CRICK ?     ? ? 
hydrog16 hydrog ?    ? A DG  6 O6 ? ? ? 1_555 B DC  2 N4 ? ? A DG  6   B DC  2   1_555 ? ? ? ? ? ? WATSON-CRICK ?     ? ? 
hydrog17 hydrog ?    ? A DT  7 N3 ? ? ? 1_555 B DA  1 N1 ? ? A DT  7   B DA  1   1_555 ? ? ? ? ? ? WATSON-CRICK ?     ? ? 
hydrog18 hydrog ?    ? A DT  7 O4 ? ? ? 1_555 B DA  1 N6 ? ? A DT  7   B DA  1   1_555 ? ? ? ? ? ? WATSON-CRICK ?     ? ? 
# 
loop_
_struct_conn_type.id 
_struct_conn_type.criteria 
_struct_conn_type.reference 
disulf ? ? 
covale ? ? 
metalc ? ? 
hydrog ? ? 
# 
loop_
_struct_site.id 
_struct_site.pdbx_evidence_code 
_struct_site.pdbx_auth_asym_id 
_struct_site.pdbx_auth_comp_id 
_struct_site.pdbx_auth_seq_id 
_struct_site.pdbx_auth_ins_code 
_struct_site.pdbx_num_residues 
_struct_site.details 
AC1 Software A MG  101 ? 2  'binding site for residue MG A 101'                 
AC2 Software B MN  101 ? 6  'binding site for residue MN B 101'                 
AC3 Software B MG  102 ? 3  'binding site for residue MG B 102'                 
AC4 Software D QUI 101 ? 8  'binding site for residue QUI D 101'                
AC5 Software D QUI 102 ? 8  'binding site for residue QUI D 102'                
AC6 Software D N2C 3   ? 6  'binding site for residues N2C D 3 and NCY D 7'     
AC7 Software D N2C 3   ? 11 'binding site for residues N2C D 3 and MVA D 4'     
AC8 Software D NCY 7   ? 8  'binding site for residues NCY D 7 and MVA D 8'     
AC9 Software F DSN 1   ? 11 'binding site for Di-peptide DSN F 1 and MVA F 8'   
AD1 Software F DSN 1   ? 8  'binding site for Di-peptide DSN F 1 and ALA F 2'   
AD2 Software F ALA 2   ? 8  'binding site for Di-peptide ALA F 2 and N2C F 3'   
AD3 Software F N2C 3   ? 6  'binding site for residues N2C F 3 and NCY F 7'     
AD4 Software F N2C 3   ? 7  'binding site for residues N2C F 3 and MVA F 4'     
AD5 Software F MVA 4   ? 7  'binding site for Di-peptide MVA F 4 and DSN F 5'   
AD6 Software F DSN 5   ? 8  'binding site for Di-peptide DSN F 5 and ALA F 6'   
AD7 Software F ALA 6   ? 8  'binding site for Di-peptide ALA F 6 and NCY F 7'   
AD8 Software F NCY 7   ? 10 'binding site for residues NCY F 7 and MVA F 8'     
AD9 Software F QUI 101 ? 8  'binding site for Di-peptide QUI F 101 and DSN F 1' 
AE1 Software F QUI 102 ? 8  'binding site for Di-peptide QUI F 102 and DSN F 5' 
# 
loop_
_struct_site_gen.id 
_struct_site_gen.site_id 
_struct_site_gen.pdbx_num_res 
_struct_site_gen.label_comp_id 
_struct_site_gen.label_asym_id 
_struct_site_gen.label_seq_id 
_struct_site_gen.pdbx_auth_ins_code 
_struct_site_gen.auth_comp_id 
_struct_site_gen.auth_asym_id 
_struct_site_gen.auth_seq_id 
_struct_site_gen.label_atom_id 
_struct_site_gen.label_alt_id 
_struct_site_gen.symmetry 
_struct_site_gen.details 
1   AC1 2  DG  A 6 ? DG  A 6   . ? 1_555 ? 
2   AC1 2  HOH L . ? HOH A 209 . ? 1_555 ? 
3   AC2 6  DG  A 3 ? DG  A 3   . ? 6_555 ? 
4   AC2 6  HOH L . ? HOH A 212 . ? 6_555 ? 
5   AC2 6  HOH L . ? HOH A 217 . ? 6_555 ? 
6   AC2 6  HOH L . ? HOH A 219 . ? 6_555 ? 
7   AC2 6  DG  B 3 ? DG  B 3   . ? 1_555 ? 
8   AC2 6  HOH M . ? HOH B 211 . ? 1_555 ? 
9   AC3 3  DG  B 6 ? DG  B 6   . ? 1_555 ? 
10  AC3 3  HOH M . ? HOH B 207 . ? 1_555 ? 
11  AC3 3  HOH M . ? HOH B 215 . ? 1_555 ? 
12  AC4 8  DA  A 1 ? DA  A 1   . ? 1_555 ? 
13  AC4 8  DC  A 2 ? DC  A 2   . ? 1_555 ? 
14  AC4 8  DG  B 6 ? DG  B 6   . ? 1_555 ? 
15  AC4 8  DT  B 7 ? DT  B 7   . ? 1_555 ? 
16  AC4 8  DSN C 1 ? DSN D 1   . ? 1_555 ? 
17  AC4 8  ALA C 2 ? ALA D 2   . ? 1_555 ? 
18  AC4 8  MVA C 8 ? MVA D 8   . ? 1_555 ? 
19  AC4 8  HOH N . ? HOH D 203 . ? 1_555 ? 
20  AC5 8  DG  A 3 ? DG  A 3   . ? 1_555 ? 
21  AC5 8  DA  A 4 ? DA  A 4   . ? 1_555 ? 
22  AC5 8  DT  B 4 ? DT  B 4   . ? 1_555 ? 
23  AC5 8  DC  B 5 ? DC  B 5   . ? 1_555 ? 
24  AC5 8  MVA C 4 ? MVA D 4   . ? 1_555 ? 
25  AC5 8  DSN C 5 ? DSN D 5   . ? 1_555 ? 
26  AC5 8  ALA C 6 ? ALA D 6   . ? 1_555 ? 
27  AC5 8  HOH N . ? HOH D 202 . ? 1_555 ? 
28  AC6 6  DSN C 1 ? DSN D 1   . ? 1_555 ? 
29  AC6 6  ALA C 2 ? ALA D 2   . ? 1_555 ? 
30  AC6 6  MVA C 4 ? MVA D 4   . ? 1_555 ? 
31  AC6 6  DSN C 5 ? DSN D 5   . ? 1_555 ? 
32  AC6 6  ALA C 6 ? ALA D 6   . ? 1_555 ? 
33  AC6 6  MVA C 8 ? MVA D 8   . ? 1_555 ? 
34  AC7 11 DG  A 3 ? DG  A 3   . ? 1_555 ? 
35  AC7 11 DT  B 4 ? DT  B 4   . ? 1_555 ? 
36  AC7 11 DC  B 5 ? DC  B 5   . ? 1_555 ? 
37  AC7 11 DSN C 1 ? DSN D 1   . ? 1_555 ? 
38  AC7 11 ALA C 2 ? ALA D 2   . ? 1_555 ? 
39  AC7 11 DSN C 5 ? DSN D 5   . ? 1_555 ? 
40  AC7 11 ALA C 6 ? ALA D 6   . ? 1_555 ? 
41  AC7 11 NCY C 7 ? NCY D 7   . ? 1_555 ? 
42  AC7 11 QUI I . ? QUI D 102 . ? 1_555 ? 
43  AC7 11 MVA D 8 ? MVA F 8   . ? 1_555 ? 
44  AC7 11 HOH O . ? HOH F 203 . ? 1_555 ? 
45  AC8 8  DA  A 1 ? DA  A 1   . ? 1_555 ? 
46  AC8 8  DC  A 2 ? DC  A 2   . ? 1_555 ? 
47  AC8 8  DG  B 6 ? DG  B 6   . ? 1_555 ? 
48  AC8 8  DSN C 1 ? DSN D 1   . ? 1_555 ? 
49  AC8 8  ALA C 2 ? ALA D 2   . ? 1_555 ? 
50  AC8 8  N2C C 3 ? N2C D 3   . ? 1_555 ? 
51  AC8 8  ALA C 6 ? ALA D 6   . ? 1_555 ? 
52  AC8 8  QUI H . ? QUI D 101 . ? 1_555 ? 
53  AC9 11 DA  A 4 ? DA  A 4   . ? 1_555 ? 
54  AC9 11 DC  A 5 ? DC  A 5   . ? 1_555 ? 
55  AC9 11 DG  B 3 ? DG  B 3   . ? 1_555 ? 
56  AC9 11 DT  B 4 ? DT  B 4   . ? 1_555 ? 
57  AC9 11 MVA C 4 ? MVA D 4   . ? 1_555 ? 
58  AC9 11 ALA D 2 ? ALA F 2   . ? 1_555 ? 
59  AC9 11 ALA D 6 ? ALA F 6   . ? 1_555 ? 
60  AC9 11 NCY D 7 ? NCY F 7   . ? 1_555 ? 
61  AC9 11 QUI J . ? QUI F 101 . ? 1_555 ? 
62  AC9 11 HOH O . ? HOH F 201 . ? 1_555 ? 
63  AC9 11 HOH O . ? HOH F 203 . ? 1_555 ? 
64  AD1 8  DG  B 3 ? DG  B 3   . ? 1_555 ? 
65  AD1 8  DT  B 4 ? DT  B 4   . ? 1_555 ? 
66  AD1 8  N2C D 3 ? N2C F 3   . ? 1_555 ? 
67  AD1 8  MVA D 4 ? MVA F 4   . ? 1_555 ? 
68  AD1 8  ALA D 6 ? ALA F 6   . ? 1_555 ? 
69  AD1 8  NCY D 7 ? NCY F 7   . ? 1_555 ? 
70  AD1 8  MVA D 8 ? MVA F 8   . ? 1_555 ? 
71  AD1 8  QUI J . ? QUI F 101 . ? 1_555 ? 
72  AD2 8  DG  B 3 ? DG  B 3   . ? 1_555 ? 
73  AD2 8  DSN D 1 ? DSN F 1   . ? 1_555 ? 
74  AD2 8  MVA D 4 ? MVA F 4   . ? 1_555 ? 
75  AD2 8  DSN D 5 ? DSN F 5   . ? 1_555 ? 
76  AD2 8  ALA D 6 ? ALA F 6   . ? 1_555 ? 
77  AD2 8  NCY D 7 ? NCY F 7   . ? 1_555 ? 
78  AD2 8  MVA D 8 ? MVA F 8   . ? 1_555 ? 
79  AD2 8  QUI J . ? QUI F 101 . ? 1_555 ? 
80  AD3 6  DSN D 1 ? DSN F 1   . ? 1_555 ? 
81  AD3 6  ALA D 2 ? ALA F 2   . ? 1_555 ? 
82  AD3 6  MVA D 4 ? MVA F 4   . ? 1_555 ? 
83  AD3 6  DSN D 5 ? DSN F 5   . ? 1_555 ? 
84  AD3 6  ALA D 6 ? ALA F 6   . ? 1_555 ? 
85  AD3 6  MVA D 8 ? MVA F 8   . ? 1_555 ? 
86  AD4 7  DG  A 6 ? DG  A 6   . ? 1_555 ? 
87  AD4 7  DC  B 2 ? DC  B 2   . ? 1_555 ? 
88  AD4 7  ALA D 2 ? ALA F 2   . ? 1_555 ? 
89  AD4 7  DSN D 5 ? DSN F 5   . ? 1_555 ? 
90  AD4 7  ALA D 6 ? ALA F 6   . ? 1_555 ? 
91  AD4 7  NCY D 7 ? NCY F 7   . ? 1_555 ? 
92  AD4 7  QUI K . ? QUI F 102 . ? 1_555 ? 
93  AD5 7  DG  A 6 ? DG  A 6   . ? 1_555 ? 
94  AD5 7  DT  A 7 ? DT  A 7   . ? 1_555 ? 
95  AD5 7  DC  B 2 ? DC  B 2   . ? 1_555 ? 
96  AD5 7  ALA D 2 ? ALA F 2   . ? 1_555 ? 
97  AD5 7  N2C D 3 ? N2C F 3   . ? 1_555 ? 
98  AD5 7  ALA D 6 ? ALA F 6   . ? 1_555 ? 
99  AD5 7  QUI K . ? QUI F 102 . ? 1_555 ? 
100 AD6 8  DG  A 6 ? DG  A 6   . ? 1_555 ? 
101 AD6 8  DT  A 7 ? DT  A 7   . ? 1_555 ? 
102 AD6 8  ALA D 2 ? ALA F 2   . ? 1_555 ? 
103 AD6 8  N2C D 3 ? N2C F 3   . ? 1_555 ? 
104 AD6 8  MVA D 4 ? MVA F 4   . ? 1_555 ? 
105 AD6 8  NCY D 7 ? NCY F 7   . ? 1_555 ? 
106 AD6 8  MVA D 8 ? MVA F 8   . ? 1_555 ? 
107 AD6 8  QUI K . ? QUI F 102 . ? 1_555 ? 
108 AD7 8  DG  A 6 ? DG  A 6   . ? 1_555 ? 
109 AD7 8  DSN D 1 ? DSN F 1   . ? 1_555 ? 
110 AD7 8  ALA D 2 ? ALA F 2   . ? 1_555 ? 
111 AD7 8  N2C D 3 ? N2C F 3   . ? 1_555 ? 
112 AD7 8  MVA D 4 ? MVA F 4   . ? 1_555 ? 
113 AD7 8  DSN D 5 ? DSN F 5   . ? 1_555 ? 
114 AD7 8  MVA D 8 ? MVA F 8   . ? 1_555 ? 
115 AD7 8  QUI K . ? QUI F 102 . ? 1_555 ? 
116 AD8 10 DA  A 4 ? DA  A 4   . ? 1_555 ? 
117 AD8 10 DC  A 5 ? DC  A 5   . ? 1_555 ? 
118 AD8 10 DG  B 3 ? DG  B 3   . ? 1_555 ? 
119 AD8 10 MVA C 4 ? MVA D 4   . ? 1_555 ? 
120 AD8 10 DSN D 1 ? DSN F 1   . ? 1_555 ? 
121 AD8 10 ALA D 2 ? ALA F 2   . ? 1_555 ? 
122 AD8 10 N2C D 3 ? N2C F 3   . ? 1_555 ? 
123 AD8 10 ALA D 6 ? ALA F 6   . ? 1_555 ? 
124 AD8 10 HOH O . ? HOH F 201 . ? 1_555 ? 
125 AD8 10 HOH O . ? HOH F 203 . ? 1_555 ? 
126 AD9 8  DA  A 4 ? DA  A 4   . ? 1_555 ? 
127 AD9 8  DC  A 5 ? DC  A 5   . ? 1_555 ? 
128 AD9 8  DG  B 3 ? DG  B 3   . ? 1_555 ? 
129 AD9 8  DT  B 4 ? DT  B 4   . ? 1_555 ? 
130 AD9 8  ALA D 2 ? ALA F 2   . ? 1_555 ? 
131 AD9 8  NCY D 7 ? NCY F 7   . ? 1_555 ? 
132 AD9 8  MVA D 8 ? MVA F 8   . ? 1_555 ? 
133 AD9 8  HOH O . ? HOH F 202 . ? 1_555 ? 
134 AE1 8  DG  A 6 ? DG  A 6   . ? 1_555 ? 
135 AE1 8  DT  A 7 ? DT  A 7   . ? 1_555 ? 
136 AE1 8  DA  B 1 ? DA  B 1   . ? 1_555 ? 
137 AE1 8  DC  B 2 ? DC  B 2   . ? 1_555 ? 
138 AE1 8  N2C D 3 ? N2C F 3   . ? 1_555 ? 
139 AE1 8  MVA D 4 ? MVA F 4   . ? 1_555 ? 
140 AE1 8  ALA D 6 ? ALA F 6   . ? 1_555 ? 
141 AE1 8  HOH O . ? HOH F 204 . ? 1_555 ? 
# 
_atom_sites.entry_id                    5YTY 
_atom_sites.fract_transf_matrix[1][1]   -0.01951177 
_atom_sites.fract_transf_matrix[1][2]   -0.01272323 
_atom_sites.fract_transf_matrix[1][3]   0.00881529 
_atom_sites.fract_transf_matrix[2][1]   0.00168132 
_atom_sites.fract_transf_matrix[2][2]   -0.01180585 
_atom_sites.fract_transf_matrix[2][3]   0.02186559 
_atom_sites.fract_transf_matrix[3][1]   -0.00675223 
_atom_sites.fract_transf_matrix[3][2]   0.01711848 
_atom_sites.fract_transf_matrix[3][3]   0.00976195 
_atom_sites.fract_transf_vector[1]      0.333572 
_atom_sites.fract_transf_vector[2]      0.398653 
_atom_sites.fract_transf_vector[3]      -0.000126 
# 
loop_
_atom_type.symbol 
C  
MG 
MN 
N  
O  
P  
S  
# 
loop_
_atom_site.group_PDB 
_atom_site.id 
_atom_site.type_symbol 
_atom_site.label_atom_id 
_atom_site.label_alt_id 
_atom_site.label_comp_id 
_atom_site.label_asym_id 
_atom_site.label_entity_id 
_atom_site.label_seq_id 
_atom_site.pdbx_PDB_ins_code 
_atom_site.Cartn_x 
_atom_site.Cartn_y 
_atom_site.Cartn_z 
_atom_site.occupancy 
_atom_site.B_iso_or_equiv 
_atom_site.pdbx_formal_charge 
_atom_site.auth_seq_id 
_atom_site.auth_comp_id 
_atom_site.auth_asym_id 
_atom_site.auth_atom_id 
_atom_site.pdbx_PDB_model_num 
ATOM   1   P  P     . DA  A 1 1 ? 4.447   -11.104 -18.293 1.00 76.47 ? 1   DA  A P     1 
ATOM   2   O  OP1   . DA  A 1 1 ? 5.312   -9.924  -18.538 1.00 76.86 ? 1   DA  A OP1   1 
ATOM   3   O  OP2   . DA  A 1 1 ? 4.963   -12.469 -18.571 1.00 75.65 ? 1   DA  A OP2   1 
ATOM   4   O  "O5'" . DA  A 1 1 ? 3.888   -11.053 -16.786 1.00 52.06 ? 1   DA  A "O5'" 1 
ATOM   5   C  "C5'" . DA  A 1 1 ? 3.580   -12.261 -16.105 1.00 38.13 ? 1   DA  A "C5'" 1 
ATOM   6   C  "C4'" . DA  A 1 1 ? 3.951   -12.168 -14.639 1.00 30.41 ? 1   DA  A "C4'" 1 
ATOM   7   O  "O4'" . DA  A 1 1 ? 5.195   -11.432 -14.497 1.00 27.50 ? 1   DA  A "O4'" 1 
ATOM   8   C  "C3'" . DA  A 1 1 ? 2.944   -11.431 -13.774 1.00 28.28 ? 1   DA  A "C3'" 1 
ATOM   9   O  "O3'" . DA  A 1 1 ? 2.964   -11.964 -12.473 1.00 30.75 ? 1   DA  A "O3'" 1 
ATOM   10  C  "C2'" . DA  A 1 1 ? 3.472   -10.005 -13.793 1.00 24.65 ? 1   DA  A "C2'" 1 
ATOM   11  C  "C1'" . DA  A 1 1 ? 4.972   -10.262 -13.737 1.00 18.79 ? 1   DA  A "C1'" 1 
ATOM   12  N  N9    . DA  A 1 1 ? 5.764   -9.191  -14.304 1.00 21.46 ? 1   DA  A N9    1 
ATOM   13  C  C8    . DA  A 1 1 ? 5.627   -8.615  -15.538 1.00 21.01 ? 1   DA  A C8    1 
ATOM   14  N  N7    . DA  A 1 1 ? 6.506   -7.667  -15.776 1.00 23.47 ? 1   DA  A N7    1 
ATOM   15  C  C5    . DA  A 1 1 ? 7.270   -7.634  -14.621 1.00 24.01 ? 1   DA  A C5    1 
ATOM   16  C  C6    . DA  A 1 1 ? 8.372   -6.849  -14.233 1.00 17.60 ? 1   DA  A C6    1 
ATOM   17  N  N6    . DA  A 1 1 ? 8.904   -5.903  -15.009 1.00 17.85 ? 1   DA  A N6    1 
ATOM   18  N  N1    . DA  A 1 1 ? 8.894   -7.066  -13.008 1.00 16.90 ? 1   DA  A N1    1 
ATOM   19  C  C2    . DA  A 1 1 ? 8.350   -8.012  -12.231 1.00 16.81 ? 1   DA  A C2    1 
ATOM   20  N  N3    . DA  A 1 1 ? 7.317   -8.817  -12.489 1.00 20.82 ? 1   DA  A N3    1 
ATOM   21  C  C4    . DA  A 1 1 ? 6.822   -8.572  -13.710 1.00 17.91 ? 1   DA  A C4    1 
ATOM   22  P  P     . DC  A 1 2 ? 1.585   -12.134 -11.679 1.00 34.56 ? 2   DC  A P     1 
ATOM   23  O  OP1   . DC  A 1 2 ? 1.741   -13.144 -10.610 1.00 46.37 ? 2   DC  A OP1   1 
ATOM   24  O  OP2   . DC  A 1 2 ? 0.517   -12.215 -12.701 1.00 31.14 ? 2   DC  A OP2   1 
ATOM   25  O  "O5'" . DC  A 1 2 ? 1.377   -10.717 -11.004 1.00 29.40 ? 2   DC  A "O5'" 1 
ATOM   26  C  "C5'" . DC  A 1 2 ? 0.457   -9.827  -11.557 1.00 17.75 ? 2   DC  A "C5'" 1 
ATOM   27  C  "C4'" . DC  A 1 2 ? 0.145   -8.749  -10.559 1.00 14.36 ? 2   DC  A "C4'" 1 
ATOM   28  O  "O4'" . DC  A 1 2 ? 1.235   -7.802  -10.501 1.00 13.71 ? 2   DC  A "O4'" 1 
ATOM   29  C  "C3'" . DC  A 1 2 ? -1.053  -7.893  -10.896 1.00 17.40 ? 2   DC  A "C3'" 1 
ATOM   30  O  "O3'" . DC  A 1 2 ? -2.246  -8.616  -10.616 1.00 17.78 ? 2   DC  A "O3'" 1 
ATOM   31  C  "C2'" . DC  A 1 2 ? -0.830  -6.703  -9.955  1.00 12.67 ? 2   DC  A "C2'" 1 
ATOM   32  C  "C1'" . DC  A 1 2 ? 0.732   -6.592  -9.967  1.00 12.60 ? 2   DC  A "C1'" 1 
ATOM   33  N  N1    . DC  A 1 2 ? 1.282   -5.465  -10.773 1.00 12.38 ? 2   DC  A N1    1 
ATOM   34  C  C2    . DC  A 1 2 ? 2.348   -4.717  -10.255 1.00 11.74 ? 2   DC  A C2    1 
ATOM   35  O  O2    . DC  A 1 2 ? 2.780   -4.999  -9.145  1.00 13.91 ? 2   DC  A O2    1 
ATOM   36  N  N3    . DC  A 1 2 ? 2.861   -3.707  -10.982 1.00 11.66 ? 2   DC  A N3    1 
ATOM   37  C  C4    . DC  A 1 2 ? 2.363   -3.433  -12.178 1.00 13.70 ? 2   DC  A C4    1 
ATOM   38  N  N4    . DC  A 1 2 ? 2.900   -2.416  -12.862 1.00 12.26 ? 2   DC  A N4    1 
ATOM   39  C  C5    . DC  A 1 2 ? 1.286   -4.190  -12.736 1.00 13.94 ? 2   DC  A C5    1 
ATOM   40  C  C6    . DC  A 1 2 ? 0.794   -5.195  -12.011 1.00 12.96 ? 2   DC  A C6    1 
ATOM   41  P  P     . DG  A 1 3 ? -3.693  -7.965  -10.892 1.00 15.78 ? 3   DG  A P     1 
ATOM   42  O  OP1   . DG  A 1 3 ? -4.637  -9.094  -11.125 1.00 17.40 ? 3   DG  A OP1   1 
ATOM   43  O  OP2   . DG  A 1 3 ? -3.552  -6.924  -11.929 1.00 15.55 ? 3   DG  A OP2   1 
ATOM   44  O  "O5'" . DG  A 1 3 ? -4.049  -7.306  -9.504  1.00 14.49 ? 3   DG  A "O5'" 1 
ATOM   45  C  "C5'" . DG  A 1 3 ? -4.154  -8.127  -8.358  1.00 14.55 ? 3   DG  A "C5'" 1 
ATOM   46  C  "C4'" . DG  A 1 3 ? -4.122  -7.275  -7.116  1.00 15.69 ? 3   DG  A "C4'" 1 
ATOM   47  O  "O4'" . DG  A 1 3 ? -2.880  -6.535  -7.085  1.00 16.77 ? 3   DG  A "O4'" 1 
ATOM   48  C  "C3'" . DG  A 1 3 ? -5.239  -6.250  -7.053  1.00 14.73 ? 3   DG  A "C3'" 1 
ATOM   49  O  "O3'" . DG  A 1 3 ? -6.325  -6.837  -6.337  1.00 18.42 ? 3   DG  A "O3'" 1 
ATOM   50  C  "C2'" . DG  A 1 3 ? -4.591  -5.064  -6.330  1.00 14.25 ? 3   DG  A "C2'" 1 
ATOM   51  C  "C1'" . DG  A 1 3 ? -3.114  -5.187  -6.740  1.00 11.02 ? 3   DG  A "C1'" 1 
ATOM   52  N  N9    . DG  A 1 3 ? -2.685  -4.347  -7.875  1.00 13.71 ? 3   DG  A N9    1 
ATOM   53  C  C8    . DG  A 1 3 ? -3.396  -4.034  -9.016  1.00 14.65 ? 3   DG  A C8    1 
ATOM   54  N  N7    . DG  A 1 3 ? -2.732  -3.272  -9.861  1.00 11.12 ? 3   DG  A N7    1 
ATOM   55  C  C5    . DG  A 1 3 ? -1.480  -3.101  -9.241  1.00 10.61 ? 3   DG  A C5    1 
ATOM   56  C  C6    . DG  A 1 3 ? -0.320  -2.376  -9.666  1.00 10.38 ? 3   DG  A C6    1 
ATOM   57  O  O6    . DG  A 1 3 ? -0.140  -1.732  -10.707 1.00 10.62 ? 3   DG  A O6    1 
ATOM   58  N  N1    . DG  A 1 3 ? 0.701   -2.439  -8.719  1.00 9.98  ? 3   DG  A N1    1 
ATOM   59  C  C2    . DG  A 1 3 ? 0.644   -3.138  -7.543  1.00 9.84  ? 3   DG  A C2    1 
ATOM   60  N  N2    . DG  A 1 3 ? 1.761   -3.093  -6.767  1.00 12.98 ? 3   DG  A N2    1 
ATOM   61  N  N3    . DG  A 1 3 ? -0.417  -3.818  -7.136  1.00 11.80 ? 3   DG  A N3    1 
ATOM   62  C  C4    . DG  A 1 3 ? -1.443  -3.753  -8.030  1.00 13.66 ? 3   DG  A C4    1 
ATOM   63  P  P     . DA  A 1 4 ? -7.667  -6.029  -5.996  1.00 21.80 ? 4   DA  A P     1 
ATOM   64  O  OP1   . DA  A 1 4 ? -8.641  -7.090  -5.664  1.00 26.74 ? 4   DA  A OP1   1 
ATOM   65  O  OP2   . DA  A 1 4 ? -7.969  -5.033  -7.044  1.00 14.59 ? 4   DA  A OP2   1 
ATOM   66  O  "O5'" . DA  A 1 4 ? -7.313  -5.303  -4.621  1.00 25.13 ? 4   DA  A "O5'" 1 
ATOM   67  C  "C5'" . DA  A 1 4 ? -6.844  -6.092  -3.533  1.00 20.13 ? 4   DA  A "C5'" 1 
ATOM   68  C  "C4'" . DA  A 1 4 ? -6.335  -5.226  -2.402  1.00 11.89 ? 4   DA  A "C4'" 1 
ATOM   69  O  "O4'" . DA  A 1 4 ? -5.194  -4.462  -2.851  1.00 23.38 ? 4   DA  A "O4'" 1 
ATOM   70  C  "C3'" . DA  A 1 4 ? -7.329  -4.201  -1.874  1.00 16.22 ? 4   DA  A "C3'" 1 
ATOM   71  O  "O3'" . DA  A 1 4 ? -8.139  -4.781  -0.846  1.00 22.89 ? 4   DA  A "O3'" 1 
ATOM   72  C  "C2'" . DA  A 1 4 ? -6.406  -3.125  -1.315  1.00 19.47 ? 4   DA  A "C2'" 1 
ATOM   73  C  "C1'" . DA  A 1 4 ? -5.240  -3.159  -2.296  1.00 19.65 ? 4   DA  A "C1'" 1 
ATOM   74  N  N9    . DA  A 1 4 ? -5.380  -2.215  -3.388  1.00 15.38 ? 4   DA  A N9    1 
ATOM   75  C  C8    . DA  A 1 4 ? -6.284  -2.270  -4.418  1.00 11.44 ? 4   DA  A C8    1 
ATOM   76  N  N7    . DA  A 1 4 ? -6.172  -1.277  -5.271  1.00 17.92 ? 4   DA  A N7    1 
ATOM   77  C  C5    . DA  A 1 4 ? -5.121  -0.524  -4.765  1.00 13.79 ? 4   DA  A C5    1 
ATOM   78  C  C6    . DA  A 1 4 ? -4.515  0.657   -5.206  1.00 23.52 ? 4   DA  A C6    1 
ATOM   79  N  N6    . DA  A 1 4 ? -4.901  1.310   -6.313  1.00 25.85 ? 4   DA  A N6    1 
ATOM   80  N  N1    . DA  A 1 4 ? -3.490  1.147   -4.472  1.00 30.87 ? 4   DA  A N1    1 
ATOM   81  C  C2    . DA  A 1 4 ? -3.113  0.480   -3.362  1.00 25.50 ? 4   DA  A C2    1 
ATOM   82  N  N3    . DA  A 1 4 ? -3.621  -0.643  -2.845  1.00 14.82 ? 4   DA  A N3    1 
ATOM   83  C  C4    . DA  A 1 4 ? -4.625  -1.094  -3.600  1.00 12.68 ? 4   DA  A C4    1 
ATOM   84  P  P     . DC  A 1 5 ? -9.540  -4.105  -0.446  1.00 23.41 ? 5   DC  A P     1 
ATOM   85  O  OP1   . DC  A 1 5 ? -10.195 -5.018  0.520   1.00 27.97 ? 5   DC  A OP1   1 
ATOM   86  O  OP2   . DC  A 1 5 ? -10.272 -3.686  -1.661  1.00 26.81 ? 5   DC  A OP2   1 
ATOM   87  O  "O5'" . DC  A 1 5 ? -9.109  -2.776  0.316   1.00 21.40 ? 5   DC  A "O5'" 1 
ATOM   88  C  "C5'" . DC  A 1 5 ? -8.343  -2.851  1.521   1.00 17.55 ? 5   DC  A "C5'" 1 
ATOM   89  C  "C4'" . DC  A 1 5 ? -8.589  -1.622  2.375   1.00 15.43 ? 5   DC  A "C4'" 1 
ATOM   90  O  "O4'" . DC  A 1 5 ? -8.177  -0.444  1.659   1.00 18.94 ? 5   DC  A "O4'" 1 
ATOM   91  C  "C3'" . DC  A 1 5 ? -10.043 -1.370  2.703   1.00 17.98 ? 5   DC  A "C3'" 1 
ATOM   92  O  "O3'" . DC  A 1 5 ? -10.402 -2.160  3.826   1.00 19.61 ? 5   DC  A "O3'" 1 
ATOM   93  C  "C2'" . DC  A 1 5 ? -10.053 0.125   3.029   1.00 21.33 ? 5   DC  A "C2'" 1 
ATOM   94  C  "C1'" . DC  A 1 5 ? -8.896  0.672   2.165   1.00 15.05 ? 5   DC  A "C1'" 1 
ATOM   95  N  N1    . DC  A 1 5 ? -9.334  1.495   1.022   1.00 15.23 ? 5   DC  A N1    1 
ATOM   96  C  C2    . DC  A 1 5 ? -8.605  2.626   0.691   1.00 16.71 ? 5   DC  A C2    1 
ATOM   97  O  O2    . DC  A 1 5 ? -7.597  2.903   1.356   1.00 13.48 ? 5   DC  A O2    1 
ATOM   98  N  N3    . DC  A 1 5 ? -9.000  3.369   -0.368  1.00 12.98 ? 5   DC  A N3    1 
ATOM   99  C  C4    . DC  A 1 5 ? -10.091 3.025   -1.060  1.00 14.13 ? 5   DC  A C4    1 
ATOM   100 N  N4    . DC  A 1 5 ? -10.449 3.799   -2.084  1.00 13.93 ? 5   DC  A N4    1 
ATOM   101 C  C5    . DC  A 1 5 ? -10.854 1.867   -0.733  1.00 17.66 ? 5   DC  A C5    1 
ATOM   102 C  C6    . DC  A 1 5 ? -10.439 1.136   0.304   1.00 20.09 ? 5   DC  A C6    1 
ATOM   103 P  P     . DG  A 1 6 ? -11.931 -2.324  4.264   1.00 23.31 ? 6   DG  A P     1 
ATOM   104 O  OP1   . DG  A 1 6 ? -12.067 -3.729  4.708   1.00 33.70 ? 6   DG  A OP1   1 
ATOM   105 O  OP2   . DG  A 1 6 ? -12.883 -1.785  3.266   1.00 26.47 ? 6   DG  A OP2   1 
ATOM   106 O  "O5'" . DG  A 1 6 ? -12.024 -1.391  5.558   1.00 27.87 ? 6   DG  A "O5'" 1 
ATOM   107 C  "C5'" . DG  A 1 6 ? -11.048 -1.522  6.581   1.00 24.18 ? 6   DG  A "C5'" 1 
ATOM   108 C  "C4'" . DG  A 1 6 ? -10.846 -0.205  7.291   1.00 21.82 ? 6   DG  A "C4'" 1 
ATOM   109 O  "O4'" . DG  A 1 6 ? -10.265 0.746   6.363   1.00 22.72 ? 6   DG  A "O4'" 1 
ATOM   110 C  "C3'" . DG  A 1 6 ? -12.123 0.425   7.825   1.00 20.99 ? 6   DG  A "C3'" 1 
ATOM   111 O  "O3'" . DG  A 1 6 ? -12.315 -0.005  9.198   1.00 24.62 ? 6   DG  A "O3'" 1 
ATOM   112 C  "C2'" . DG  A 1 6 ? -11.846 1.923   7.719   1.00 25.02 ? 6   DG  A "C2'" 1 
ATOM   113 C  "C1'" . DG  A 1 6 ? -10.834 2.019   6.553   1.00 21.81 ? 6   DG  A "C1'" 1 
ATOM   114 N  N9    . DG  A 1 6 ? -11.401 2.468   5.275   1.00 21.54 ? 6   DG  A N9    1 
ATOM   115 C  C8    . DG  A 1 6 ? -12.615 2.119   4.728   1.00 22.82 ? 6   DG  A C8    1 
ATOM   116 N  N7    . DG  A 1 6 ? -12.847 2.679   3.572   1.00 19.38 ? 6   DG  A N7    1 
ATOM   117 C  C5    . DG  A 1 6 ? -11.700 3.443   3.328   1.00 20.75 ? 6   DG  A C5    1 
ATOM   118 C  C6    . DG  A 1 6 ? -11.363 4.281   2.226   1.00 24.25 ? 6   DG  A C6    1 
ATOM   119 O  O6    . DG  A 1 6 ? -12.029 4.522   1.208   1.00 19.36 ? 6   DG  A O6    1 
ATOM   120 N  N1    . DG  A 1 6 ? -10.111 4.875   2.394   1.00 15.60 ? 6   DG  A N1    1 
ATOM   121 C  C2    . DG  A 1 6 ? -9.291  4.676   3.477   1.00 22.31 ? 6   DG  A C2    1 
ATOM   122 N  N2    . DG  A 1 6 ? -8.125  5.324   3.472   1.00 14.97 ? 6   DG  A N2    1 
ATOM   123 N  N3    . DG  A 1 6 ? -9.595  3.891   4.503   1.00 17.87 ? 6   DG  A N3    1 
ATOM   124 C  C4    . DG  A 1 6 ? -10.805 3.315   4.362   1.00 18.41 ? 6   DG  A C4    1 
ATOM   125 P  P     . DT  A 1 7 ? -13.599 0.447   10.047  1.00 25.56 ? 7   DT  A P     1 
ATOM   126 O  OP1   . DT  A 1 7 ? -13.827 -0.623  11.044  1.00 30.20 ? 7   DT  A OP1   1 
ATOM   127 O  OP2   . DT  A 1 7 ? -14.748 0.815   9.196   1.00 25.07 ? 7   DT  A OP2   1 
ATOM   128 O  "O5'" . DT  A 1 7 ? -13.081 1.738   10.832  1.00 26.42 ? 7   DT  A "O5'" 1 
ATOM   129 C  "C5'" . DT  A 1 7 ? -11.817 1.697   11.489  1.00 26.77 ? 7   DT  A "C5'" 1 
ATOM   130 C  "C4'" . DT  A 1 7 ? -11.366 3.091   11.876  1.00 30.56 ? 7   DT  A "C4'" 1 
ATOM   131 O  "O4'" . DT  A 1 7 ? -11.092 3.847   10.667  1.00 30.07 ? 7   DT  A "O4'" 1 
ATOM   132 C  "C3'" . DT  A 1 7 ? -12.398 3.919   12.628  1.00 28.00 ? 7   DT  A "C3'" 1 
ATOM   133 O  "O3'" . DT  A 1 7 ? -12.340 3.650   14.039  1.00 34.47 ? 7   DT  A "O3'" 1 
ATOM   134 C  "C2'" . DT  A 1 7 ? -11.961 5.342   12.302  1.00 27.66 ? 7   DT  A "C2'" 1 
ATOM   135 C  "C1'" . DT  A 1 7 ? -11.457 5.199   10.858  1.00 25.15 ? 7   DT  A "C1'" 1 
ATOM   136 N  N1    . DT  A 1 7 ? -12.468 5.579   9.831   1.00 24.99 ? 7   DT  A N1    1 
ATOM   137 C  C2    . DT  A 1 7 ? -12.267 6.728   9.113   1.00 24.43 ? 7   DT  A C2    1 
ATOM   138 O  O2    . DT  A 1 7 ? -11.301 7.449   9.278   1.00 24.03 ? 7   DT  A O2    1 
ATOM   139 N  N3    . DT  A 1 7 ? -13.239 7.005   8.188   1.00 24.47 ? 7   DT  A N3    1 
ATOM   140 C  C4    . DT  A 1 7 ? -14.364 6.256   7.913   1.00 24.98 ? 7   DT  A C4    1 
ATOM   141 O  O4    . DT  A 1 7 ? -15.185 6.590   7.068   1.00 25.09 ? 7   DT  A O4    1 
ATOM   142 C  C5    . DT  A 1 7 ? -14.522 5.059   8.711   1.00 28.38 ? 7   DT  A C5    1 
ATOM   143 C  C7    . DT  A 1 7 ? -15.708 4.165   8.498   1.00 26.22 ? 7   DT  A C7    1 
ATOM   144 C  C6    . DT  A 1 7 ? -13.571 4.775   9.610   1.00 25.51 ? 7   DT  A C6    1 
ATOM   145 P  P     . DA  B 2 1 ? -14.545 15.284  1.529   1.00 67.88 ? 1   DA  B P     1 
ATOM   146 O  OP1   . DA  B 2 1 ? -15.372 15.966  2.556   1.00 63.34 ? 1   DA  B OP1   1 
ATOM   147 O  OP2   . DA  B 2 1 ? -15.005 13.997  0.946   1.00 65.66 ? 1   DA  B OP2   1 
ATOM   148 O  "O5'" . DA  B 2 1 ? -13.041 15.099  2.071   1.00 48.89 ? 1   DA  B "O5'" 1 
ATOM   149 C  "C5'" . DA  B 2 1 ? -12.451 16.087  2.935   1.00 35.94 ? 1   DA  B "C5'" 1 
ATOM   150 C  "C4'" . DA  B 2 1 ? -11.243 15.533  3.689   1.00 30.03 ? 1   DA  B "C4'" 1 
ATOM   151 O  "O4'" . DA  B 2 1 ? -11.663 14.514  4.630   1.00 27.28 ? 1   DA  B "O4'" 1 
ATOM   152 C  "C3'" . DA  B 2 1 ? -10.184 14.862  2.835   1.00 28.36 ? 1   DA  B "C3'" 1 
ATOM   153 O  "O3'" . DA  B 2 1 ? -8.947  14.938  3.493   1.00 31.30 ? 1   DA  B "O3'" 1 
ATOM   154 C  "C2'" . DA  B 2 1 ? -10.674 13.423  2.782   1.00 22.36 ? 1   DA  B "C2'" 1 
ATOM   155 C  "C1'" . DA  B 2 1 ? -11.230 13.241  4.194   1.00 17.19 ? 1   DA  B "C1'" 1 
ATOM   156 N  N9    . DA  B 2 1 ? -12.363 12.341  4.250   1.00 16.91 ? 1   DA  B N9    1 
ATOM   157 C  C8    . DA  B 2 1 ? -13.511 12.394  3.503   1.00 22.37 ? 1   DA  B C8    1 
ATOM   158 N  N7    . DA  B 2 1 ? -14.365 11.435  3.779   1.00 20.33 ? 1   DA  B N7    1 
ATOM   159 C  C5    . DA  B 2 1 ? -13.723 10.709  4.776   1.00 22.80 ? 1   DA  B C5    1 
ATOM   160 C  C6    . DA  B 2 1 ? -14.094 9.561   5.517   1.00 15.75 ? 1   DA  B C6    1 
ATOM   161 N  N6    . DA  B 2 1 ? -15.249 8.912   5.344   1.00 17.01 ? 1   DA  B N6    1 
ATOM   162 N  N1    . DA  B 2 1 ? -13.218 9.102   6.431   1.00 15.27 ? 1   DA  B N1    1 
ATOM   163 C  C2    . DA  B 2 1 ? -12.057 9.750   6.599   1.00 15.17 ? 1   DA  B C2    1 
ATOM   164 N  N3    . DA  B 2 1 ? -11.602 10.832  5.966   1.00 19.57 ? 1   DA  B N3    1 
ATOM   165 C  C4    . DA  B 2 1 ? -12.495 11.268  5.071   1.00 16.23 ? 1   DA  B C4    1 
ATOM   166 P  P     . DC  B 2 2 ? -7.599  14.996  2.634   1.00 34.96 ? 2   DC  B P     1 
ATOM   167 O  OP1   . DC  B 2 2 ? -6.478  15.303  3.548   1.00 48.18 ? 2   DC  B OP1   1 
ATOM   168 O  OP2   . DC  B 2 2 ? -7.876  15.823  1.432   1.00 33.58 ? 2   DC  B OP2   1 
ATOM   169 O  "O5'" . DC  B 2 2 ? -7.430  13.497  2.110   1.00 28.31 ? 2   DC  B "O5'" 1 
ATOM   170 C  "C5'" . DC  B 2 2 ? -7.530  13.240  0.737   1.00 14.97 ? 2   DC  B "C5'" 1 
ATOM   171 C  "C4'" . DC  B 2 2 ? -6.812  11.964  0.389   1.00 15.45 ? 2   DC  B "C4'" 1 
ATOM   172 O  "O4'" . DC  B 2 2 ? -7.512  10.833  0.943   1.00 13.05 ? 2   DC  B "O4'" 1 
ATOM   173 C  "C3'" . DC  B 2 2 ? -6.766  11.651  -1.088  1.00 14.38 ? 2   DC  B "C3'" 1 
ATOM   174 O  "O3'" . DC  B 2 2 ? -5.782  12.451  -1.709  1.00 15.60 ? 2   DC  B "O3'" 1 
ATOM   175 C  "C2'" . DC  B 2 2 ? -6.400  10.160  -1.066  1.00 12.19 ? 2   DC  B "C2'" 1 
ATOM   176 C  "C1'" . DC  B 2 2 ? -7.141  9.676   0.217   1.00 12.06 ? 2   DC  B "C1'" 1 
ATOM   177 N  N1    . DC  B 2 2 ? -8.370  8.859   -0.033  1.00 11.74 ? 2   DC  B N1    1 
ATOM   178 C  C2    . DC  B 2 2 ? -8.591  7.708   0.742   1.00 11.28 ? 2   DC  B C2    1 
ATOM   179 O  O2    . DC  B 2 2 ? -7.760  7.395   1.576   1.00 11.76 ? 2   DC  B O2    1 
ATOM   180 N  N3    . DC  B 2 2 ? -9.692  6.973   0.532   1.00 10.94 ? 2   DC  B N3    1 
ATOM   181 C  C4    . DC  B 2 2 ? -10.575 7.347   -0.379  1.00 11.41 ? 2   DC  B C4    1 
ATOM   182 N  N4    . DC  B 2 2 ? -11.657 6.587   -0.540  1.00 11.35 ? 2   DC  B N4    1 
ATOM   183 C  C5    . DC  B 2 2 ? -10.391 8.524   -1.169  1.00 12.52 ? 2   DC  B C5    1 
ATOM   184 C  C6    . DC  B 2 2 ? -9.287  9.248   -0.956  1.00 12.20 ? 2   DC  B C6    1 
ATOM   185 P  P     . DG  B 2 3 ? -5.560  12.408  -3.300  1.00 16.37 ? 3   DG  B P     1 
ATOM   186 O  OP1   . DG  B 2 3 ? -5.016  13.742  -3.673  1.00 17.18 ? 3   DG  B OP1   1 
ATOM   187 O  OP2   . DG  B 2 3 ? -6.774  11.891  -3.960  1.00 14.86 ? 3   DG  B OP2   1 
ATOM   188 O  "O5'" . DG  B 2 3 ? -4.364  11.388  -3.470  1.00 14.90 ? 3   DG  B "O5'" 1 
ATOM   189 C  "C5'" . DG  B 2 3 ? -3.124  11.657  -2.854  1.00 14.94 ? 3   DG  B "C5'" 1 
ATOM   190 C  "C4'" . DG  B 2 3 ? -2.318  10.386  -2.783  1.00 14.78 ? 3   DG  B "C4'" 1 
ATOM   191 O  "O4'" . DG  B 2 3 ? -3.042  9.407   -1.995  1.00 16.20 ? 3   DG  B "O4'" 1 
ATOM   192 C  "C3'" . DG  B 2 3 ? -2.068  9.754   -4.137  1.00 17.99 ? 3   DG  B "C3'" 1 
ATOM   193 O  "O3'" . DG  B 2 3 ? -0.825  10.253  -4.622  1.00 19.42 ? 3   DG  B "O3'" 1 
ATOM   194 C  "C2'" . DG  B 2 3 ? -2.058  8.249   -3.830  1.00 17.01 ? 3   DG  B "C2'" 1 
ATOM   195 C  "C1'" . DG  B 2 3 ? -3.025  8.145   -2.630  1.00 11.98 ? 3   DG  B "C1'" 1 
ATOM   196 N  N9    . DG  B 2 3 ? -4.420  7.758   -2.946  1.00 14.05 ? 3   DG  B N9    1 
ATOM   197 C  C8    . DG  B 2 3 ? -5.177  8.135   -4.038  1.00 12.79 ? 3   DG  B C8    1 
ATOM   198 N  N7    . DG  B 2 3 ? -6.403  7.644   -4.031  1.00 10.97 ? 3   DG  B N7    1 
ATOM   199 C  C5    . DG  B 2 3 ? -6.463  6.896   -2.843  1.00 13.02 ? 3   DG  B C5    1 
ATOM   200 C  C6    . DG  B 2 3 ? -7.533  6.122   -2.276  1.00 10.03 ? 3   DG  B C6    1 
ATOM   201 O  O6    . DG  B 2 3 ? -8.687  5.941   -2.707  1.00 10.76 ? 3   DG  B O6    1 
ATOM   202 N  N1    . DG  B 2 3 ? -7.155  5.521   -1.078  1.00 9.64  ? 3   DG  B N1    1 
ATOM   203 C  C2    . DG  B 2 3 ? -5.931  5.658   -0.480  1.00 9.59  ? 3   DG  B C2    1 
ATOM   204 N  N2    . DG  B 2 3 ? -5.766  5.003   0.692   1.00 12.55 ? 3   DG  B N2    1 
ATOM   205 N  N3    . DG  B 2 3 ? -4.928  6.370   -0.984  1.00 12.65 ? 3   DG  B N3    1 
ATOM   206 C  C4    . DG  B 2 3 ? -5.260  6.962   -2.167  1.00 15.28 ? 3   DG  B C4    1 
ATOM   207 P  P     . DT  B 2 4 ? -0.175  9.764   -6.006  1.00 22.06 ? 4   DT  B P     1 
ATOM   208 O  OP1   . DT  B 2 4 ? 0.795   10.835  -6.328  1.00 29.94 ? 4   DT  B OP1   1 
ATOM   209 O  OP2   . DT  B 2 4 ? -1.214  9.375   -6.988  1.00 16.37 ? 4   DT  B OP2   1 
ATOM   210 O  "O5'" . DT  B 2 4 ? 0.668   8.475   -5.581  1.00 21.90 ? 4   DT  B "O5'" 1 
ATOM   211 C  "C5'" . DT  B 2 4 ? 1.577   8.570   -4.490  1.00 19.69 ? 4   DT  B "C5'" 1 
ATOM   212 C  "C4'" . DT  B 2 4 ? 2.038   7.194   -4.029  1.00 14.42 ? 4   DT  B "C4'" 1 
ATOM   213 O  "O4'" . DT  B 2 4 ? 0.906   6.426   -3.557  1.00 23.46 ? 4   DT  B "O4'" 1 
ATOM   214 C  "C3'" . DT  B 2 4 ? 2.690   6.335   -5.105  1.00 18.12 ? 4   DT  B "C3'" 1 
ATOM   215 O  "O3'" . DT  B 2 4 ? 4.088   6.643   -5.194  1.00 25.19 ? 4   DT  B "O3'" 1 
ATOM   216 C  "C2'" . DT  B 2 4 ? 2.451   4.923   -4.571  1.00 19.91 ? 4   DT  B "C2'" 1 
ATOM   217 C  "C1'" . DT  B 2 4 ? 1.089   5.051   -3.877  1.00 20.67 ? 4   DT  B "C1'" 1 
ATOM   218 N  N1    . DT  B 2 4 ? -0.077  4.601   -4.703  1.00 14.30 ? 4   DT  B N1    1 
ATOM   219 C  C2    . DT  B 2 4 ? -0.753  3.436   -4.368  1.00 13.55 ? 4   DT  B C2    1 
ATOM   220 O  O2    . DT  B 2 4 ? -0.455  2.733   -3.431  1.00 22.80 ? 4   DT  B O2    1 
ATOM   221 N  N3    . DT  B 2 4 ? -1.817  3.135   -5.170  1.00 19.39 ? 4   DT  B N3    1 
ATOM   222 C  C4    . DT  B 2 4 ? -2.277  3.850   -6.248  1.00 22.65 ? 4   DT  B C4    1 
ATOM   223 O  O4    . DT  B 2 4 ? -3.246  3.481   -6.909  1.00 26.10 ? 4   DT  B O4    1 
ATOM   224 C  C5    . DT  B 2 4 ? -1.539  5.059   -6.551  1.00 18.97 ? 4   DT  B C5    1 
ATOM   225 C  C7    . DT  B 2 4 ? -1.949  5.919   -7.710  1.00 32.40 ? 4   DT  B C7    1 
ATOM   226 C  C6    . DT  B 2 4 ? -0.491  5.378   -5.771  1.00 15.99 ? 4   DT  B C6    1 
ATOM   227 P  P     . DC  B 2 5 ? 4.914   6.367   -6.548  1.00 23.76 ? 5   DC  B P     1 
ATOM   228 O  OP1   . DC  B 2 5 ? 6.242   6.994   -6.363  1.00 24.83 ? 5   DC  B OP1   1 
ATOM   229 O  OP2   . DC  B 2 5 ? 4.111   6.707   -7.740  1.00 24.73 ? 5   DC  B OP2   1 
ATOM   230 O  "O5'" . DC  B 2 5 ? 5.079   4.789   -6.572  1.00 19.78 ? 5   DC  B "O5'" 1 
ATOM   231 C  "C5'" . DC  B 2 5 ? 5.701   4.113   -5.493  1.00 16.13 ? 5   DC  B "C5'" 1 
ATOM   232 C  "C4'" . DC  B 2 5 ? 6.214   2.768   -5.963  1.00 16.82 ? 5   DC  B "C4'" 1 
ATOM   233 O  "O4'" . DC  B 2 5 ? 5.105   1.928   -6.329  1.00 20.35 ? 5   DC  B "O4'" 1 
ATOM   234 C  "C3'" . DC  B 2 5 ? 7.060   2.824   -7.213  1.00 17.67 ? 5   DC  B "C3'" 1 
ATOM   235 O  "O3'" . DC  B 2 5 ? 8.391   3.171   -6.850  1.00 20.55 ? 5   DC  B "O3'" 1 
ATOM   236 C  "C2'" . DC  B 2 5 ? 6.961   1.386   -7.737  1.00 18.54 ? 5   DC  B "C2'" 1 
ATOM   237 C  "C1'" . DC  B 2 5 ? 5.565   0.943   -7.241  1.00 15.80 ? 5   DC  B "C1'" 1 
ATOM   238 N  N1    . DC  B 2 5 ? 4.563   0.807   -8.313  1.00 16.69 ? 5   DC  B N1    1 
ATOM   239 C  C2    . DC  B 2 5 ? 3.653   -0.236  -8.251  1.00 16.29 ? 5   DC  B C2    1 
ATOM   240 O  O2    . DC  B 2 5 ? 3.702   -1.021  -7.291  1.00 13.24 ? 5   DC  B O2    1 
ATOM   241 N  N3    . DC  B 2 5 ? 2.723   -0.347  -9.228  1.00 13.11 ? 5   DC  B N3    1 
ATOM   242 C  C4    . DC  B 2 5 ? 2.703   0.521   -10.237 1.00 16.17 ? 5   DC  B C4    1 
ATOM   243 N  N4    . DC  B 2 5 ? 1.776   0.358   -11.181 1.00 13.54 ? 5   DC  B N4    1 
ATOM   244 C  C5    . DC  B 2 5 ? 3.633   1.598   -10.321 1.00 15.30 ? 5   DC  B C5    1 
ATOM   245 C  C6    . DC  B 2 5 ? 4.536   1.701   -9.341  1.00 19.03 ? 5   DC  B C6    1 
ATOM   246 P  P     . DG  B 2 6 ? 9.491   3.535   -7.957  1.00 23.66 ? 6   DG  B P     1 
ATOM   247 O  OP1   . DG  B 2 6 ? 10.318  4.619   -7.376  1.00 32.47 ? 6   DG  B OP1   1 
ATOM   248 O  OP2   . DG  B 2 6 ? 8.904   3.702   -9.307  1.00 30.12 ? 6   DG  B OP2   1 
ATOM   249 O  "O5'" . DG  B 2 6 ? 10.396  2.231   -7.983  1.00 26.91 ? 6   DG  B "O5'" 1 
ATOM   250 C  "C5'" . DG  B 2 6 ? 10.753  1.613   -6.759  1.00 25.47 ? 6   DG  B "C5'" 1 
ATOM   251 C  "C4'" . DG  B 2 6 ? 11.047  0.160   -6.996  1.00 25.77 ? 6   DG  B "C4'" 1 
ATOM   252 O  "O4'" . DG  B 2 6 ? 9.796   -0.575  -7.104  1.00 23.77 ? 6   DG  B "O4'" 1 
ATOM   253 C  "C3'" . DG  B 2 6 ? 11.789  -0.100  -8.289  1.00 20.57 ? 6   DG  B "C3'" 1 
ATOM   254 O  "O3'" . DG  B 2 6 ? 13.230  0.131   -8.060  1.00 33.18 ? 6   DG  B "O3'" 1 
ATOM   255 C  "C2'" . DG  B 2 6 ? 11.382  -1.539  -8.601  1.00 26.21 ? 6   DG  B "C2'" 1 
ATOM   256 C  "C1'" . DG  B 2 6 ? 9.907   -1.557  -8.111  1.00 22.31 ? 6   DG  B "C1'" 1 
ATOM   257 N  N9    . DG  B 2 6 ? 8.902   -1.269  -9.153  1.00 18.15 ? 6   DG  B N9    1 
ATOM   258 C  C8    . DG  B 2 6 ? 9.039   -0.405  -10.217 1.00 26.32 ? 6   DG  B C8    1 
ATOM   259 N  N7    . DG  B 2 6 ? 7.986   -0.341  -10.983 1.00 21.10 ? 6   DG  B N7    1 
ATOM   260 C  C5    . DG  B 2 6 ? 7.069   -1.215  -10.388 1.00 21.47 ? 6   DG  B C5    1 
ATOM   261 C  C6    . DG  B 2 6 ? 5.743   -1.567  -10.774 1.00 19.59 ? 6   DG  B C6    1 
ATOM   262 O  O6    . DG  B 2 6 ? 5.094   -1.160  -11.750 1.00 17.15 ? 6   DG  B O6    1 
ATOM   263 N  N1    . DG  B 2 6 ? 5.176   -2.496  -9.897  1.00 15.54 ? 6   DG  B N1    1 
ATOM   264 C  C2    . DG  B 2 6 ? 5.804   -3.010  -8.790  1.00 19.98 ? 6   DG  B C2    1 
ATOM   265 N  N2    . DG  B 2 6 ? 5.112   -3.890  -8.063  1.00 15.50 ? 6   DG  B N2    1 
ATOM   266 N  N3    . DG  B 2 6 ? 7.042   -2.685  -8.420  1.00 16.38 ? 6   DG  B N3    1 
ATOM   267 C  C4    . DG  B 2 6 ? 7.609   -1.787  -9.255  1.00 17.70 ? 6   DG  B C4    1 
ATOM   268 P  P     . DT  B 2 7 ? 14.404  -0.808  -8.631  1.00 26.37 ? 7   DT  B P     1 
ATOM   269 O  OP1   . DT  B 2 7 ? 15.669  -0.195  -8.154  1.00 26.50 ? 7   DT  B OP1   1 
ATOM   270 O  OP2   . DT  B 2 7 ? 14.281  -0.995  -10.087 1.00 24.79 ? 7   DT  B OP2   1 
ATOM   271 O  "O5'" . DT  B 2 7 ? 14.208  -2.146  -7.789  1.00 31.66 ? 7   DT  B "O5'" 1 
ATOM   272 C  "C5'" . DT  B 2 7 ? 14.909  -3.304  -8.087  1.00 25.44 ? 7   DT  B "C5'" 1 
ATOM   273 C  "C4'" . DT  B 2 7 ? 14.266  -4.468  -7.364  1.00 33.08 ? 7   DT  B "C4'" 1 
ATOM   274 O  "O4'" . DT  B 2 7 ? 12.939  -4.680  -7.905  1.00 29.23 ? 7   DT  B "O4'" 1 
ATOM   275 C  "C3'" . DT  B 2 7 ? 14.972  -5.800  -7.519  1.00 36.17 ? 7   DT  B "C3'" 1 
ATOM   276 O  "O3'" . DT  B 2 7 ? 14.627  -6.651  -6.432  1.00 44.86 ? 7   DT  B "O3'" 1 
ATOM   277 C  "C2'" . DT  B 2 7 ? 14.392  -6.315  -8.828  1.00 26.57 ? 7   DT  B "C2'" 1 
ATOM   278 C  "C1'" . DT  B 2 7 ? 12.946  -5.813  -8.753  1.00 24.29 ? 7   DT  B "C1'" 1 
ATOM   279 N  N1    . DT  B 2 7 ? 12.399  -5.428  -10.077 1.00 24.18 ? 7   DT  B N1    1 
ATOM   280 C  C2    . DT  B 2 7 ? 11.384  -6.180  -10.610 1.00 23.73 ? 7   DT  B C2    1 
ATOM   281 O  O2    . DT  B 2 7 ? 10.907  -7.143  -10.038 1.00 23.22 ? 7   DT  B O2    1 
ATOM   282 N  N3    . DT  B 2 7 ? 10.945  -5.762  -11.841 1.00 23.73 ? 7   DT  B N3    1 
ATOM   283 C  C4    . DT  B 2 7 ? 11.411  -4.682  -12.572 1.00 25.33 ? 7   DT  B C4    1 
ATOM   284 O  O4    . DT  B 2 7 ? 10.962  -4.386  -13.678 1.00 24.37 ? 7   DT  B O4    1 
ATOM   285 C  C5    . DT  B 2 7 ? 12.491  -3.943  -11.958 1.00 26.24 ? 7   DT  B C5    1 
ATOM   286 C  C7    . DT  B 2 7 ? 13.080  -2.754  -12.659 1.00 25.48 ? 7   DT  B C7    1 
ATOM   287 C  C6    . DT  B 2 7 ? 12.922  -4.341  -10.750 1.00 24.74 ? 7   DT  B C6    1 
HETATM 288 N  N     . DSN C 3 1 ? 8.118   -5.732  -8.259  1.00 20.45 ? 1   DSN D N     1 
HETATM 289 C  CA    . DSN C 3 1 ? 8.964   -6.107  -7.173  1.00 23.58 ? 1   DSN D CA    1 
HETATM 290 C  C     . DSN C 3 1 ? 8.616   -5.342  -5.913  1.00 21.05 ? 1   DSN D C     1 
HETATM 291 O  O     . DSN C 3 1 ? 8.736   -5.898  -4.792  1.00 21.89 ? 1   DSN D O     1 
HETATM 292 C  CB    . DSN C 3 1 ? 8.772   -7.581  -6.915  1.00 25.81 ? 1   DSN D CB    1 
HETATM 293 O  OG    . DSN C 3 1 ? 7.389   -7.856  -6.980  1.00 23.80 ? 1   DSN D OG    1 
ATOM   294 N  N     . ALA C 3 2 ? 8.183   -4.092  -6.064  1.00 24.40 ? 2   ALA D N     1 
ATOM   295 C  CA    . ALA C 3 2 ? 7.759   -3.274  -4.924  1.00 22.15 ? 2   ALA D CA    1 
ATOM   296 C  C     . ALA C 3 2 ? 6.531   -3.871  -4.244  1.00 25.15 ? 2   ALA D C     1 
ATOM   297 O  O     . ALA C 3 2 ? 5.711   -4.522  -4.897  1.00 22.03 ? 2   ALA D O     1 
ATOM   298 C  CB    . ALA C 3 2 ? 7.472   -1.844  -5.368  1.00 21.34 ? 2   ALA D CB    1 
HETATM 299 N  N     . N2C C 3 3 ? 6.323   -3.538  -2.937  1.00 30.27 ? 3   N2C D N     1 
HETATM 300 C  CA    . N2C C 3 3 ? 5.078   -4.097  -2.413  1.00 23.10 ? 3   N2C D CA    1 
HETATM 301 C  CB    . N2C C 3 3 ? 5.264   -5.269  -1.437  1.00 27.71 ? 3   N2C D CB    1 
HETATM 302 S  SG    . N2C C 3 3 ? 6.679   -6.260  -1.825  1.00 40.15 ? 3   N2C D SG    1 
HETATM 303 C  CD    . N2C C 3 3 ? 7.505   -6.482  -0.292  1.00 40.08 ? 3   N2C D CD    1 
HETATM 304 C  CN    . N2C C 3 3 ? 7.059   -2.733  -1.989  1.00 30.42 ? 3   N2C D CN    1 
HETATM 305 C  C     . N2C C 3 3 ? 4.289   -3.016  -1.675  1.00 21.91 ? 3   N2C D C     1 
HETATM 306 O  O     . N2C C 3 3 ? 4.109   -3.012  -0.458  1.00 27.83 ? 3   N2C D O     1 
HETATM 307 N  N     . MVA C 3 4 ? 3.763   -2.063  -2.434  1.00 23.63 ? 4   MVA D N     1 
HETATM 308 C  CN    . MVA C 3 4 ? 3.598   -2.245  -3.872  1.00 20.97 ? 4   MVA D CN    1 
HETATM 309 C  CA    . MVA C 3 4 ? 3.069   -0.966  -1.756  1.00 21.92 ? 4   MVA D CA    1 
HETATM 310 C  CB    . MVA C 3 4 ? 3.161   0.449   -2.353  1.00 24.19 ? 4   MVA D CB    1 
HETATM 311 C  CG1   . MVA C 3 4 ? 4.524   0.844   -2.933  1.00 24.69 ? 4   MVA D CG1   1 
HETATM 312 C  CG2   . MVA C 3 4 ? 2.004   0.760   -3.293  1.00 46.73 ? 4   MVA D CG2   1 
HETATM 313 C  C     . MVA C 3 4 ? 1.640   -1.335  -1.447  1.00 26.53 ? 4   MVA D C     1 
HETATM 314 O  O     . MVA C 3 4 ? 1.163   -0.987  -0.175  1.00 31.59 ? 4   MVA D O     1 
HETATM 315 N  N     . DSN C 3 5 ? -0.762  -2.509  -4.167  1.00 27.29 ? 5   DSN D N     1 
HETATM 316 C  CA    . DSN C 3 5 ? -0.990  -3.350  -3.045  1.00 20.97 ? 5   DSN D CA    1 
HETATM 317 C  C     . DSN C 3 5 ? -0.319  -4.695  -3.229  1.00 21.42 ? 5   DSN D C     1 
HETATM 318 O  O     . DSN C 3 5 ? 0.093   -5.326  -2.224  1.00 21.84 ? 5   DSN D O     1 
HETATM 319 C  CB    . DSN C 3 5 ? -0.373  -2.654  -1.857  1.00 23.07 ? 5   DSN D CB    1 
HETATM 320 O  OG    . DSN C 3 5 ? 0.879   -2.139  -2.260  1.00 21.32 ? 5   DSN D OG    1 
ATOM   321 N  N     . ALA C 3 6 ? -0.177  -5.148  -4.473  1.00 20.60 ? 6   ALA D N     1 
ATOM   322 C  CA    . ALA C 3 6 ? 0.460   -6.437  -4.735  1.00 22.96 ? 6   ALA D CA    1 
ATOM   323 C  C     . ALA C 3 6 ? 1.934   -6.381  -4.369  1.00 20.74 ? 6   ALA D C     1 
ATOM   324 O  O     . ALA C 3 6 ? 2.547   -5.313  -4.367  1.00 20.64 ? 6   ALA D O     1 
ATOM   325 C  CB    . ALA C 3 6 ? 0.286   -6.847  -6.199  1.00 20.41 ? 6   ALA D CB    1 
HETATM 326 N  N     . NCY C 3 7 ? 2.517   -7.553  -4.082  1.00 21.04 ? 7   NCY D N     1 
HETATM 327 C  CA    . NCY C 3 7 ? 3.949   -7.428  -3.861  1.00 21.74 ? 7   NCY D CA    1 
HETATM 328 C  CB    . NCY C 3 7 ? 4.346   -7.681  -2.409  1.00 28.53 ? 7   NCY D CB    1 
HETATM 329 S  SG    . NCY C 3 7 ? 3.828   -6.396  -1.321  1.00 35.19 ? 7   NCY D SG    1 
HETATM 330 C  CN    . NCY C 3 7 ? 1.954   -8.786  -3.603  1.00 27.83 ? 7   NCY D CN    1 
HETATM 331 C  C     . NCY C 3 7 ? 4.675   -8.497  -4.670  1.00 22.88 ? 7   NCY D C     1 
HETATM 332 O  O     . NCY C 3 7 ? 5.183   -9.488  -4.142  1.00 31.82 ? 7   NCY D O     1 
HETATM 333 N  N     . MVA C 3 8 ? 4.748   -8.306  -5.987  1.00 20.70 ? 8   MVA D N     1 
HETATM 334 C  CN    . MVA C 3 8 ? 4.449   -6.999  -6.570  1.00 20.58 ? 8   MVA D CN    1 
HETATM 335 C  CA    . MVA C 3 8 ? 5.398   -9.346  -6.788  1.00 22.91 ? 8   MVA D CA    1 
HETATM 336 C  CB    . MVA C 3 8 ? 4.802   -9.689  -8.167  1.00 30.15 ? 8   MVA D CB    1 
HETATM 337 C  CG1   . MVA C 3 8 ? 3.273   -9.663  -8.230  1.00 25.59 ? 8   MVA D CG1   1 
HETATM 338 C  CG2   . MVA C 3 8 ? 5.452   -8.909  -9.307  1.00 36.89 ? 8   MVA D CG2   1 
HETATM 339 C  C     . MVA C 3 8 ? 6.888   -9.132  -6.891  1.00 28.41 ? 8   MVA D C     1 
HETATM 340 O  O     . MVA C 3 8 ? 7.730   -10.215 -6.575  1.00 30.32 ? 8   MVA D O     1 
HETATM 341 N  N     . DSN D 3 1 ? -2.623  4.054   -0.857  1.00 21.71 ? 1   DSN F N     1 
HETATM 342 C  CA    . DSN D 3 1 ? -1.320  4.432   -0.425  1.00 19.68 ? 1   DSN F CA    1 
HETATM 343 C  C     . DSN D 3 1 ? -1.367  5.535   0.613   1.00 20.39 ? 1   DSN F C     1 
HETATM 344 O  O     . DSN D 3 1 ? -0.465  5.604   1.482   1.00 22.59 ? 1   DSN F O     1 
HETATM 345 C  CB    . DSN D 3 1 ? -0.709  3.206   0.198   1.00 21.32 ? 1   DSN F CB    1 
HETATM 346 O  OG    . DSN D 3 1 ? -1.719  2.596   0.970   1.00 18.42 ? 1   DSN F OG    1 
ATOM   347 N  N     . ALA D 3 2 ? -2.384  6.394   0.560   1.00 18.84 ? 2   ALA F N     1 
ATOM   348 C  CA    . ALA D 3 2 ? -2.532  7.458   1.551   1.00 22.99 ? 2   ALA F CA    1 
ATOM   349 C  C     . ALA D 3 2 ? -2.880  6.857   2.907   1.00 19.89 ? 2   ALA F C     1 
ATOM   350 O  O     . ALA D 3 2 ? -3.462  5.773   2.978   1.00 19.30 ? 2   ALA F O     1 
ATOM   351 C  CB    . ALA D 3 2 ? -3.598  8.462   1.118   1.00 20.31 ? 2   ALA F CB    1 
HETATM 352 N  N     . N2C D 3 3 ? -2.476  7.534   4.022   1.00 20.82 ? 3   N2C F N     1 
HETATM 353 C  CA    . N2C D 3 3 ? -3.103  6.954   5.205   1.00 25.89 ? 3   N2C F CA    1 
HETATM 354 C  CB    . N2C D 3 3 ? -2.168  6.164   6.137   1.00 35.37 ? 3   N2C F CB    1 
HETATM 355 S  SG    . N2C D 3 3 ? -0.712  5.625   5.293   1.00 40.83 ? 3   N2C F SG    1 
HETATM 356 C  CD    . N2C D 3 3 ? 0.581   6.587   5.990   1.00 41.31 ? 3   N2C F CD    1 
HETATM 357 C  CN    . N2C D 3 3 ? -1.800  8.786   4.231   1.00 25.92 ? 3   N2C F CN    1 
HETATM 358 C  C     . N2C D 3 3 ? -3.768  8.058   6.028   1.00 25.78 ? 3   N2C F C     1 
HETATM 359 O  O     . N2C D 3 3 ? -3.264  8.556   7.040   1.00 31.26 ? 3   N2C F O     1 
HETATM 360 N  N     . MVA D 3 4 ? -4.970  8.440   5.600   1.00 22.11 ? 4   MVA F N     1 
HETATM 361 C  CN    . MVA D 3 4 ? -5.672  7.673   4.574   1.00 22.42 ? 4   MVA F CN    1 
HETATM 362 C  CA    . MVA D 3 4 ? -5.664  9.498   6.341   1.00 29.59 ? 4   MVA F CA    1 
HETATM 363 C  CB    . MVA D 3 4 ? -6.481  10.543  5.549   1.00 37.82 ? 4   MVA F CB    1 
HETATM 364 C  CG1   . MVA D 3 4 ? -5.828  11.016  4.246   1.00 29.54 ? 4   MVA F CG1   1 
HETATM 365 C  CG2   . MVA D 3 4 ? -7.946  10.151  5.360   1.00 43.08 ? 4   MVA F CG2   1 
HETATM 366 C  C     . MVA D 3 4 ? -6.476  8.950   7.490   1.00 31.75 ? 4   MVA F C     1 
HETATM 367 O  O     . MVA D 3 4 ? -6.244  9.491   8.770   1.00 33.83 ? 4   MVA F O     1 
HETATM 368 N  N     . DSN D 3 5 ? -9.130  6.235   6.697   1.00 21.93 ? 5   DSN F N     1 
HETATM 369 C  CA    . DSN D 3 5 ? -8.475  5.883   7.913   1.00 25.21 ? 5   DSN F CA    1 
HETATM 370 C  C     . DSN D 3 5 ? -7.452  4.780   7.710   1.00 20.83 ? 5   DSN F C     1 
HETATM 371 O  O     . DSN D 3 5 ? -6.437  4.735   8.450   1.00 21.04 ? 5   DSN F O     1 
HETATM 372 C  CB    . DSN D 3 5 ? -7.769  7.113   8.432   1.00 26.53 ? 5   DSN F CB    1 
HETATM 373 O  OG    . DSN D 3 5 ? -7.153  7.764   7.341   1.00 25.47 ? 5   DSN F OG    1 
ATOM   374 N  N     . ALA D 3 6 ? -7.677  3.904   6.733   1.00 21.38 ? 6   ALA F N     1 
ATOM   375 C  CA    . ALA D 3 6 ? -6.729  2.834   6.423   1.00 19.73 ? 6   ALA F CA    1 
ATOM   376 C  C     . ALA D 3 6 ? -5.418  3.401   5.893   1.00 27.82 ? 6   ALA F C     1 
ATOM   377 O  O     . ALA D 3 6 ? -5.411  4.441   5.232   1.00 19.59 ? 6   ALA F O     1 
ATOM   378 C  CB    . ALA D 3 6 ? -7.329  1.864   5.421   1.00 19.55 ? 6   ALA F CB    1 
HETATM 379 N  N     . NCY D 3 7 ? -4.369  2.561   5.920   1.00 27.90 ? 7   NCY F N     1 
HETATM 380 C  CA    . NCY D 3 7 ? -3.215  3.170   5.282   1.00 22.60 ? 7   NCY F CA    1 
HETATM 381 C  CB    . NCY D 3 7 ? -2.137  3.556   6.302   1.00 26.24 ? 7   NCY F CB    1 
HETATM 382 S  SG    . NCY D 3 7 ? -2.547  4.869   7.416   1.00 36.91 ? 7   NCY F SG    1 
HETATM 383 C  CN    . NCY D 3 7 ? -4.052  1.313   6.567   1.00 26.68 ? 7   NCY F CN    1 
HETATM 384 C  C     . NCY D 3 7 ? -2.543  2.162   4.351   1.00 21.14 ? 7   NCY F C     1 
HETATM 385 O  O     . NCY D 3 7 ? -1.420  1.704   4.566   1.00 24.56 ? 7   NCY F O     1 
HETATM 386 N  N     . MVA D 3 8 ? -3.227  1.795   3.272   1.00 25.12 ? 8   MVA F N     1 
HETATM 387 C  CN    . MVA D 3 8 ? -4.397  2.504   2.768   1.00 19.57 ? 8   MVA F CN    1 
HETATM 388 C  CA    . MVA D 3 8 ? -2.648  0.776   2.405   1.00 23.80 ? 8   MVA F CA    1 
HETATM 389 C  CB    . MVA D 3 8 ? -3.683  0.038   1.564   1.00 19.50 ? 8   MVA F CB    1 
HETATM 390 C  CG1   . MVA D 3 8 ? -2.976  -0.711  0.444   1.00 24.01 ? 8   MVA F CG1   1 
HETATM 391 C  CG2   . MVA D 3 8 ? -4.528  -0.923  2.396   1.00 23.71 ? 8   MVA F CG2   1 
HETATM 392 C  C     . MVA D 3 8 ? -1.560  1.359   1.539   1.00 24.99 ? 8   MVA F C     1 
HETATM 393 O  O     . MVA D 3 8 ? -0.312  0.713   1.509   1.00 28.24 ? 8   MVA F O     1 
HETATM 394 MG MG    . MG  E 4 . ? -14.864 2.301   2.630   1.00 24.42 ? 101 MG  A MG    1 
HETATM 395 MN MN    . MN  F 5 . ? -7.753  7.913   -5.748  1.00 11.54 ? 101 MN  B MN    1 
HETATM 396 MG MG    . MG  G 4 . ? 8.170   0.801   -12.861 1.00 23.38 ? 102 MG  B MG    1 
HETATM 397 N  N1    . QUI H 6 . ? 6.711   -5.701  -10.599 1.00 17.08 ? 101 QUI D N1    1 
HETATM 398 C  C2    . QUI H 6 . ? 7.744   -4.864  -10.604 1.00 11.34 ? 101 QUI D C2    1 
HETATM 399 C  C3    . QUI H 6 . ? 7.983   -4.012  -11.683 1.00 15.51 ? 101 QUI D C3    1 
HETATM 400 N  N4    . QUI H 6 . ? 7.169   -4.013  -12.747 1.00 22.60 ? 101 QUI D N4    1 
HETATM 401 C  C5    . QUI H 6 . ? 5.253   -4.864  -13.860 1.00 21.85 ? 101 QUI D C5    1 
HETATM 402 C  C6    . QUI H 6 . ? 4.180   -5.722  -13.863 1.00 9.18  ? 101 QUI D C6    1 
HETATM 403 C  C7    . QUI H 6 . ? 3.957   -6.580  -12.790 1.00 6.59  ? 101 QUI D C7    1 
HETATM 404 C  C8    . QUI H 6 . ? 4.795   -6.568  -11.693 1.00 16.50 ? 101 QUI D C8    1 
HETATM 405 C  C9    . QUI H 6 . ? 5.886   -5.699  -11.680 1.00 14.50 ? 101 QUI D C9    1 
HETATM 406 C  C10   . QUI H 6 . ? 6.114   -4.854  -12.750 1.00 21.81 ? 101 QUI D C10   1 
HETATM 407 C  C     . QUI H 6 . ? 8.580   -5.002  -9.303  1.00 19.07 ? 101 QUI D C     1 
HETATM 408 O  O1    . QUI H 6 . ? 9.643   -4.329  -9.263  1.00 19.04 ? 101 QUI D O1    1 
HETATM 409 N  N1    . QUI I 6 . ? -0.237  -0.274  -5.954  1.00 13.37 ? 102 QUI D N1    1 
HETATM 410 C  C2    . QUI I 6 . ? -1.354  -0.942  -6.194  1.00 9.88  ? 102 QUI D C2    1 
HETATM 411 C  C3    . QUI I 6 . ? -2.160  -0.609  -7.297  1.00 12.24 ? 102 QUI D C3    1 
HETATM 412 N  N4    . QUI I 6 . ? -1.781  0.390   -8.104  1.00 17.27 ? 102 QUI D N4    1 
HETATM 413 C  C5    . QUI I 6 . ? -0.244  2.126   -8.701  1.00 11.80 ? 102 QUI D C5    1 
HETATM 414 C  C6    . QUI I 6 . ? 0.920   2.819   -8.445  1.00 22.06 ? 102 QUI D C6    1 
HETATM 415 C  C7    . QUI I 6 . ? 1.715   2.483   -7.350  1.00 16.22 ? 102 QUI D C7    1 
HETATM 416 C  C8    . QUI I 6 . ? 1.321   1.453   -6.517  1.00 13.72 ? 102 QUI D C8    1 
HETATM 417 C  C9    . QUI I 6 . ? 0.146   0.735   -6.772  1.00 9.10  ? 102 QUI D C9    1 
HETATM 418 C  C10   . QUI I 6 . ? -0.645  1.074   -7.852  1.00 15.99 ? 102 QUI D C10   1 
HETATM 419 C  C     . QUI I 6 . ? -1.560  -2.033  -5.117  1.00 15.99 ? 102 QUI D C     1 
HETATM 420 O  O1    . QUI I 6 . ? -2.610  -2.718  -5.102  1.00 15.89 ? 102 QUI D O1    1 
HETATM 421 N  N1    . QUI J 6 . ? -4.853  2.788   -1.933  1.00 13.48 ? 101 QUI F N1    1 
HETATM 422 C  C2    . QUI J 6 . ? -4.398  3.766   -2.688  1.00 10.38 ? 101 QUI F C2    1 
HETATM 423 C  C3    . QUI J 6 . ? -5.074  4.149   -3.859  1.00 14.09 ? 101 QUI F C3    1 
HETATM 424 N  N4    . QUI J 6 . ? -6.203  3.515   -4.199  1.00 15.45 ? 101 QUI F N4    1 
HETATM 425 C  C5    . QUI J 6 . ? -7.855  1.842   -3.796  1.00 10.51 ? 101 QUI F C5    1 
HETATM 426 C  C6    . QUI J 6 . ? -8.325  0.815   -3.006  1.00 20.95 ? 101 QUI F C6    1 
HETATM 427 C  C7    . QUI J 6 . ? -7.642  0.449   -1.850  1.00 16.99 ? 101 QUI F C7    1 
HETATM 428 C  C8    . QUI J 6 . ? -6.479  1.101   -1.492  1.00 15.48 ? 101 QUI F C8    1 
HETATM 429 C  C9    . QUI J 6 . ? -5.992  2.141   -2.287  1.00 10.65 ? 101 QUI F C9    1 
HETATM 430 C  C10   . QUI J 6 . ? -6.669  2.508   -3.437  1.00 15.44 ? 101 QUI F C10   1 
HETATM 431 C  C     . QUI J 6 . ? -3.091  4.325   -2.076  1.00 15.98 ? 101 QUI F C     1 
HETATM 432 O  O1    . QUI J 6 . ? -2.442  5.186   -2.698  1.00 17.24 ? 101 QUI F O1    1 
HETATM 433 N  N1    . QUI K 6 . ? -10.560 7.497   4.761   1.00 17.22 ? 102 QUI F N1    1 
HETATM 434 C  C2    . QUI K 6 . ? -11.242 6.508   5.321   1.00 8.54  ? 102 QUI F C2    1 
HETATM 435 C  C3    . QUI K 6 . ? -12.501 6.137   4.847   1.00 15.77 ? 102 QUI F C3    1 
HETATM 436 N  N4    . QUI K 6 . ? -13.046 6.790   3.817   1.00 16.82 ? 102 QUI F N4    1 
HETATM 437 C  C5    . QUI K 6 . ? -12.913 8.496   2.154   1.00 23.63 ? 102 QUI F C5    1 
HETATM 438 C  C6    . QUI K 6 . ? -12.206 9.524   1.578   1.00 9.89  ? 102 QUI F C6    1 
HETATM 439 C  C7    . QUI K 6 . ? -10.950 9.883   2.066   1.00 10.35 ? 102 QUI F C7    1 
HETATM 440 C  C8    . QUI K 6 . ? -10.397 9.198   3.124   1.00 19.09 ? 102 QUI F C8    1 
HETATM 441 C  C9    . QUI K 6 . ? -11.114 8.157   3.715   1.00 12.93 ? 102 QUI F C9    1 
HETATM 442 C  C10   . QUI K 6 . ? -12.356 7.800   3.239   1.00 18.28 ? 102 QUI F C10   1 
HETATM 443 C  C     . QUI K 6 . ? -10.422 5.903   6.493   1.00 18.42 ? 102 QUI F C     1 
HETATM 444 O  O1    . QUI K 6 . ? -10.976 5.001   7.176   1.00 18.85 ? 102 QUI F O1    1 
HETATM 445 O  O     . HOH L 7 . ? -0.936  -13.506 -13.353 1.00 41.06 ? 201 HOH A O     1 
HETATM 446 O  O     . HOH L 7 . ? 6.942   -9.052  -19.828 1.00 39.94 ? 202 HOH A O     1 
HETATM 447 O  O     . HOH L 7 . ? -8.628  -6.575  1.514   1.00 35.02 ? 203 HOH A O     1 
HETATM 448 O  O     . HOH L 7 . ? -15.172 -2.481  10.251  1.00 44.89 ? 204 HOH A O     1 
HETATM 449 O  O     . HOH L 7 . ? 2.175   -1.552  -15.148 1.00 40.58 ? 205 HOH A O     1 
HETATM 450 O  O     . HOH L 7 . ? -4.093  -11.592 -10.560 1.00 34.05 ? 206 HOH A O     1 
HETATM 451 O  O     . HOH L 7 . ? -9.981  -4.493  -8.644  1.00 24.64 ? 207 HOH A O     1 
HETATM 452 O  O     . HOH L 7 . ? -2.058  -6.729  -14.081 1.00 17.96 ? 208 HOH A O     1 
HETATM 453 O  O     . HOH L 7 . ? -15.013 -0.159  3.877   1.00 44.04 ? 209 HOH A O     1 
HETATM 454 O  O     . HOH L 7 . ? -4.634  -10.461 -13.516 1.00 18.30 ? 210 HOH A O     1 
HETATM 455 O  O     . HOH L 7 . ? -15.405 1.000   6.501   1.00 34.07 ? 211 HOH A O     1 
HETATM 456 O  O     . HOH L 7 . ? -1.820  -2.812  -12.648 1.00 10.47 ? 212 HOH A O     1 
HETATM 457 O  O     . HOH L 7 . ? -7.282  -8.279  -10.682 1.00 30.55 ? 213 HOH A O     1 
HETATM 458 O  O     . HOH L 7 . ? 1.830   -16.002 -10.443 1.00 36.13 ? 214 HOH A O     1 
HETATM 459 O  O     . HOH L 7 . ? -8.234  3.413   10.940  1.00 39.88 ? 215 HOH A O     1 
HETATM 460 O  O     . HOH L 7 . ? -11.359 -5.110  -4.072  1.00 41.41 ? 216 HOH A O     1 
HETATM 461 O  O     . HOH L 7 . ? -5.436  -1.886  -10.370 1.00 18.45 ? 217 HOH A O     1 
HETATM 462 O  O     . HOH L 7 . ? -2.049  -13.358 -11.434 1.00 38.44 ? 218 HOH A O     1 
HETATM 463 O  O     . HOH L 7 . ? -3.006  -0.425  -11.149 1.00 19.31 ? 219 HOH A O     1 
HETATM 464 O  O     . HOH L 7 . ? -10.160 -6.059  3.696   1.00 37.55 ? 220 HOH A O     1 
HETATM 465 O  O     . HOH L 7 . ? -9.127  1.502   9.634   1.00 41.28 ? 221 HOH A O     1 
HETATM 466 O  O     . HOH L 7 . ? -3.242  -7.551  -3.437  1.00 27.54 ? 222 HOH A O     1 
HETATM 467 O  O     . HOH L 7 . ? -7.652  -1.443  7.813   1.00 34.12 ? 223 HOH A O     1 
HETATM 468 O  O     . HOH L 7 . ? -3.234  -8.845  -15.325 1.00 21.76 ? 224 HOH A O     1 
HETATM 469 O  O     . HOH L 7 . ? -11.883 -2.788  -7.533  1.00 38.13 ? 225 HOH A O     1 
HETATM 470 O  O     . HOH L 7 . ? -18.085 -2.372  8.738   0.50 52.55 ? 226 HOH A O     1 
HETATM 471 O  O     . HOH M 7 . ? 6.923   3.254   -10.531 1.00 47.03 ? 201 HOH B O     1 
HETATM 472 O  O     . HOH M 7 . ? 12.057  5.164   -5.856  1.00 35.53 ? 202 HOH B O     1 
HETATM 473 O  O     . HOH M 7 . ? 16.152  -0.042  -5.795  1.00 36.29 ? 203 HOH B O     1 
HETATM 474 O  O     . HOH M 7 . ? -4.104  15.256  -1.969  1.00 35.27 ? 204 HOH B O     1 
HETATM 475 O  O     . HOH M 7 . ? -1.644  10.193  -9.331  1.00 27.55 ? 205 HOH B O     1 
HETATM 476 O  O     . HOH M 7 . ? 3.150   10.796  -7.398  1.00 27.92 ? 206 HOH B O     1 
HETATM 477 O  O     . HOH M 7 . ? 5.951   1.080   -12.860 1.00 39.45 ? 207 HOH B O     1 
HETATM 478 O  O     . HOH M 7 . ? -16.673 12.801  -0.820  1.00 43.58 ? 208 HOH B O     1 
HETATM 479 O  O     . HOH M 7 . ? 12.507  -8.216  -5.769  1.00 41.80 ? 209 HOH B O     1 
HETATM 480 O  O     . HOH M 7 . ? 12.643  5.400   -8.628  1.00 42.47 ? 210 HOH B O     1 
HETATM 481 O  O     . HOH M 7 . ? -9.275  8.137   -4.319  1.00 11.34 ? 211 HOH B O     1 
HETATM 482 O  O     . HOH M 7 . ? -6.838  15.858  -3.976  1.00 20.03 ? 212 HOH B O     1 
HETATM 483 O  O     . HOH M 7 . ? -5.472  16.758  0.201   1.00 35.79 ? 213 HOH B O     1 
HETATM 484 O  O     . HOH M 7 . ? -0.635  13.293  -5.989  1.00 39.85 ? 214 HOH B O     1 
HETATM 485 O  O     . HOH M 7 . ? 9.730   2.861   -11.925 1.00 36.16 ? 215 HOH B O     1 
HETATM 486 O  O     . HOH M 7 . ? 12.121  0.418   -11.362 1.00 33.33 ? 216 HOH B O     1 
HETATM 487 O  O     . HOH M 7 . ? -17.364 13.819  3.070   1.00 45.58 ? 217 HOH B O     1 
HETATM 488 O  O     . HOH M 7 . ? -15.433 11.052  0.900   1.00 47.09 ? 218 HOH B O     1 
HETATM 489 O  O     . HOH M 7 . ? 2.782   9.110   -9.124  1.00 39.53 ? 219 HOH B O     1 
HETATM 490 O  O     . HOH M 7 . ? -4.839  17.712  4.684   1.00 40.38 ? 220 HOH B O     1 
HETATM 491 O  O     . HOH M 7 . ? 2.393   5.182   -0.824  1.00 43.52 ? 221 HOH B O     1 
HETATM 492 O  O     . HOH M 7 . ? 0.529   8.688   -0.863  1.00 34.84 ? 222 HOH B O     1 
HETATM 493 O  O     . HOH M 7 . ? -9.330  14.894  -3.954  1.00 19.31 ? 223 HOH B O     1 
HETATM 494 O  O     . HOH M 7 . ? -17.983 18.921  2.313   1.00 43.57 ? 224 HOH B O     1 
HETATM 495 O  O     . HOH M 7 . ? -0.480  8.583   -11.167 1.00 48.36 ? 225 HOH B O     1 
HETATM 496 O  O     . HOH M 7 . ? -3.142  16.852  -6.247  1.00 38.81 ? 226 HOH B O     1 
HETATM 497 O  O     . HOH M 7 . ? 6.042   -1.079  -16.214 1.00 50.10 ? 227 HOH B O     1 
HETATM 498 O  O     . HOH N 7 . ? 0.064   -7.265  -1.090  1.00 35.17 ? 201 HOH D O     1 
HETATM 499 O  O     . HOH N 7 . ? -3.757  1.402   -9.835  1.00 22.16 ? 202 HOH D O     1 
HETATM 500 O  O     . HOH N 7 . ? 7.625   -2.355  -14.996 1.00 31.30 ? 203 HOH D O     1 
HETATM 501 O  O     . HOH N 7 . ? 7.380   -3.818  1.743   1.00 37.93 ? 204 HOH D O     1 
HETATM 502 O  O     . HOH N 7 . ? 7.729   -0.821  0.935   1.00 32.91 ? 205 HOH D O     1 
HETATM 503 O  O     . HOH N 7 . ? 9.285   -2.392  0.893   1.00 46.84 ? 206 HOH D O     1 
HETATM 504 O  O     . HOH O 7 . ? 0.807   -1.545  2.861   1.00 36.35 ? 201 HOH F O     1 
HETATM 505 O  O     . HOH O 7 . ? -7.125  3.888   -6.897  1.00 20.91 ? 202 HOH F O     1 
HETATM 506 O  O     . HOH O 7 . ? 2.621   0.789   1.782   1.00 36.65 ? 203 HOH F O     1 
HETATM 507 O  O     . HOH O 7 . ? -15.597 5.679   2.838   1.00 33.29 ? 204 HOH F O     1 
HETATM 508 O  O     . HOH O 7 . ? 3.620   3.126   1.388   1.00 34.75 ? 205 HOH F O     1 
HETATM 509 O  O     . HOH O 7 . ? 3.170   -1.497  4.930   1.00 43.31 ? 206 HOH F O     1 
# 
loop_
_atom_site_anisotrop.id 
_atom_site_anisotrop.type_symbol 
_atom_site_anisotrop.pdbx_label_atom_id 
_atom_site_anisotrop.pdbx_label_alt_id 
_atom_site_anisotrop.pdbx_label_comp_id 
_atom_site_anisotrop.pdbx_label_asym_id 
_atom_site_anisotrop.pdbx_label_seq_id 
_atom_site_anisotrop.pdbx_PDB_ins_code 
_atom_site_anisotrop.U[1][1] 
_atom_site_anisotrop.U[2][2] 
_atom_site_anisotrop.U[3][3] 
_atom_site_anisotrop.U[1][2] 
_atom_site_anisotrop.U[1][3] 
_atom_site_anisotrop.U[2][3] 
_atom_site_anisotrop.pdbx_auth_seq_id 
_atom_site_anisotrop.pdbx_auth_comp_id 
_atom_site_anisotrop.pdbx_auth_asym_id 
_atom_site_anisotrop.pdbx_auth_atom_id 
1   P P     . DA  A 1 ? 0.8293 1.0867 0.9897 -0.0461 0.0517  -0.2025 1 DA  A P     
2   O OP1   . DA  A 1 ? 0.8371 1.1031 0.9801 -0.0428 0.0521  -0.1852 1 DA  A OP1   
3   O OP2   . DA  A 1 ? 0.8074 1.0670 1.0000 -0.0478 0.0542  -0.2293 1 DA  A OP2   
4   O "O5'" . DA  A 1 ? 0.5300 0.7530 0.6949 -0.0397 0.0491  -0.1864 1 DA  A "O5'" 
5   C "C5'" . DA  A 1 ? 0.3507 0.5544 0.5437 -0.0394 0.0483  -0.1997 1 DA  A "C5'" 
6   C "C4'" . DA  A 1 ? 0.2600 0.4307 0.4646 -0.0315 0.0458  -0.1839 1 DA  A "C4'" 
7   O "O4'" . DA  A 1 ? 0.2251 0.3939 0.4257 -0.0258 0.0458  -0.1724 1 DA  A "O4'" 
8   C "C3'" . DA  A 1 ? 0.2429 0.4013 0.4305 -0.0299 0.0449  -0.1620 1 DA  A "C3'" 
9   O "O3'" . DA  A 1 ? 0.2766 0.4055 0.4862 -0.0262 0.0424  -0.1575 1 DA  A "O3'" 
10  C "C2'" . DA  A 1 ? 0.2027 0.3674 0.3663 -0.0264 0.0443  -0.1405 1 DA  A "C2'" 
11  C "C1'" . DA  A 1 ? 0.1244 0.2838 0.3056 -0.0220 0.0441  -0.1466 1 DA  A "C1'" 
12  N N9    . DA  A 1 ? 0.1582 0.3342 0.3228 -0.0204 0.0448  -0.1355 1 DA  A N9    
13  C C8    . DA  A 1 ? 0.1499 0.3539 0.2943 -0.0251 0.0463  -0.1362 1 DA  A C8    
14  N N7    . DA  A 1 ? 0.1809 0.3939 0.3171 -0.0227 0.0460  -0.1233 1 DA  A N7    
15  C C5    . DA  A 1 ? 0.1900 0.3804 0.3419 -0.0158 0.0442  -0.1143 1 DA  A C5    
16  C C6    . DA  A 1 ? 0.1084 0.2964 0.2640 -0.0110 0.0424  -0.0991 1 DA  A C6    
17  N N6    . DA  A 1 ? 0.1088 0.3174 0.2520 -0.0122 0.0429  -0.0894 1 DA  A N6    
18  N N1    . DA  A 1 ? 0.1016 0.2644 0.2763 -0.0060 0.0386  -0.0936 1 DA  A N1    
19  C C2    . DA  A 1 ? 0.1031 0.2431 0.2924 -0.0058 0.0372  -0.1022 1 DA  A C2    
20  N N3    . DA  A 1 ? 0.1540 0.2943 0.3426 -0.0098 0.0394  -0.1160 1 DA  A N3    
21  C C4    . DA  A 1 ? 0.1148 0.2818 0.2840 -0.0147 0.0430  -0.1218 1 DA  A C4    
22  P P     . DC  A 2 ? 0.3288 0.4458 0.5387 -0.0284 0.0423  -0.1483 2 DC  A P     
23  O OP1   . DC  A 2 ? 0.4778 0.5657 0.7182 -0.0263 0.0380  -0.1493 2 DC  A OP1   
24  O OP2   . DC  A 2 ? 0.2823 0.4224 0.4783 -0.0345 0.0448  -0.1566 2 DC  A OP2   
25  O "O5'" . DC  A 2 ? 0.2730 0.3864 0.4579 -0.0259 0.0425  -0.1210 2 DC  A "O5'" 
26  C "C5'" . DC  A 2 ? 0.1285 0.2598 0.2863 -0.0285 0.0442  -0.1106 2 DC  A "C5'" 
27  C "C4'" . DC  A 2 ? 0.0939 0.2134 0.2383 -0.0256 0.0446  -0.0872 2 DC  A "C4'" 
28  O "O4'" . DC  A 2 ? 0.0885 0.2082 0.2243 -0.0207 0.0428  -0.0780 2 DC  A "O4'" 
29  C "C3'" . DC  A 2 ? 0.1353 0.2677 0.2580 -0.0275 0.0455  -0.0740 2 DC  A "C3'" 
30  O "O3'" . DC  A 2 ? 0.1385 0.2674 0.2696 -0.0318 0.0475  -0.0764 2 DC  A "O3'" 
31  C "C2'" . DC  A 2 ? 0.0833 0.2034 0.1946 -0.0225 0.0463  -0.0545 2 DC  A "C2'" 
32  C "C1'" . DC  A 2 ? 0.0813 0.1982 0.1992 -0.0189 0.0436  -0.0583 2 DC  A "C1'" 
33  N N1    . DC  A 2 ? 0.0781 0.2124 0.1799 -0.0171 0.0403  -0.0496 2 DC  A N1    
34  C C2    . DC  A 2 ? 0.0718 0.1999 0.1745 -0.0131 0.0382  -0.0405 2 DC  A C2    
35  O O2    . DC  A 2 ? 0.1104 0.2039 0.2141 -0.0098 0.0345  -0.0354 2 DC  A O2    
36  N N3    . DC  A 2 ? 0.0697 0.2128 0.1605 -0.0124 0.0346  -0.0314 2 DC  A N3    
37  C C4    . DC  A 2 ? 0.0935 0.2541 0.1729 -0.0159 0.0333  -0.0324 2 DC  A C4    
38  N N4    . DC  A 2 ? 0.0746 0.2469 0.1444 -0.0163 0.0292  -0.0238 2 DC  A N4    
39  C C5    . DC  A 2 ? 0.0944 0.2621 0.1730 -0.0204 0.0353  -0.0427 2 DC  A C5    
40  C C6    . DC  A 2 ? 0.0825 0.2374 0.1724 -0.0206 0.0387  -0.0508 2 DC  A C6    
41  P P     . DG  A 3 ? 0.1141 0.2547 0.2308 -0.0339 0.0482  -0.0632 3 DG  A P     
42  O OP1   . DG  A 3 ? 0.1283 0.2733 0.2595 -0.0403 0.0485  -0.0739 3 DG  A OP1   
43  O OP2   . DG  A 3 ? 0.1109 0.2697 0.2103 -0.0329 0.0447  -0.0570 3 DG  A OP2   
44  O "O5'" . DG  A 3 ? 0.1062 0.2267 0.2179 -0.0300 0.0527  -0.0453 3 DG  A "O5'" 
45  C "C5'" . DG  A 3 ? 0.1134 0.2058 0.2335 -0.0308 0.0542  -0.0444 3 DG  A "C5'" 
46  C "C4'" . DG  A 3 ? 0.1437 0.2087 0.2439 -0.0249 0.0557  -0.0258 3 DG  A "C4'" 
47  O "O4'" . DG  A 3 ? 0.1630 0.2212 0.2531 -0.0198 0.0518  -0.0230 3 DG  A "O4'" 
48  C "C3'" . DG  A 3 ? 0.1315 0.2075 0.2206 -0.0230 0.0618  -0.0127 3 DG  A "C3'" 
49  O "O3'" . DG  A 3 ? 0.1804 0.2460 0.2735 -0.0259 0.0667  -0.0078 3 DG  A "O3'" 
50  C "C2'" . DG  A 3 ? 0.1390 0.1955 0.2070 -0.0156 0.0611  -0.0002 3 DG  A "C2'" 
51  C "C1'" . DG  A 3 ? 0.0975 0.1530 0.1683 -0.0148 0.0537  -0.0080 3 DG  A "C1'" 
52  N N9    . DG  A 3 ? 0.1216 0.2068 0.1927 -0.0142 0.0516  -0.0094 3 DG  A N9    
53  C C8    . DG  A 3 ? 0.1219 0.2382 0.1966 -0.0169 0.0514  -0.0104 3 DG  A C8    
54  N N7    . DG  A 3 ? 0.0754 0.2029 0.1443 -0.0156 0.0455  -0.0084 3 DG  A N7    
55  C C5    . DG  A 3 ? 0.0720 0.1908 0.1404 -0.0130 0.0452  -0.0078 3 DG  A C5    
56  C C6    . DG  A 3 ? 0.0681 0.1935 0.1328 -0.0112 0.0396  -0.0042 3 DG  A C6    
57  O O6    . DG  A 3 ? 0.0684 0.2076 0.1276 -0.0124 0.0340  -0.0023 3 DG  A O6    
58  N N1    . DG  A 3 ? 0.0737 0.1701 0.1354 -0.0070 0.0361  -0.0009 3 DG  A N1    
59  C C2    . DG  A 3 ? 0.0848 0.1452 0.1438 -0.0055 0.0362  -0.0007 3 DG  A C2    
60  N N2    . DG  A 3 ? 0.1353 0.1676 0.1904 -0.0025 0.0295  0.0044  3 DG  A N2    
61  N N3    . DG  A 3 ? 0.1117 0.1644 0.1721 -0.0076 0.0413  -0.0036 3 DG  A N3    
62  C C4    . DG  A 3 ? 0.1229 0.2067 0.1892 -0.0110 0.0462  -0.0073 3 DG  A C4    
63  P P     . DA  A 4 ? 0.2230 0.2953 0.3099 -0.0236 0.0749  0.0059  4 DA  A P     
64  O OP1   . DA  A 4 ? 0.2815 0.3525 0.3821 -0.0297 0.0780  0.0057  4 DA  A OP1   
65  O OP2   . DA  A 4 ? 0.1238 0.2236 0.2069 -0.0208 0.0691  0.0083  4 DA  A OP2   
66  O "O5'" . DA  A 4 ? 0.2841 0.3233 0.3476 -0.0170 0.0787  0.0179  4 DA  A "O5'" 
67  C "C5'" . DA  A 4 ? 0.2336 0.2412 0.2899 -0.0192 0.0770  0.0190  4 DA  A "C5'" 
68  C "C4'" . DA  A 4 ? 0.1483 0.1264 0.1772 -0.0136 0.0782  0.0290  4 DA  A "C4'" 
69  O "O4'" . DA  A 4 ? 0.2963 0.2737 0.3183 -0.0090 0.0706  0.0272  4 DA  A "O4'" 
70  C "C3'" . DA  A 4 ? 0.2074 0.1861 0.2225 -0.0077 0.0854  0.0369  4 DA  A "C3'" 
71  O "O3'" . DA  A 4 ? 0.2976 0.2646 0.3076 -0.0104 0.0900  0.0406  4 DA  A "O3'" 
72  C "C2'" . DA  A 4 ? 0.2637 0.2209 0.2553 -0.0011 0.0806  0.0404  4 DA  A "C2'" 
73  C "C1'" . DA  A 4 ? 0.2601 0.2258 0.2609 -0.0021 0.0737  0.0365  4 DA  A "C1'" 
74  N N9    . DA  A 4 ? 0.1936 0.1878 0.2029 0.0016  0.0728  0.0363  4 DA  A N9    
75  C C8    . DA  A 4 ? 0.1267 0.1542 0.1539 -0.0008 0.0723  0.0318  4 DA  A C8    
76  N N7    . DA  A 4 ? 0.2018 0.2479 0.2311 0.0013  0.0663  0.0328  4 DA  A N7    
77  C C5    . DA  A 4 ? 0.1612 0.1872 0.1755 0.0067  0.0636  0.0389  4 DA  A C5    
78  C C6    . DA  A 4 ? 0.2837 0.3154 0.2944 0.0105  0.0566  0.0445  4 DA  A C6    
79  N N6    . DA  A 4 ? 0.3000 0.3596 0.3223 0.0091  0.0512  0.0448  4 DA  A N6    
80  N N1    . DA  A 4 ? 0.3915 0.3959 0.3854 0.0146  0.0524  0.0498  4 DA  A N1    
81  C C2    . DA  A 4 ? 0.3388 0.3112 0.3188 0.0139  0.0532  0.0482  4 DA  A C2    
82  N N3    . DA  A 4 ? 0.2062 0.1696 0.1874 0.0097  0.0604  0.0447  4 DA  A N3    
83  C C4    . DA  A 4 ? 0.1631 0.1556 0.1632 0.0068  0.0668  0.0406  4 DA  A C4    
84  P P     . DC  A 5 ? 0.3015 0.2787 0.3091 -0.0059 0.0959  0.0436  5 DC  A P     
85  O OP1   . DC  A 5 ? 0.3628 0.3314 0.3684 -0.0115 0.1008  0.0474  5 DC  A OP1   
86  O OP2   . DC  A 5 ? 0.3280 0.3360 0.3546 -0.0047 0.0942  0.0410  5 DC  A OP2   
87  O "O5'" . DC  A 5 ? 0.2902 0.2486 0.2744 0.0025  0.0953  0.0453  5 DC  A "O5'" 
88  C "C5'" . DC  A 5 ? 0.2589 0.1883 0.2195 0.0017  0.0930  0.0466  5 DC  A "C5'" 
89  C "C4'" . DC  A 5 ? 0.2422 0.1594 0.1847 0.0090  0.0970  0.0468  5 DC  A "C4'" 
90  O "O4'" . DC  A 5 ? 0.2845 0.2062 0.2291 0.0162  0.0932  0.0458  5 DC  A "O4'" 
91  C "C3'" . DC  A 5 ? 0.2689 0.1971 0.2173 0.0115  0.1083  0.0482  5 DC  A "C3'" 
92  O "O3'" . DC  A 5 ? 0.2966 0.2148 0.2338 0.0055  0.1131  0.0505  5 DC  A "O3'" 
93  C "C2'" . DC  A 5 ? 0.3186 0.2365 0.2555 0.0211  0.1118  0.0473  5 DC  A "C2'" 
94  C "C1'" . DC  A 5 ? 0.2388 0.1560 0.1771 0.0238  0.1011  0.0465  5 DC  A "C1'" 
95  N N1    . DC  A 5 ? 0.2269 0.1663 0.1853 0.0289  0.1008  0.0484  5 DC  A N1    
96  C C2    . DC  A 5 ? 0.2491 0.1829 0.2028 0.0351  0.0958  0.0499  5 DC  A C2    
97  O O2    . DC  A 5 ? 0.2228 0.1335 0.1557 0.0358  0.0906  0.0480  5 DC  A O2    
98  N N3    . DC  A 5 ? 0.1879 0.1440 0.1614 0.0387  0.0946  0.0539  5 DC  A N3    
99  C C4    . DC  A 5 ? 0.1862 0.1686 0.1822 0.0356  0.0967  0.0546  5 DC  A C4    
100 N N4    . DC  A 5 ? 0.1699 0.1743 0.1850 0.0380  0.0934  0.0592  5 DC  A N4    
101 C C5    . DC  A 5 ? 0.2280 0.2152 0.2279 0.0293  0.1012  0.0515  5 DC  A C5    
102 C C6    . DC  A 5 ? 0.2720 0.2379 0.2535 0.0264  0.1037  0.0493  5 DC  A C6    
103 P P     . DG  A 6 ? 0.3359 0.2685 0.2814 0.0048  0.1251  0.0531  6 DG  A P     
104 O OP1   . DG  A 6 ? 0.4670 0.3998 0.4138 -0.0058 0.1244  0.0575  6 DG  A OP1   
105 O OP2   . DG  A 6 ? 0.3595 0.3167 0.3294 0.0099  0.1281  0.0524  6 DG  A OP2   
106 O "O5'" . DG  A 6 ? 0.4091 0.3216 0.3284 0.0097  0.1333  0.0521  6 DG  A "O5'" 
107 C "C5'" . DG  A 6 ? 0.3802 0.2668 0.2716 0.0057  0.1286  0.0520  6 DG  A "C5'" 
108 C "C4'" . DG  A 6 ? 0.3648 0.2312 0.2332 0.0134  0.1337  0.0481  6 DG  A "C4'" 
109 O "O4'" . DG  A 6 ? 0.3741 0.2394 0.2496 0.0216  0.1278  0.0454  6 DG  A "O4'" 
110 C "C3'" . DG  A 6 ? 0.3522 0.2250 0.2203 0.0184  0.1499  0.0472  6 DG  A "C3'" 
111 O "O3'" . DG  A 6 ? 0.4098 0.2717 0.2539 0.0116  0.1563  0.0485  6 DG  A "O3'" 
112 C "C2'" . DG  A 6 ? 0.4108 0.2691 0.2706 0.0295  0.1522  0.0429  6 DG  A "C2'" 
113 C "C1'" . DG  A 6 ? 0.3656 0.2258 0.2370 0.0313  0.1378  0.0434  6 DG  A "C1'" 
114 N N9    . DG  A 6 ? 0.3439 0.2287 0.2457 0.0370  0.1381  0.0451  6 DG  A N9    
115 C C8    . DG  A 6 ? 0.3419 0.2546 0.2706 0.0361  0.1436  0.0473  6 DG  A C8    
116 N N7    . DG  A 6 ? 0.2844 0.2154 0.2363 0.0406  0.1401  0.0490  6 DG  A N7    
117 C C5    . DG  A 6 ? 0.3110 0.2263 0.2512 0.0452  0.1330  0.0488  6 DG  A C5    
118 C C6    . DG  A 6 ? 0.3468 0.2729 0.3017 0.0504  0.1266  0.0520  6 DG  A C6    
119 O O6    . DG  A 6 ? 0.2670 0.2195 0.2491 0.0514  0.1252  0.0555  6 DG  A O6    
120 N N1    . DG  A 6 ? 0.2515 0.1552 0.1860 0.0539  0.1204  0.0517  6 DG  A N1    
121 C C2    . DG  A 6 ? 0.3566 0.2306 0.2605 0.0516  0.1185  0.0474  6 DG  A C2    
122 N N2    . DG  A 6 ? 0.2738 0.1321 0.1630 0.0541  0.1089  0.0461  6 DG  A N2    
123 N N3    . DG  A 6 ? 0.3083 0.1724 0.1983 0.0458  0.1235  0.0446  6 DG  A N3    
124 C C4    . DG  A 6 ? 0.3013 0.1874 0.2107 0.0432  0.1313  0.0460  6 DG  A C4    
125 P P     . DT  A 7 ? 0.4209 0.2903 0.2601 0.0144  0.1748  0.0471  7 DT  A P     
126 O OP1   . DT  A 7 ? 0.4834 0.3550 0.3091 0.0026  0.1772  0.0526  7 DT  A OP1   
127 O OP2   . DT  A 7 ? 0.3953 0.2905 0.2666 0.0214  0.1824  0.0467  7 DT  A OP2   
128 O "O5'" . DT  A 7 ? 0.4518 0.2920 0.2601 0.0211  0.1790  0.0403  7 DT  A "O5'" 
129 C "C5'" . DT  A 7 ? 0.4762 0.2873 0.2535 0.0159  0.1683  0.0397  7 DT  A "C5'" 
130 C "C4'" . DT  A 7 ? 0.5412 0.3252 0.2949 0.0243  0.1709  0.0327  7 DT  A "C4'" 
131 O "O4'" . DT  A 7 ? 0.5273 0.3139 0.3013 0.0342  0.1656  0.0320  7 DT  A "O4'" 
132 C "C3'" . DT  A 7 ? 0.5116 0.2964 0.2560 0.0301  0.1898  0.0268  7 DT  A "C3'" 
133 O "O3'" . DT  A 7 ? 0.6096 0.3807 0.3196 0.0216  0.1948  0.0253  7 DT  A "O3'" 
134 C "C2'" . DT  A 7 ? 0.5158 0.2808 0.2542 0.0416  0.1889  0.0213  7 DT  A "C2'" 
135 C "C1'" . DT  A 7 ? 0.4709 0.2468 0.2378 0.0447  0.1758  0.0267  7 DT  A "C1'" 
136 N N1    . DT  A 7 ? 0.4465 0.2514 0.2516 0.0530  0.1827  0.0280  7 DT  A N1    
137 C C2    . DT  A 7 ? 0.4375 0.2384 0.2524 0.0633  0.1809  0.0275  7 DT  A C2    
138 O O2    . DT  A 7 ? 0.4494 0.2226 0.2411 0.0665  0.1743  0.0259  7 DT  A O2    
139 N N3    . DT  A 7 ? 0.4153 0.2461 0.2683 0.0691  0.1858  0.0297  7 DT  A N3    
140 C C4    . DT  A 7 ? 0.4026 0.2639 0.2826 0.0656  0.1917  0.0321  7 DT  A C4    
141 O O4    . DT  A 7 ? 0.3846 0.2704 0.2983 0.0705  0.1941  0.0345  7 DT  A O4    
142 C C5    . DT  A 7 ? 0.4497 0.3125 0.3161 0.0552  0.1940  0.0325  7 DT  A C5    
143 C C7    . DT  A 7 ? 0.4034 0.2973 0.2956 0.0506  0.1998  0.0360  7 DT  A C7    
144 C C6    . DT  A 7 ? 0.4343 0.2701 0.2650 0.0494  0.1895  0.0308  7 DT  A C6    
145 P P     . DA  B 1 ? 0.8811 0.8146 0.8833 0.1048  0.1543  0.1078  1 DA  B P     
146 O OP1   . DA  B 1 ? 0.8375 0.7418 0.8275 0.1183  0.1708  0.1150  1 DA  B OP1   
147 O OP2   . DA  B 1 ? 0.8325 0.8100 0.8524 0.0982  0.1359  0.1105  1 DA  B OP2   
148 O "O5'" . DA  B 1 ? 0.6553 0.5650 0.6374 0.0892  0.1529  0.0874  1 DA  B "O5'" 
149 C "C5'" . DA  B 1 ? 0.5168 0.3764 0.4724 0.0901  0.1687  0.0800  1 DA  B "C5'" 
150 C "C4'" . DA  B 1 ? 0.4546 0.2962 0.3903 0.0732  0.1639  0.0613  1 DA  B "C4'" 
151 O "O4'" . DA  B 1 ? 0.4190 0.2675 0.3501 0.0702  0.1577  0.0569  1 DA  B "O4'" 
152 C "C3'" . DA  B 1 ? 0.4209 0.2882 0.3683 0.0592  0.1503  0.0538  1 DA  B "C3'" 
153 O "O3'" . DA  B 1 ? 0.4763 0.3122 0.4006 0.0453  0.1523  0.0387  1 DA  B "O3'" 
154 C "C2'" . DA  B 1 ? 0.3267 0.2329 0.2900 0.0562  0.1351  0.0545  1 DA  B "C2'" 
155 C "C1'" . DA  B 1 ? 0.2747 0.1585 0.2200 0.0594  0.1408  0.0514  1 DA  B "C1'" 
156 N N9    . DA  B 1 ? 0.2558 0.1713 0.2155 0.0643  0.1330  0.0595  1 DA  B N9    
157 C C8    . DA  B 1 ? 0.3087 0.2521 0.2890 0.0749  0.1311  0.0750  1 DA  B C8    
158 N N7    . DA  B 1 ? 0.2725 0.2395 0.2602 0.0751  0.1233  0.0791  1 DA  B N7    
159 C C5    . DA  B 1 ? 0.3136 0.2679 0.2848 0.0649  0.1203  0.0655  1 DA  B C5    
160 C C6    . DA  B 1 ? 0.2215 0.1878 0.1891 0.0594  0.1127  0.0625  1 DA  B C6    
161 N N6    . DA  B 1 ? 0.2227 0.2188 0.2047 0.0631  0.1062  0.0730  1 DA  B N6    
162 N N1    . DA  B 1 ? 0.2296 0.1742 0.1765 0.0488  0.1115  0.0486  1 DA  B N1    
163 C C2    . DA  B 1 ? 0.2446 0.1567 0.1751 0.0432  0.1171  0.0377  1 DA  B C2    
164 N N3    . DA  B 1 ? 0.3041 0.2030 0.2366 0.0467  0.1246  0.0390  1 DA  B N3    
165 C C4    . DA  B 1 ? 0.2472 0.1689 0.2007 0.0583  0.1262  0.0534  1 DA  B C4    
166 P P     . DC  B 2 ? 0.5181 0.3613 0.4488 0.0308  0.1446  0.0320  2 DC  B P     
167 O OP1   . DC  B 2 ? 0.7063 0.5111 0.6134 0.0162  0.1391  0.0164  2 DC  B OP1   
168 O OP2   . DC  B 2 ? 0.4911 0.3479 0.4369 0.0390  0.1500  0.0443  2 DC  B OP2   
169 O "O5'" . DC  B 2 ? 0.4103 0.3000 0.3655 0.0241  0.1249  0.0281  2 DC  B "O5'" 
170 C "C5'" . DC  B 2 ? 0.2206 0.1484 0.1997 0.0255  0.1212  0.0364  2 DC  B "C5'" 
171 C "C4'" . DC  B 2 ? 0.2126 0.1685 0.2061 0.0142  0.1017  0.0256  2 DC  B "C4'" 
172 O "O4'" . DC  B 2 ? 0.1769 0.1467 0.1720 0.0163  0.0941  0.0253  2 DC  B "O4'" 
173 C "C3'" . DC  B 2 ? 0.1797 0.1725 0.1940 0.0130  0.0977  0.0318  2 DC  B "C3'" 
174 O "O3'" . DC  B 2 ? 0.1971 0.1830 0.2128 0.0063  0.1001  0.0286  2 DC  B "O3'" 
175 C "C2'" . DC  B 2 ? 0.1415 0.1565 0.1651 0.0053  0.0800  0.0210  2 DC  B "C2'" 
176 C "C1'" . DC  B 2 ? 0.1481 0.1500 0.1600 0.0094  0.0786  0.0204  2 DC  B "C1'" 
177 N N1    . DC  B 2 ? 0.1328 0.1615 0.1518 0.0158  0.0764  0.0319  2 DC  B N1    
178 C C2    . DC  B 2 ? 0.1271 0.1591 0.1423 0.0123  0.0644  0.0257  2 DC  B C2    
179 O O2    . DC  B 2 ? 0.1419 0.1555 0.1494 0.0047  0.0558  0.0112  2 DC  B O2    
180 N N3    . DC  B 2 ? 0.1129 0.1692 0.1334 0.0161  0.0614  0.0368  2 DC  B N3    
181 C C4    . DC  B 2 ? 0.1121 0.1819 0.1394 0.0215  0.0627  0.0495  2 DC  B C4    
182 N N4    . DC  B 2 ? 0.1049 0.1915 0.1349 0.0228  0.0539  0.0576  2 DC  B N4    
183 C C5    . DC  B 2 ? 0.1276 0.1906 0.1576 0.0247  0.0695  0.0534  2 DC  B C5    
184 C C6    . DC  B 2 ? 0.1311 0.1755 0.1570 0.0221  0.0779  0.0455  2 DC  B C6    
185 P P     . DG  B 3 ? 0.1905 0.2085 0.2230 0.0029  0.0972  0.0339  3 DG  B P     
186 O OP1   . DG  B 3 ? 0.2088 0.2084 0.2357 0.0007  0.1065  0.0370  3 DG  B OP1   
187 O OP2   . DG  B 3 ? 0.1617 0.2034 0.1996 0.0095  0.0889  0.0436  3 DG  B OP2   
188 O "O5'" . DG  B 3 ? 0.1632 0.1968 0.2060 -0.0090 0.0837  0.0177  3 DG  B "O5'" 
189 C "C5'" . DG  B 3 ? 0.1716 0.1857 0.2102 -0.0184 0.0795  0.0047  3 DG  B "C5'" 
190 C "C4'" . DG  B 3 ? 0.1596 0.1914 0.2106 -0.0254 0.0645  -0.0090 3 DG  B "C4'" 
191 O "O4'" . DG  B 3 ? 0.1790 0.2107 0.2260 -0.0210 0.0572  -0.0106 3 DG  B "O4'" 
192 C "C3'" . DG  B 3 ? 0.1835 0.2491 0.2510 -0.0275 0.0618  -0.0095 3 DG  B "C3'" 
193 O "O3'" . DG  B 3 ? 0.1980 0.2665 0.2733 -0.0361 0.0628  -0.0154 3 DG  B "O3'" 
194 C "C2'" . DG  B 3 ? 0.1645 0.2434 0.2385 -0.0277 0.0485  -0.0188 3 DG  B "C2'" 
195 C "C1'" . DG  B 3 ? 0.1117 0.1716 0.1717 -0.0220 0.0474  -0.0148 3 DG  B "C1'" 
196 N N9    . DG  B 3 ? 0.1343 0.2078 0.1917 -0.0142 0.0498  -0.0026 3 DG  B N9    
197 C C8    . DG  B 3 ? 0.1116 0.2024 0.1721 -0.0103 0.0579  0.0114  3 DG  B C8    
198 N N7    . DG  B 3 ? 0.0869 0.1861 0.1437 -0.0050 0.0557  0.0211  3 DG  B N7    
199 C C5    . DG  B 3 ? 0.1173 0.2079 0.1696 -0.0050 0.0484  0.0141  3 DG  B C5    
200 C C6    . DG  B 3 ? 0.0793 0.1753 0.1266 -0.0015 0.0433  0.0202  3 DG  B C6    
201 O O6    . DG  B 3 ? 0.0853 0.1923 0.1311 0.0024  0.0428  0.0329  3 DG  B O6    
202 N N1    . DG  B 3 ? 0.0820 0.1615 0.1226 -0.0047 0.0341  0.0081  3 DG  B N1    
203 C C2    . DG  B 3 ? 0.0882 0.1486 0.1278 -0.0105 0.0297  -0.0065 3 DG  B C2    
204 N N2    . DG  B 3 ? 0.1330 0.1789 0.1651 -0.0141 0.0194  -0.0151 3 DG  B N2    
205 N N3    . DG  B 3 ? 0.1261 0.1828 0.1716 -0.0140 0.0339  -0.0115 3 DG  B N3    
206 C C4    . DG  B 3 ? 0.1523 0.2245 0.2035 -0.0108 0.0437  -0.0011 3 DG  B C4    
207 P P     . DT  B 4 ? 0.2167 0.3151 0.3065 -0.0398 0.0609  -0.0184 4 DT  B P     
208 O OP1   . DT  B 4 ? 0.3175 0.4108 0.4094 -0.0476 0.0666  -0.0184 4 DT  B OP1   
209 O OP2   . DT  B 4 ? 0.1424 0.2528 0.2265 -0.0321 0.0600  -0.0068 4 DT  B OP2   
210 O "O5'" . DT  B 4 ? 0.2088 0.3143 0.3090 -0.0418 0.0475  -0.0328 4 DT  B "O5'" 
211 C "C5'" . DT  B 4 ? 0.1825 0.2765 0.2892 -0.0488 0.0422  -0.0423 4 DT  B "C5'" 
212 C "C4'" . DT  B 4 ? 0.1124 0.2104 0.2251 -0.0461 0.0278  -0.0517 4 DT  B "C4'" 
213 O "O4'" . DT  B 4 ? 0.2297 0.3260 0.3358 -0.0410 0.0236  -0.0509 4 DT  B "O4'" 
214 C "C3'" . DT  B 4 ? 0.1530 0.2656 0.2699 -0.0415 0.0247  -0.0539 4 DT  B "C3'" 
215 O "O3'" . DT  B 4 ? 0.2379 0.3538 0.3654 -0.0457 0.0238  -0.0572 4 DT  B "O3'" 
216 C "C2'" . DT  B 4 ? 0.1776 0.2869 0.2918 -0.0358 0.0140  -0.0588 4 DT  B "C2'" 
217 C "C1'" . DT  B 4 ? 0.1926 0.2948 0.2978 -0.0352 0.0139  -0.0546 4 DT  B "C1'" 
218 N N1    . DT  B 4 ? 0.1114 0.2237 0.2084 -0.0308 0.0167  -0.0479 4 DT  B N1    
219 C C2    . DT  B 4 ? 0.1049 0.2152 0.1947 -0.0274 0.0081  -0.0487 4 DT  B C2    
220 O O2    . DT  B 4 ? 0.2268 0.3250 0.3144 -0.0262 -0.0011 -0.0533 4 DT  B O2    
221 N N3    . DT  B 4 ? 0.1783 0.2982 0.2601 -0.0256 0.0103  -0.0406 4 DT  B N3    
222 C C4    . DT  B 4 ? 0.2176 0.3462 0.2967 -0.0257 0.0194  -0.0306 4 DT  B C4    
223 O O4    . DT  B 4 ? 0.2619 0.3970 0.3327 -0.0249 0.0191  -0.0225 4 DT  B O4    
224 C C5    . DT  B 4 ? 0.1695 0.2965 0.2547 -0.0276 0.0281  -0.0292 4 DT  B C5    
225 C C7    . DT  B 4 ? 0.3398 0.4705 0.4209 -0.0272 0.0370  -0.0171 4 DT  B C7    
226 C C6    . DT  B 4 ? 0.1313 0.2513 0.2250 -0.0307 0.0268  -0.0383 4 DT  B C6    
227 P P     . DC  B 5 ? 0.2122 0.3442 0.3462 -0.0442 0.0279  -0.0581 5 DC  B P     
228 O OP1   . DC  B 5 ? 0.2206 0.3561 0.3668 -0.0503 0.0276  -0.0587 5 DC  B OP1   
229 O OP2   . DC  B 5 ? 0.2257 0.3637 0.3502 -0.0429 0.0361  -0.0512 5 DC  B OP2   
230 O "O5'" . DC  B 5 ? 0.1601 0.2952 0.2964 -0.0374 0.0208  -0.0655 5 DC  B "O5'" 
231 C "C5'" . DC  B 5 ? 0.1138 0.2420 0.2571 -0.0357 0.0113  -0.0699 5 DC  B "C5'" 
232 C "C4'" . DC  B 5 ? 0.1177 0.2533 0.2680 -0.0298 0.0089  -0.0772 5 DC  B "C4'" 
233 O "O4'" . DC  B 5 ? 0.1674 0.3006 0.3052 -0.0257 0.0084  -0.0790 5 DC  B "O4'" 
234 C "C3'" . DC  B 5 ? 0.1195 0.2719 0.2798 -0.0304 0.0170  -0.0799 5 DC  B "C3'" 
235 O "O3'" . DC  B 5 ? 0.1482 0.3070 0.3256 -0.0332 0.0155  -0.0793 5 DC  B "O3'" 
236 C "C2'" . DC  B 5 ? 0.1292 0.2853 0.2901 -0.0243 0.0161  -0.0890 5 DC  B "C2'" 
237 C "C1'" . DC  B 5 ? 0.1044 0.2477 0.2481 -0.0225 0.0107  -0.0874 5 DC  B "C1'" 
238 N N1    . DC  B 5 ? 0.1183 0.2671 0.2486 -0.0236 0.0161  -0.0864 5 DC  B N1    
239 C C2    . DC  B 5 ? 0.1179 0.2630 0.2381 -0.0210 0.0112  -0.0895 5 DC  B C2    
240 O O2    . DC  B 5 ? 0.0820 0.2169 0.2041 -0.0167 0.0028  -0.0923 5 DC  B O2    
241 N N3    . DC  B 5 ? 0.0795 0.2318 0.1870 -0.0239 0.0154  -0.0873 5 DC  B N3    
242 C C4    . DC  B 5 ? 0.1166 0.2771 0.2206 -0.0283 0.0240  -0.0814 5 DC  B C4    
243 N N4    . DC  B 5 ? 0.0856 0.2528 0.1759 -0.0320 0.0271  -0.0776 5 DC  B N4    
244 C C5    . DC  B 5 ? 0.1019 0.2638 0.2156 -0.0298 0.0293  -0.0779 5 DC  B C5    
245 C C6    . DC  B 5 ? 0.1464 0.3036 0.2733 -0.0278 0.0252  -0.0809 5 DC  B C6    
246 P P     . DG  B 6 ? 0.1764 0.3546 0.3678 -0.0353 0.0244  -0.0792 6 DG  B P     
247 O OP1   . DG  B 6 ? 0.2840 0.4648 0.4849 -0.0429 0.0225  -0.0724 6 DG  B OP1   
248 O OP2   . DG  B 6 ? 0.2604 0.4439 0.4402 -0.0355 0.0343  -0.0789 6 DG  B OP2   
249 O "O5'" . DG  B 6 ? 0.2087 0.3962 0.4175 -0.0287 0.0218  -0.0872 6 DG  B "O5'" 
250 C "C5'" . DG  B 6 ? 0.1900 0.3703 0.4074 -0.0265 0.0105  -0.0882 6 DG  B "C5'" 
251 C "C4'" . DG  B 6 ? 0.1890 0.3735 0.4169 -0.0180 0.0092  -0.0978 6 DG  B "C4'" 
252 O "O4'" . DG  B 6 ? 0.1740 0.3457 0.3836 -0.0144 0.0074  -0.1035 6 DG  B "O4'" 
253 C "C3'" . DG  B 6 ? 0.1122 0.3163 0.3529 -0.0151 0.0205  -0.1025 6 DG  B "C3'" 
254 O "O3'" . DG  B 6 ? 0.2578 0.4787 0.5243 -0.0157 0.0203  -0.0979 6 DG  B "O3'" 
255 C "C2'" . DG  B 6 ? 0.1855 0.3857 0.4248 -0.0073 0.0196  -0.1143 6 DG  B "C2'" 
256 C "C1'" . DG  B 6 ? 0.1508 0.3317 0.3653 -0.0093 0.0131  -0.1136 6 DG  B "C1'" 
257 N N9    . DG  B 6 ? 0.1044 0.2860 0.2992 -0.0125 0.0211  -0.1139 6 DG  B N9    
258 C C8    . DG  B 6 ? 0.2058 0.3975 0.3967 -0.0170 0.0320  -0.1095 6 DG  B C8    
259 N N7    . DG  B 6 ? 0.1468 0.3364 0.3184 -0.0199 0.0362  -0.1088 6 DG  B N7    
260 C C5    . DG  B 6 ? 0.1579 0.3372 0.3208 -0.0173 0.0277  -0.1133 6 DG  B C5    
261 C C6    . DG  B 6 ? 0.1415 0.3177 0.2851 -0.0195 0.0270  -0.1134 6 DG  B C6    
262 O O6    . DG  B 6 ? 0.1137 0.2950 0.2431 -0.0246 0.0337  -0.1089 6 DG  B O6    
263 N N1    . DG  B 6 ? 0.0942 0.2610 0.2352 -0.0155 0.0167  -0.1181 6 DG  B N1    
264 C C2    . DG  B 6 ? 0.1492 0.3072 0.3030 -0.0099 0.0080  -0.1213 6 DG  B C2    
265 N N2    . DG  B 6 ? 0.0987 0.2450 0.2451 -0.0059 -0.0012 -0.1226 6 DG  B N2    
266 N N3    . DG  B 6 ? 0.0965 0.2573 0.2685 -0.0085 0.0082  -0.1205 6 DG  B N3    
267 C C4    . DG  B 6 ? 0.1079 0.2807 0.2841 -0.0124 0.0183  -0.1167 6 DG  B C4    
268 P P     . DT  B 7 ? 0.1562 0.3969 0.4489 -0.0075 0.0260  -0.1032 7 DT  B P     
269 O OP1   . DT  B 7 ? 0.1444 0.4023 0.4602 -0.0115 0.0234  -0.0932 7 DT  B OP1   
270 O OP2   . DT  B 7 ? 0.1354 0.3843 0.4222 -0.0048 0.0405  -0.1092 7 DT  B OP2   
271 O "O5'" . DT  B 7 ? 0.2258 0.4539 0.5231 0.0001  0.0150  -0.1103 7 DT  B "O5'" 
272 C "C5'" . DT  B 7 ? 0.1371 0.3750 0.4545 0.0101  0.0174  -0.1174 7 DT  B "C5'" 
273 C "C4'" . DT  B 7 ? 0.2419 0.4608 0.5540 0.0155  0.0060  -0.1250 7 DT  B "C4'" 
274 O "O4'" . DT  B 7 ? 0.2066 0.4119 0.4921 0.0142  0.0083  -0.1327 7 DT  B "O4'" 
275 C "C3'" . DT  B 7 ? 0.2717 0.4969 0.6056 0.0273  0.0065  -0.1326 7 DT  B "C3'" 
276 O "O3'" . DT  B 7 ? 0.3879 0.5953 0.7212 0.0299  -0.0091 -0.1352 7 DT  B "O3'" 
277 C "C2'" . DT  B 7 ? 0.1551 0.3794 0.4750 0.0315  0.0192  -0.1437 7 DT  B "C2'" 
278 C "C1'" . DT  B 7 ? 0.1420 0.3502 0.4309 0.0225  0.0148  -0.1443 7 DT  B "C1'" 
279 N N1    . DT  B 7 ? 0.1451 0.3579 0.4158 0.0190  0.0287  -0.1470 7 DT  B N1    
280 C C2    . DT  B 7 ? 0.1489 0.3521 0.4005 0.0199  0.0297  -0.1563 7 DT  B C2    
281 O O2    . DT  B 7 ? 0.1470 0.3383 0.3970 0.0240  0.0192  -0.1628 7 DT  B O2    
282 N N3    . DT  B 7 ? 0.1533 0.3612 0.3871 0.0151  0.0426  -0.1566 7 DT  B N3    
283 C C4    . DT  B 7 ? 0.1696 0.3896 0.4031 0.0100  0.0537  -0.1492 7 DT  B C4    
284 O O4    . DT  B 7 ? 0.1629 0.3848 0.3784 0.0051  0.0641  -0.1494 7 DT  B O4    
285 C C5    . DT  B 7 ? 0.1704 0.4007 0.4258 0.0100  0.0518  -0.1405 7 DT  B C5    
286 C C7    . DT  B 7 ? 0.1554 0.3999 0.4128 0.0043  0.0622  -0.1318 7 DT  B C7    
287 C C6    . DT  B 7 ? 0.1469 0.3737 0.4195 0.0141  0.0397  -0.1396 7 DT  B C6    
288 N N     . DSN C 1 ? 0.1582 0.3136 0.3053 0.0845  -0.0780 -0.0996 1 DSN D N     
289 C CA    . DSN C 1 ? 0.1936 0.3567 0.3455 0.0820  -0.0807 -0.0958 1 DSN D CA    
290 C C     . DSN C 1 ? 0.1607 0.3304 0.3088 0.0797  -0.0841 -0.0993 1 DSN D C     
291 O O     . DSN C 1 ? 0.1691 0.3470 0.3159 0.0791  -0.0865 -0.0958 1 DSN D O     
292 C CB    . DSN C 1 ? 0.2210 0.3850 0.3748 0.0829  -0.0805 -0.0903 1 DSN D CB    
293 O OG    . DSN C 1 ? 0.1979 0.3588 0.3475 0.0834  -0.0796 -0.0928 1 DSN D OG    
294 N N     . ALA C 2 ? 0.2044 0.3718 0.3507 0.0795  -0.0842 -0.1060 2 ALA D N     
295 C CA    . ALA C 2 ? 0.1753 0.3485 0.3178 0.0778  -0.0873 -0.1116 2 ALA D CA    
296 C C     . ALA C 2 ? 0.2156 0.3913 0.3486 0.0789  -0.0872 -0.1100 2 ALA D C     
297 O O     . ALA C 2 ? 0.1785 0.3488 0.3097 0.0804  -0.0846 -0.1078 2 ALA D O     
298 C CB    . ALA C 2 ? 0.1651 0.3345 0.3110 0.0785  -0.0868 -0.1194 2 ALA D CB    
299 N N     . N2C C 3 ? 0.2790 0.4641 0.4070 0.0783  -0.0900 -0.1125 3 N2C D N     
300 C CA    . N2C C 3 ? 0.1891 0.3779 0.3107 0.0802  -0.0889 -0.1102 3 N2C D CA    
301 C CB    . N2C C 3 ? 0.2438 0.4439 0.3651 0.0820  -0.0900 -0.1017 3 N2C D CB    
302 S SG    . N2C C 3 ? 0.3985 0.5981 0.5288 0.0821  -0.0903 -0.0937 3 N2C D SG    
303 C CD    . N2C C 3 ? 0.3929 0.6102 0.5196 0.0847  -0.0946 -0.0893 3 N2C D CD    
304 C CN    . N2C C 3 ? 0.2780 0.4714 0.4066 0.0769  -0.0937 -0.1181 3 N2C D CN    
305 C C     . N2C C 3 ? 0.1750 0.3679 0.2895 0.0808  -0.0901 -0.1183 3 N2C D C     
306 O O     . N2C C 3 ? 0.2481 0.4526 0.3567 0.0821  -0.0920 -0.1187 3 N2C D O     
307 N N     . MVA C 4 ? 0.1995 0.3839 0.3146 0.0810  -0.0888 -0.1248 4 MVA D N     
308 C CN    . MVA C 4 ? 0.1681 0.3416 0.2869 0.0819  -0.0860 -0.1230 4 MVA D CN    
309 C CA    . MVA C 4 ? 0.1781 0.3662 0.2886 0.0821  -0.0900 -0.1335 4 MVA D CA    
310 C CB    . MVA C 4 ? 0.2071 0.3884 0.3237 0.0824  -0.0907 -0.1426 4 MVA D CB    
311 C CG1   . MVA C 4 ? 0.2103 0.3884 0.3394 0.0802  -0.0918 -0.1437 4 MVA D CG1   
312 C CG2   . MVA C 4 ? 0.4955 0.6695 0.6105 0.0860  -0.0879 -0.1437 4 MVA D CG2   
313 C C     . MVA C 4 ? 0.2375 0.4291 0.3413 0.0844  -0.0880 -0.1324 4 MVA D C     
314 O O     . MVA C 4 ? 0.3000 0.5031 0.3970 0.0862  -0.0894 -0.1362 4 MVA D O     
315 N N     . DSN C 5 ? 0.2518 0.4260 0.3593 0.0874  -0.0805 -0.1286 5 DSN D N     
316 C CA    . DSN C 5 ? 0.1674 0.3525 0.2767 0.0864  -0.0806 -0.1242 5 DSN D CA    
317 C C     . DSN C 5 ? 0.1705 0.3556 0.2876 0.0848  -0.0801 -0.1165 5 DSN D C     
318 O O     . DSN C 5 ? 0.1717 0.3671 0.2911 0.0851  -0.0809 -0.1105 5 DSN D O     
319 C CB    . DSN C 5 ? 0.1931 0.3862 0.2971 0.0866  -0.0832 -0.1262 5 DSN D CB    
320 O OG    . DSN C 5 ? 0.1726 0.3593 0.2783 0.0851  -0.0850 -0.1276 5 DSN D OG    
321 N N     . ALA C 6 ? 0.1619 0.3375 0.2832 0.0843  -0.0789 -0.1164 6 ALA D N     
322 C CA    . ALA C 6 ? 0.1889 0.3637 0.3196 0.0834  -0.0785 -0.1104 6 ALA D CA    
323 C C     . ALA C 6 ? 0.1608 0.3366 0.2907 0.0829  -0.0803 -0.1061 6 ALA D C     
324 O O     . ALA C 6 ? 0.1622 0.3359 0.2862 0.0826  -0.0818 -0.1094 6 ALA D O     
325 C CB    . ALA C 6 ? 0.1588 0.3241 0.2924 0.0839  -0.0772 -0.1139 6 ALA D CB    
326 N N     . NCY C 7 ? 0.1605 0.3402 0.2990 0.0831  -0.0802 -0.0988 7 NCY D N     
327 C CA    . NCY C 7 ? 0.1693 0.3501 0.3068 0.0829  -0.0822 -0.0954 7 NCY D CA    
328 C CB    . NCY C 7 ? 0.2509 0.4457 0.3873 0.0846  -0.0844 -0.0895 7 NCY D CB    
329 S SG    . NCY C 7 ? 0.3367 0.5399 0.4606 0.0847  -0.0867 -0.0958 7 NCY D SG    
330 C CN    . NCY C 7 ? 0.2401 0.4267 0.3904 0.0844  -0.0784 -0.0932 7 NCY D CN    
331 C C     . NCY C 7 ? 0.1822 0.3577 0.3293 0.0833  -0.0808 -0.0912 7 NCY D C     
332 O O     . NCY C 7 ? 0.2911 0.4721 0.4460 0.0850  -0.0809 -0.0837 7 NCY D O     
333 N N     . MVA C 8 ? 0.1584 0.3235 0.3047 0.0832  -0.0794 -0.0958 8 MVA D N     
334 C CN    . MVA C 8 ? 0.1615 0.3218 0.2988 0.0832  -0.0794 -0.1025 8 MVA D CN    
335 C CA    . MVA C 8 ? 0.1851 0.3457 0.3399 0.0843  -0.0780 -0.0931 8 MVA D CA    
336 C CB    . MVA C 8 ? 0.2791 0.4315 0.4348 0.0855  -0.0761 -0.0994 8 MVA D CB    
337 C CG1   . MVA C 8 ? 0.2215 0.3741 0.3766 0.0851  -0.0760 -0.1053 8 MVA D CG1   
338 C CG2   . MVA C 8 ? 0.3688 0.5157 0.5170 0.0874  -0.0755 -0.1024 8 MVA D CG2   
339 C C     . MVA C 8 ? 0.2544 0.4154 0.4098 0.0845  -0.0787 -0.0897 8 MVA D C     
340 O O     . MVA C 8 ? 0.2744 0.4387 0.4390 0.0858  -0.0787 -0.0826 8 MVA D O     
341 N N     . DSN D 1 ? 0.4035 0.2636 0.1577 0.0872  0.0210  0.0330  1 DSN F N     
342 C CA    . DSN D 1 ? 0.3785 0.2389 0.1303 0.0842  0.0188  0.0346  1 DSN F CA    
343 C C     . DSN D 1 ? 0.3932 0.2495 0.1322 0.0807  0.0173  0.0308  1 DSN F C     
344 O O     . DSN D 1 ? 0.4190 0.2865 0.1529 0.0732  0.0149  0.0327  1 DSN F O     
345 C CB    . DSN D 1 ? 0.3925 0.2651 0.1524 0.0866  0.0214  0.0423  1 DSN F CB    
346 O OG    . DSN D 1 ? 0.3555 0.2285 0.1157 0.0889  0.0239  0.0419  1 DSN F OG    
347 N N     . ALA D 2 ? 0.3812 0.2231 0.1117 0.0856  0.0207  0.0271  2 ALA F N     
348 C CA    . ALA D 2 ? 0.4460 0.2711 0.1565 0.0824  0.0257  0.0229  2 ALA F CA    
349 C C     . ALA D 2 ? 0.4015 0.2394 0.1147 0.0809  0.0243  0.0238  2 ALA F C     
350 O O     . ALA D 2 ? 0.3834 0.2373 0.1127 0.0869  0.0220  0.0276  2 ALA F O     
351 C CB    . ALA D 2 ? 0.4229 0.2265 0.1225 0.0956  0.0349  0.0231  2 ALA F CB    
352 N N     . N2C D 3 ? 0.4224 0.2523 0.1162 0.0688  0.0271  0.0193  3 N2C F N     
353 C CA    . N2C D 3 ? 0.4820 0.3225 0.1792 0.0705  0.0266  0.0208  3 N2C F CA    
354 C CB    . N2C D 3 ? 0.5907 0.4607 0.2925 0.0599  0.0191  0.0255  3 N2C F CB    
355 S SG    . N2C D 3 ? 0.6473 0.5425 0.3616 0.0573  0.0123  0.0335  3 N2C F SG    
356 C CD    . N2C D 3 ? 0.6554 0.5682 0.3459 0.0315  0.0097  0.0303  3 N2C F CD    
357 C CN    . N2C D 3 ? 0.5031 0.3111 0.1707 0.0528  0.0336  0.0117  3 N2C F CN    
358 C C     . N2C D 3 ? 0.4978 0.3103 0.1713 0.0681  0.0376  0.0145  3 N2C F C     
359 O O     . N2C D 3 ? 0.5753 0.3827 0.2299 0.0505  0.0404  0.0090  3 N2C F O     
360 N N     . MVA D 4 ? 0.4564 0.2533 0.1301 0.0861  0.0459  0.0165  4 MVA F N     
361 C CN    . MVA D 4 ? 0.4454 0.2639 0.1426 0.1013  0.0410  0.0231  4 MVA F CN    
362 C CA    . MVA D 4 ? 0.5697 0.3344 0.2203 0.0895  0.0614  0.0136  4 MVA F CA    
363 C CB    . MVA D 4 ? 0.6869 0.4229 0.3271 0.1106  0.0766  0.0189  4 MVA F CB    
364 C CG1   . MVA D 4 ? 0.5865 0.3117 0.2243 0.1114  0.0763  0.0198  4 MVA F CG1   
365 C CG2   . MVA D 4 ? 0.7396 0.4998 0.3973 0.1366  0.0791  0.0295  4 MVA F CG2   
366 C C     . MVA D 4 ? 0.5918 0.3680 0.2465 0.0923  0.0620  0.0144  4 MVA F C     
367 O O     . MVA D 4 ? 0.6320 0.3889 0.2643 0.0759  0.0692  0.0073  4 MVA F O     
368 N N     . DSN D 5 ? 0.4186 0.2809 0.1339 0.1220  0.0491  0.0301  5 DSN F N     
369 C CA    . DSN D 5 ? 0.4657 0.3190 0.1733 0.1083  0.0464  0.0251  5 DSN F CA    
370 C C     . DSN D 5 ? 0.4020 0.2685 0.1208 0.0973  0.0359  0.0258  5 DSN F C     
371 O O     . DSN D 5 ? 0.4076 0.2723 0.1195 0.0866  0.0323  0.0252  5 DSN F O     
372 C CB    . DSN D 5 ? 0.5011 0.3225 0.1845 0.1011  0.0531  0.0200  5 DSN F CB    
373 O OG    . DSN D 5 ? 0.4928 0.3022 0.1726 0.1022  0.0534  0.0200  5 DSN F OG    
374 N N     . ALA D 6 ? 0.3993 0.2806 0.1324 0.0992  0.0331  0.0286  6 ALA F N     
375 C CA    . ALA D 6 ? 0.3748 0.2598 0.1149 0.0932  0.0294  0.0313  6 ALA F CA    
376 C C     . ALA D 6 ? 0.4793 0.3591 0.2188 0.0905  0.0251  0.0321  6 ALA F C     
377 O O     . ALA D 6 ? 0.3797 0.2504 0.1143 0.0924  0.0255  0.0293  6 ALA F O     
378 C CB    . ALA D 6 ? 0.3683 0.2605 0.1142 0.0916  0.0323  0.0320  6 ALA F CB    
379 N N     . NCY D 7 ? 0.4759 0.3630 0.2211 0.0885  0.0233  0.0379  7 NCY F N     
380 C CA    . NCY D 7 ? 0.4082 0.2971 0.1535 0.0852  0.0194  0.0389  7 NCY F CA    
381 C CB    . NCY D 7 ? 0.4514 0.3564 0.1893 0.0762  0.0149  0.0423  7 NCY F CB    
382 S SG    . NCY D 7 ? 0.5987 0.4916 0.3122 0.0640  0.0161  0.0329  7 NCY F SG    
383 C CN    . NCY D 7 ? 0.4569 0.3507 0.2061 0.0906  0.0264  0.0453  7 NCY F CN    
384 C C     . NCY D 7 ? 0.3851 0.2769 0.1412 0.0896  0.0221  0.0454  7 NCY F C     
385 O O     . NCY D 7 ? 0.4216 0.3280 0.1835 0.0914  0.0219  0.0543  7 NCY F O     
386 N N     . MVA D 8 ? 0.4391 0.3194 0.1961 0.0911  0.0264  0.0422  8 MVA F N     
387 C CN    . MVA D 8 ? 0.3708 0.2482 0.1246 0.0906  0.0254  0.0356  8 MVA F CN    
388 C CA    . MVA D 8 ? 0.4240 0.2968 0.1834 0.0934  0.0339  0.0473  8 MVA F CA    
389 C CB    . MVA D 8 ? 0.3770 0.2359 0.1279 0.0878  0.0423  0.0426  8 MVA F CB    
390 C CG1   . MVA D 8 ? 0.4411 0.2832 0.1881 0.0867  0.0526  0.0453  8 MVA F CG1   
391 C CG2   . MVA D 8 ? 0.4346 0.2883 0.1778 0.0851  0.0504  0.0423  8 MVA F CG2   
392 C C     . MVA D 8 ? 0.4368 0.3123 0.2005 0.0933  0.0305  0.0487  8 MVA F C     
393 O O     . MVA D 8 ? 0.4727 0.3563 0.2439 0.0994  0.0354  0.0592  8 MVA F O     
# 
loop_
_pdbx_poly_seq_scheme.asym_id 
_pdbx_poly_seq_scheme.entity_id 
_pdbx_poly_seq_scheme.seq_id 
_pdbx_poly_seq_scheme.mon_id 
_pdbx_poly_seq_scheme.ndb_seq_num 
_pdbx_poly_seq_scheme.pdb_seq_num 
_pdbx_poly_seq_scheme.auth_seq_num 
_pdbx_poly_seq_scheme.pdb_mon_id 
_pdbx_poly_seq_scheme.auth_mon_id 
_pdbx_poly_seq_scheme.pdb_strand_id 
_pdbx_poly_seq_scheme.pdb_ins_code 
_pdbx_poly_seq_scheme.hetero 
A 1 1 DA  1 1 1 DA  DA  A . n 
A 1 2 DC  2 2 2 DC  DC  A . n 
A 1 3 DG  3 3 3 DG  DG  A . n 
A 1 4 DA  4 4 4 DA  DA  A . n 
A 1 5 DC  5 5 5 DC  DC  A . n 
A 1 6 DG  6 6 6 DG  DG  A . n 
A 1 7 DT  7 7 7 DT  DT  A . n 
B 2 1 DA  1 1 1 DA  DA  B . n 
B 2 2 DC  2 2 2 DC  DC  B . n 
B 2 3 DG  3 3 3 DG  DG  B . n 
B 2 4 DT  4 4 4 DT  DT  B . n 
B 2 5 DC  5 5 5 DC  DC  B . n 
B 2 6 DG  6 6 6 DG  DG  B . n 
B 2 7 DT  7 7 7 DT  DT  B . n 
C 3 1 DSN 1 1 1 DSN DSN D . n 
C 3 2 ALA 2 2 2 ALA ALA D . n 
C 3 3 N2C 3 3 3 N2C N2C D . n 
C 3 4 MVA 4 4 4 MVA MVA D . n 
C 3 5 DSN 5 5 5 DSN DSN D . n 
C 3 6 ALA 6 6 6 ALA ALA D . n 
C 3 7 NCY 7 7 7 NCY NCY D . n 
C 3 8 MVA 8 8 8 MVA MVA D . n 
D 3 1 DSN 1 1 1 DSN DSN F . n 
D 3 2 ALA 2 2 2 ALA ALA F . n 
D 3 3 N2C 3 3 3 N2C N2C F . n 
D 3 4 MVA 4 4 4 MVA MVA F . n 
D 3 5 DSN 5 5 5 DSN DSN F . n 
D 3 6 ALA 6 6 6 ALA ALA F . n 
D 3 7 NCY 7 7 7 NCY NCY F . n 
D 3 8 MVA 8 8 8 MVA MVA F . n 
# 
loop_
_pdbx_nonpoly_scheme.asym_id 
_pdbx_nonpoly_scheme.entity_id 
_pdbx_nonpoly_scheme.mon_id 
_pdbx_nonpoly_scheme.ndb_seq_num 
_pdbx_nonpoly_scheme.pdb_seq_num 
_pdbx_nonpoly_scheme.auth_seq_num 
_pdbx_nonpoly_scheme.pdb_mon_id 
_pdbx_nonpoly_scheme.auth_mon_id 
_pdbx_nonpoly_scheme.pdb_strand_id 
_pdbx_nonpoly_scheme.pdb_ins_code 
E 4 MG  1  101 12 MG  MG  A . 
F 5 MN  1  101 12 MN  MN  B . 
G 4 MG  1  102 11 MG  MG  B . 
H 6 QUI 1  101 10 QUI QUI D . 
I 6 QUI 1  102 11 QUI QUI D . 
J 6 QUI 1  101 10 QUI QUI F . 
K 6 QUI 1  102 11 QUI QUI F . 
L 7 HOH 1  201 62 HOH HOH A . 
L 7 HOH 2  202 21 HOH HOH A . 
L 7 HOH 3  203 50 HOH HOH A . 
L 7 HOH 4  204 55 HOH HOH A . 
L 7 HOH 5  205 38 HOH HOH A . 
L 7 HOH 6  206 6  HOH HOH A . 
L 7 HOH 7  207 7  HOH HOH A . 
L 7 HOH 8  208 16 HOH HOH A . 
L 7 HOH 9  209 49 HOH HOH A . 
L 7 HOH 10 210 1  HOH HOH A . 
L 7 HOH 11 211 22 HOH HOH A . 
L 7 HOH 12 212 15 HOH HOH A . 
L 7 HOH 13 213 2  HOH HOH A . 
L 7 HOH 14 214 20 HOH HOH A . 
L 7 HOH 15 215 53 HOH HOH A . 
L 7 HOH 16 216 43 HOH HOH A . 
L 7 HOH 17 217 19 HOH HOH A . 
L 7 HOH 18 218 24 HOH HOH A . 
L 7 HOH 19 219 17 HOH HOH A . 
L 7 HOH 20 220 39 HOH HOH A . 
L 7 HOH 21 221 57 HOH HOH A . 
L 7 HOH 22 222 61 HOH HOH A . 
L 7 HOH 23 223 65 HOH HOH A . 
L 7 HOH 24 224 12 HOH HOH A . 
L 7 HOH 25 225 36 HOH HOH A . 
L 7 HOH 26 226 51 HOH HOH A . 
M 7 HOH 1  201 34 HOH HOH B . 
M 7 HOH 2  202 52 HOH HOH B . 
M 7 HOH 3  203 64 HOH HOH B . 
M 7 HOH 4  204 4  HOH HOH B . 
M 7 HOH 5  205 8  HOH HOH B . 
M 7 HOH 6  206 13 HOH HOH B . 
M 7 HOH 7  207 28 HOH HOH B . 
M 7 HOH 8  208 27 HOH HOH B . 
M 7 HOH 9  209 14 HOH HOH B . 
M 7 HOH 10 210 42 HOH HOH B . 
M 7 HOH 11 211 18 HOH HOH B . 
M 7 HOH 12 212 9  HOH HOH B . 
M 7 HOH 13 213 26 HOH HOH B . 
M 7 HOH 14 214 41 HOH HOH B . 
M 7 HOH 15 215 32 HOH HOH B . 
M 7 HOH 16 216 46 HOH HOH B . 
M 7 HOH 17 217 33 HOH HOH B . 
M 7 HOH 18 218 54 HOH HOH B . 
M 7 HOH 19 219 40 HOH HOH B . 
M 7 HOH 20 220 58 HOH HOH B . 
M 7 HOH 21 221 44 HOH HOH B . 
M 7 HOH 22 222 63 HOH HOH B . 
M 7 HOH 23 223 5  HOH HOH B . 
M 7 HOH 24 224 56 HOH HOH B . 
M 7 HOH 25 225 37 HOH HOH B . 
M 7 HOH 26 226 60 HOH HOH B . 
M 7 HOH 27 227 35 HOH HOH B . 
N 7 HOH 1  201 10 HOH HOH D . 
N 7 HOH 2  202 11 HOH HOH D . 
N 7 HOH 3  203 31 HOH HOH D . 
N 7 HOH 4  204 48 HOH HOH D . 
N 7 HOH 5  205 47 HOH HOH D . 
N 7 HOH 6  206 59 HOH HOH D . 
O 7 HOH 1  201 30 HOH HOH F . 
O 7 HOH 2  202 3  HOH HOH F . 
O 7 HOH 3  203 29 HOH HOH F . 
O 7 HOH 4  204 23 HOH HOH F . 
O 7 HOH 5  205 25 HOH HOH F . 
O 7 HOH 6  206 45 HOH HOH F . 
# 
_pdbx_molecule_features.prd_id    PRD_000491 
_pdbx_molecule_features.name      Echinomycin 
_pdbx_molecule_features.type      'Cyclic depsipeptide' 
_pdbx_molecule_features.class     Antibiotic 
_pdbx_molecule_features.details   
;ECHINOMYCIN IS A BICYCLIC OCTADEPSIPEPTIDE.
BICYCLIZATION IS ACHIEVED BY LINKING THE N- AND
THE C- TERMINI, AND A THIOACETAL BOND BETWEEN
RESIDUES 3 AND 7.
THE TWO QUINOXALINE CHROMOPHORES ARE LINKED
TO THE D-SERINE RESIDUES, RESIDUES 1 AND 5.
;
# 
loop_
_pdbx_molecule.instance_id 
_pdbx_molecule.prd_id 
_pdbx_molecule.asym_id 
1 PRD_000491 C 
1 PRD_000491 H 
1 PRD_000491 I 
2 PRD_000491 D 
2 PRD_000491 J 
2 PRD_000491 K 
# 
_pdbx_struct_assembly.id                   1 
_pdbx_struct_assembly.details              author_defined_assembly 
_pdbx_struct_assembly.method_details       ? 
_pdbx_struct_assembly.oligomeric_details   tetrameric 
_pdbx_struct_assembly.oligomeric_count     4 
# 
_pdbx_struct_assembly_gen.assembly_id       1 
_pdbx_struct_assembly_gen.oper_expression   1 
_pdbx_struct_assembly_gen.asym_id_list      A,B,C,D,E,F,G,H,I,J,K,L,M,N,O 
# 
loop_
_pdbx_struct_assembly_prop.biol_id 
_pdbx_struct_assembly_prop.type 
_pdbx_struct_assembly_prop.value 
_pdbx_struct_assembly_prop.details 
1 'ABSA (A^2)' 5050 ? 
1 MORE         2    ? 
1 'SSA (A^2)'  2470 ? 
# 
_pdbx_struct_oper_list.id                   1 
_pdbx_struct_oper_list.type                 'identity operation' 
_pdbx_struct_oper_list.name                 1_555 
_pdbx_struct_oper_list.symmetry_operation   x,y,z 
_pdbx_struct_oper_list.matrix[1][1]         1.0000000000 
_pdbx_struct_oper_list.matrix[1][2]         0.0000000000 
_pdbx_struct_oper_list.matrix[1][3]         0.0000000000 
_pdbx_struct_oper_list.vector[1]            0.0000000000 
_pdbx_struct_oper_list.matrix[2][1]         0.0000000000 
_pdbx_struct_oper_list.matrix[2][2]         1.0000000000 
_pdbx_struct_oper_list.matrix[2][3]         0.0000000000 
_pdbx_struct_oper_list.vector[2]            0.0000000000 
_pdbx_struct_oper_list.matrix[3][1]         0.0000000000 
_pdbx_struct_oper_list.matrix[3][2]         0.0000000000 
_pdbx_struct_oper_list.matrix[3][3]         1.0000000000 
_pdbx_struct_oper_list.vector[3]            0.0000000000 
# 
_pdbx_struct_special_symmetry.id              1 
_pdbx_struct_special_symmetry.PDB_model_num   1 
_pdbx_struct_special_symmetry.auth_asym_id    A 
_pdbx_struct_special_symmetry.auth_comp_id    HOH 
_pdbx_struct_special_symmetry.auth_seq_id     226 
_pdbx_struct_special_symmetry.PDB_ins_code    ? 
_pdbx_struct_special_symmetry.label_asym_id   L 
_pdbx_struct_special_symmetry.label_comp_id   HOH 
_pdbx_struct_special_symmetry.label_seq_id    . 
# 
loop_
_pdbx_struct_conn_angle.id 
_pdbx_struct_conn_angle.ptnr1_label_atom_id 
_pdbx_struct_conn_angle.ptnr1_label_alt_id 
_pdbx_struct_conn_angle.ptnr1_label_asym_id 
_pdbx_struct_conn_angle.ptnr1_label_comp_id 
_pdbx_struct_conn_angle.ptnr1_label_seq_id 
_pdbx_struct_conn_angle.ptnr1_auth_atom_id 
_pdbx_struct_conn_angle.ptnr1_auth_asym_id 
_pdbx_struct_conn_angle.ptnr1_auth_comp_id 
_pdbx_struct_conn_angle.ptnr1_auth_seq_id 
_pdbx_struct_conn_angle.ptnr1_PDB_ins_code 
_pdbx_struct_conn_angle.ptnr1_symmetry 
_pdbx_struct_conn_angle.ptnr2_label_atom_id 
_pdbx_struct_conn_angle.ptnr2_label_alt_id 
_pdbx_struct_conn_angle.ptnr2_label_asym_id 
_pdbx_struct_conn_angle.ptnr2_label_comp_id 
_pdbx_struct_conn_angle.ptnr2_label_seq_id 
_pdbx_struct_conn_angle.ptnr2_auth_atom_id 
_pdbx_struct_conn_angle.ptnr2_auth_asym_id 
_pdbx_struct_conn_angle.ptnr2_auth_comp_id 
_pdbx_struct_conn_angle.ptnr2_auth_seq_id 
_pdbx_struct_conn_angle.ptnr2_PDB_ins_code 
_pdbx_struct_conn_angle.ptnr2_symmetry 
_pdbx_struct_conn_angle.ptnr3_label_atom_id 
_pdbx_struct_conn_angle.ptnr3_label_alt_id 
_pdbx_struct_conn_angle.ptnr3_label_asym_id 
_pdbx_struct_conn_angle.ptnr3_label_comp_id 
_pdbx_struct_conn_angle.ptnr3_label_seq_id 
_pdbx_struct_conn_angle.ptnr3_auth_atom_id 
_pdbx_struct_conn_angle.ptnr3_auth_asym_id 
_pdbx_struct_conn_angle.ptnr3_auth_comp_id 
_pdbx_struct_conn_angle.ptnr3_auth_seq_id 
_pdbx_struct_conn_angle.ptnr3_PDB_ins_code 
_pdbx_struct_conn_angle.ptnr3_symmetry 
_pdbx_struct_conn_angle.value 
_pdbx_struct_conn_angle.value_esd 
1  N7 ? A DG  3 ? A DG  3   ? 1_555 MN ? F MN . ? B MN 101 ? 6_555 O  ? L HOH . ? A HOH 212 ? 6_555 95.1  ? 
2  N7 ? A DG  3 ? A DG  3   ? 1_555 MN ? F MN . ? B MN 101 ? 6_555 O  ? L HOH . ? A HOH 217 ? 6_555 91.6  ? 
3  O  ? L HOH . ? A HOH 212 ? 6_555 MN ? F MN . ? B MN 101 ? 6_555 O  ? L HOH . ? A HOH 217 ? 6_555 14.7  ? 
4  N7 ? A DG  3 ? A DG  3   ? 1_555 MN ? F MN . ? B MN 101 ? 6_555 O  ? L HOH . ? A HOH 219 ? 6_555 95.4  ? 
5  O  ? L HOH . ? A HOH 212 ? 6_555 MN ? F MN . ? B MN 101 ? 6_555 O  ? L HOH . ? A HOH 219 ? 6_555 0.6   ? 
6  O  ? L HOH . ? A HOH 217 ? 6_555 MN ? F MN . ? B MN 101 ? 6_555 O  ? L HOH . ? A HOH 219 ? 6_555 15.3  ? 
7  N7 ? A DG  3 ? A DG  3   ? 1_555 MN ? F MN . ? B MN 101 ? 6_555 N7 ? B DG  3 ? B DG  3   ? 1_555 83.8  ? 
8  O  ? L HOH . ? A HOH 212 ? 6_555 MN ? F MN . ? B MN 101 ? 6_555 N7 ? B DG  3 ? B DG  3   ? 1_555 11.8  ? 
9  O  ? L HOH . ? A HOH 217 ? 6_555 MN ? F MN . ? B MN 101 ? 6_555 N7 ? B DG  3 ? B DG  3   ? 1_555 13.3  ? 
10 O  ? L HOH . ? A HOH 219 ? 6_555 MN ? F MN . ? B MN 101 ? 6_555 N7 ? B DG  3 ? B DG  3   ? 1_555 12.3  ? 
11 N7 ? A DG  3 ? A DG  3   ? 1_555 MN ? F MN . ? B MN 101 ? 6_555 O  ? M HOH . ? B HOH 211 ? 1_555 90.9  ? 
12 O  ? L HOH . ? A HOH 212 ? 6_555 MN ? F MN . ? B MN 101 ? 6_555 O  ? M HOH . ? B HOH 211 ? 1_555 13.2  ? 
13 O  ? L HOH . ? A HOH 217 ? 6_555 MN ? F MN . ? B MN 101 ? 6_555 O  ? M HOH . ? B HOH 211 ? 1_555 1.8   ? 
14 O  ? L HOH . ? A HOH 219 ? 6_555 MN ? F MN . ? B MN 101 ? 6_555 O  ? M HOH . ? B HOH 211 ? 1_555 13.8  ? 
15 N7 ? B DG  3 ? B DG  3   ? 1_555 MN ? F MN . ? B MN 101 ? 6_555 O  ? M HOH . ? B HOH 211 ? 1_555 11.5  ? 
16 O  ? M HOH . ? B HOH 207 ? 1_555 MG ? G MG . ? B MG 102 ? 1_555 O  ? M HOH . ? B HOH 215 ? 1_555 118.0 ? 
# 
loop_
_pdbx_audit_revision_history.ordinal 
_pdbx_audit_revision_history.data_content_type 
_pdbx_audit_revision_history.major_revision 
_pdbx_audit_revision_history.minor_revision 
_pdbx_audit_revision_history.revision_date 
1 'Structure model' 1 0 2018-05-23 
2 'Structure model' 1 1 2018-05-30 
3 'Structure model' 1 2 2018-09-05 
4 'Structure model' 1 3 2023-11-22 
# 
_pdbx_audit_revision_details.ordinal             1 
_pdbx_audit_revision_details.revision_ordinal    1 
_pdbx_audit_revision_details.data_content_type   'Structure model' 
_pdbx_audit_revision_details.provider            repository 
_pdbx_audit_revision_details.type                'Initial release' 
_pdbx_audit_revision_details.description         ? 
_pdbx_audit_revision_details.details             ? 
# 
loop_
_pdbx_audit_revision_group.ordinal 
_pdbx_audit_revision_group.revision_ordinal 
_pdbx_audit_revision_group.data_content_type 
_pdbx_audit_revision_group.group 
1 2 'Structure model' 'Data collection'        
2 2 'Structure model' 'Database references'    
3 2 'Structure model' 'Structure summary'      
4 3 'Structure model' 'Data collection'        
5 3 'Structure model' 'Database references'    
6 4 'Structure model' 'Data collection'        
7 4 'Structure model' 'Database references'    
8 4 'Structure model' 'Derived calculations'   
9 4 'Structure model' 'Refinement description' 
# 
loop_
_pdbx_audit_revision_category.ordinal 
_pdbx_audit_revision_category.revision_ordinal 
_pdbx_audit_revision_category.data_content_type 
_pdbx_audit_revision_category.category 
1  2 'Structure model' pdbx_entry_details            
2  2 'Structure model' pdbx_molecule_features        
3  2 'Structure model' struct_ref                    
4  3 'Structure model' citation                      
5  4 'Structure model' chem_comp_atom                
6  4 'Structure model' chem_comp_bond                
7  4 'Structure model' database_2                    
8  4 'Structure model' pdbx_initial_refinement_model 
9  4 'Structure model' pdbx_struct_conn_angle        
10 4 'Structure model' struct_conn                   
11 4 'Structure model' struct_conn_type              
# 
loop_
_pdbx_audit_revision_item.ordinal 
_pdbx_audit_revision_item.revision_ordinal 
_pdbx_audit_revision_item.data_content_type 
_pdbx_audit_revision_item.item 
1  2 'Structure model' '_struct_ref.db_name'                         
2  2 'Structure model' '_struct_ref.pdbx_db_accession'               
3  3 'Structure model' '_citation.journal_volume'                    
4  3 'Structure model' '_citation.page_first'                        
5  3 'Structure model' '_citation.page_last'                         
6  4 'Structure model' '_database_2.pdbx_DOI'                        
7  4 'Structure model' '_database_2.pdbx_database_accession'         
8  4 'Structure model' '_pdbx_struct_conn_angle.ptnr1_auth_asym_id'  
9  4 'Structure model' '_pdbx_struct_conn_angle.ptnr1_auth_comp_id'  
10 4 'Structure model' '_pdbx_struct_conn_angle.ptnr1_auth_seq_id'   
11 4 'Structure model' '_pdbx_struct_conn_angle.ptnr1_label_asym_id' 
12 4 'Structure model' '_pdbx_struct_conn_angle.ptnr1_label_atom_id' 
13 4 'Structure model' '_pdbx_struct_conn_angle.ptnr1_label_comp_id' 
14 4 'Structure model' '_pdbx_struct_conn_angle.ptnr1_label_seq_id'  
15 4 'Structure model' '_pdbx_struct_conn_angle.ptnr1_symmetry'      
16 4 'Structure model' '_pdbx_struct_conn_angle.ptnr2_symmetry'      
17 4 'Structure model' '_pdbx_struct_conn_angle.ptnr3_auth_asym_id'  
18 4 'Structure model' '_pdbx_struct_conn_angle.ptnr3_auth_comp_id'  
19 4 'Structure model' '_pdbx_struct_conn_angle.ptnr3_auth_seq_id'   
20 4 'Structure model' '_pdbx_struct_conn_angle.ptnr3_label_asym_id' 
21 4 'Structure model' '_pdbx_struct_conn_angle.ptnr3_label_atom_id' 
22 4 'Structure model' '_pdbx_struct_conn_angle.ptnr3_label_comp_id' 
23 4 'Structure model' '_pdbx_struct_conn_angle.ptnr3_label_seq_id'  
24 4 'Structure model' '_pdbx_struct_conn_angle.ptnr3_symmetry'      
25 4 'Structure model' '_pdbx_struct_conn_angle.value'               
26 4 'Structure model' '_struct_conn.conn_type_id'                   
27 4 'Structure model' '_struct_conn.id'                             
28 4 'Structure model' '_struct_conn.pdbx_dist_value'                
29 4 'Structure model' '_struct_conn.pdbx_leaving_atom_flag'         
30 4 'Structure model' '_struct_conn.ptnr1_auth_asym_id'             
31 4 'Structure model' '_struct_conn.ptnr1_auth_comp_id'             
32 4 'Structure model' '_struct_conn.ptnr1_auth_seq_id'              
33 4 'Structure model' '_struct_conn.ptnr1_label_asym_id'            
34 4 'Structure model' '_struct_conn.ptnr1_label_atom_id'            
35 4 'Structure model' '_struct_conn.ptnr1_label_comp_id'            
36 4 'Structure model' '_struct_conn.ptnr1_label_seq_id'             
37 4 'Structure model' '_struct_conn.ptnr1_symmetry'                 
38 4 'Structure model' '_struct_conn.ptnr2_auth_asym_id'             
39 4 'Structure model' '_struct_conn.ptnr2_auth_comp_id'             
40 4 'Structure model' '_struct_conn.ptnr2_auth_seq_id'              
41 4 'Structure model' '_struct_conn.ptnr2_label_asym_id'            
42 4 'Structure model' '_struct_conn.ptnr2_label_atom_id'            
43 4 'Structure model' '_struct_conn.ptnr2_label_comp_id'            
44 4 'Structure model' '_struct_conn.ptnr2_label_seq_id'             
45 4 'Structure model' '_struct_conn.ptnr2_symmetry'                 
46 4 'Structure model' '_struct_conn_type.id'                        
# 
loop_
_software.citation_id 
_software.classification 
_software.compiler_name 
_software.compiler_version 
_software.contact_author 
_software.contact_author_email 
_software.date 
_software.description 
_software.dependencies 
_software.hardware 
_software.language 
_software.location 
_software.mods 
_software.name 
_software.os 
_software.os_version 
_software.type 
_software.version 
_software.pdbx_ordinal 
? refinement        ? ? ? ? ? ? ? ? ? ? ? PHENIX      ? ? ? 1.10.1_2155 1 
? 'data scaling'    ? ? ? ? ? ? ? ? ? ? ? HKL-2000    ? ? ? .           2 
? 'data extraction' ? ? ? ? ? ? ? ? ? ? ? PDB_EXTRACT ? ? ? 3.22        3 
? 'data reduction'  ? ? ? ? ? ? ? ? ? ? ? HKL-2000    ? ? ? .           4 
? 'model building'  ? ? ? ? ? ? ? ? ? ? ? PHENIX      ? ? ? .           5 
? phasing           ? ? ? ? ? ? ? ? ? ? ? PHASER      ? ? ? 7.0.005     6 
# 
_pdbx_entry_details.entry_id                 5YTY 
_pdbx_entry_details.compound_details         
;THE ECHINOMYCIN IS A BICYCLIC OCTADEPSIPEPTIDE, A MEMBER
OF THE QUINOXALINE CLASS OF ANTIBIOTICS.
HERE, ECHINOMYCIN IS REPRESENTED BY GROUPING TOGETHER THE
SEQUENCE (SEQRES) AND TWO LIGANDS (HET) QUI.
;
_pdbx_entry_details.source_details           ? 
_pdbx_entry_details.nonpolymer_details       ? 
_pdbx_entry_details.sequence_details         ? 
_pdbx_entry_details.has_ligand_of_interest   ? 
# 
loop_
_pdbx_validate_close_contact.id 
_pdbx_validate_close_contact.PDB_model_num 
_pdbx_validate_close_contact.auth_atom_id_1 
_pdbx_validate_close_contact.auth_asym_id_1 
_pdbx_validate_close_contact.auth_comp_id_1 
_pdbx_validate_close_contact.auth_seq_id_1 
_pdbx_validate_close_contact.PDB_ins_code_1 
_pdbx_validate_close_contact.label_alt_id_1 
_pdbx_validate_close_contact.auth_atom_id_2 
_pdbx_validate_close_contact.auth_asym_id_2 
_pdbx_validate_close_contact.auth_comp_id_2 
_pdbx_validate_close_contact.auth_seq_id_2 
_pdbx_validate_close_contact.PDB_ins_code_2 
_pdbx_validate_close_contact.label_alt_id_2 
_pdbx_validate_close_contact.dist 
1 1 OP2 A DC  2 ? ? O  A HOH 201 ? ? 2.05 
2 1 N   D DSN 5 ? ? O1 D QUI 102 ? ? 2.08 
3 1 N   F DSN 1 ? ? O1 F QUI 101 ? ? 2.17 
# 
loop_
_chem_comp_atom.comp_id 
_chem_comp_atom.atom_id 
_chem_comp_atom.type_symbol 
_chem_comp_atom.pdbx_aromatic_flag 
_chem_comp_atom.pdbx_stereo_config 
_chem_comp_atom.pdbx_ordinal 
ALA N      N  N N 1   
ALA CA     C  N S 2   
ALA C      C  N N 3   
ALA O      O  N N 4   
ALA CB     C  N N 5   
ALA OXT    O  N N 6   
ALA H      H  N N 7   
ALA H2     H  N N 8   
ALA HA     H  N N 9   
ALA HB1    H  N N 10  
ALA HB2    H  N N 11  
ALA HB3    H  N N 12  
ALA HXT    H  N N 13  
DA  OP3    O  N N 14  
DA  P      P  N N 15  
DA  OP1    O  N N 16  
DA  OP2    O  N N 17  
DA  "O5'"  O  N N 18  
DA  "C5'"  C  N N 19  
DA  "C4'"  C  N R 20  
DA  "O4'"  O  N N 21  
DA  "C3'"  C  N S 22  
DA  "O3'"  O  N N 23  
DA  "C2'"  C  N N 24  
DA  "C1'"  C  N R 25  
DA  N9     N  Y N 26  
DA  C8     C  Y N 27  
DA  N7     N  Y N 28  
DA  C5     C  Y N 29  
DA  C6     C  Y N 30  
DA  N6     N  N N 31  
DA  N1     N  Y N 32  
DA  C2     C  Y N 33  
DA  N3     N  Y N 34  
DA  C4     C  Y N 35  
DA  HOP3   H  N N 36  
DA  HOP2   H  N N 37  
DA  "H5'"  H  N N 38  
DA  "H5''" H  N N 39  
DA  "H4'"  H  N N 40  
DA  "H3'"  H  N N 41  
DA  "HO3'" H  N N 42  
DA  "H2'"  H  N N 43  
DA  "H2''" H  N N 44  
DA  "H1'"  H  N N 45  
DA  H8     H  N N 46  
DA  H61    H  N N 47  
DA  H62    H  N N 48  
DA  H2     H  N N 49  
DC  OP3    O  N N 50  
DC  P      P  N N 51  
DC  OP1    O  N N 52  
DC  OP2    O  N N 53  
DC  "O5'"  O  N N 54  
DC  "C5'"  C  N N 55  
DC  "C4'"  C  N R 56  
DC  "O4'"  O  N N 57  
DC  "C3'"  C  N S 58  
DC  "O3'"  O  N N 59  
DC  "C2'"  C  N N 60  
DC  "C1'"  C  N R 61  
DC  N1     N  N N 62  
DC  C2     C  N N 63  
DC  O2     O  N N 64  
DC  N3     N  N N 65  
DC  C4     C  N N 66  
DC  N4     N  N N 67  
DC  C5     C  N N 68  
DC  C6     C  N N 69  
DC  HOP3   H  N N 70  
DC  HOP2   H  N N 71  
DC  "H5'"  H  N N 72  
DC  "H5''" H  N N 73  
DC  "H4'"  H  N N 74  
DC  "H3'"  H  N N 75  
DC  "HO3'" H  N N 76  
DC  "H2'"  H  N N 77  
DC  "H2''" H  N N 78  
DC  "H1'"  H  N N 79  
DC  H41    H  N N 80  
DC  H42    H  N N 81  
DC  H5     H  N N 82  
DC  H6     H  N N 83  
DG  OP3    O  N N 84  
DG  P      P  N N 85  
DG  OP1    O  N N 86  
DG  OP2    O  N N 87  
DG  "O5'"  O  N N 88  
DG  "C5'"  C  N N 89  
DG  "C4'"  C  N R 90  
DG  "O4'"  O  N N 91  
DG  "C3'"  C  N S 92  
DG  "O3'"  O  N N 93  
DG  "C2'"  C  N N 94  
DG  "C1'"  C  N R 95  
DG  N9     N  Y N 96  
DG  C8     C  Y N 97  
DG  N7     N  Y N 98  
DG  C5     C  Y N 99  
DG  C6     C  N N 100 
DG  O6     O  N N 101 
DG  N1     N  N N 102 
DG  C2     C  N N 103 
DG  N2     N  N N 104 
DG  N3     N  N N 105 
DG  C4     C  Y N 106 
DG  HOP3   H  N N 107 
DG  HOP2   H  N N 108 
DG  "H5'"  H  N N 109 
DG  "H5''" H  N N 110 
DG  "H4'"  H  N N 111 
DG  "H3'"  H  N N 112 
DG  "HO3'" H  N N 113 
DG  "H2'"  H  N N 114 
DG  "H2''" H  N N 115 
DG  "H1'"  H  N N 116 
DG  H8     H  N N 117 
DG  H1     H  N N 118 
DG  H21    H  N N 119 
DG  H22    H  N N 120 
DSN N      N  N N 121 
DSN CA     C  N R 122 
DSN C      C  N N 123 
DSN O      O  N N 124 
DSN OXT    O  N N 125 
DSN CB     C  N N 126 
DSN OG     O  N N 127 
DSN H      H  N N 128 
DSN H2     H  N N 129 
DSN HA     H  N N 130 
DSN HXT    H  N N 131 
DSN HB2    H  N N 132 
DSN HB3    H  N N 133 
DSN HG     H  N N 134 
DT  OP3    O  N N 135 
DT  P      P  N N 136 
DT  OP1    O  N N 137 
DT  OP2    O  N N 138 
DT  "O5'"  O  N N 139 
DT  "C5'"  C  N N 140 
DT  "C4'"  C  N R 141 
DT  "O4'"  O  N N 142 
DT  "C3'"  C  N S 143 
DT  "O3'"  O  N N 144 
DT  "C2'"  C  N N 145 
DT  "C1'"  C  N R 146 
DT  N1     N  N N 147 
DT  C2     C  N N 148 
DT  O2     O  N N 149 
DT  N3     N  N N 150 
DT  C4     C  N N 151 
DT  O4     O  N N 152 
DT  C5     C  N N 153 
DT  C7     C  N N 154 
DT  C6     C  N N 155 
DT  HOP3   H  N N 156 
DT  HOP2   H  N N 157 
DT  "H5'"  H  N N 158 
DT  "H5''" H  N N 159 
DT  "H4'"  H  N N 160 
DT  "H3'"  H  N N 161 
DT  "HO3'" H  N N 162 
DT  "H2'"  H  N N 163 
DT  "H2''" H  N N 164 
DT  "H1'"  H  N N 165 
DT  H3     H  N N 166 
DT  H71    H  N N 167 
DT  H72    H  N N 168 
DT  H73    H  N N 169 
DT  H6     H  N N 170 
HOH O      O  N N 171 
HOH H1     H  N N 172 
HOH H2     H  N N 173 
MG  MG     MG N N 174 
MN  MN     MN N N 175 
MVA N      N  N N 176 
MVA CN     C  N N 177 
MVA CA     C  N S 178 
MVA CB     C  N N 179 
MVA CG1    C  N N 180 
MVA CG2    C  N N 181 
MVA C      C  N N 182 
MVA O      O  N N 183 
MVA OXT    O  N N 184 
MVA H      H  N N 185 
MVA HN1    H  N N 186 
MVA HN2    H  N N 187 
MVA HN3    H  N N 188 
MVA HA     H  N N 189 
MVA HB     H  N N 190 
MVA HG11   H  N N 191 
MVA HG12   H  N N 192 
MVA HG13   H  N N 193 
MVA HG21   H  N N 194 
MVA HG22   H  N N 195 
MVA HG23   H  N N 196 
MVA HXT    H  N N 197 
N2C N      N  N N 198 
N2C CA     C  N R 199 
N2C CB     C  N N 200 
N2C SG     S  N N 201 
N2C CD     C  N N 202 
N2C CN     C  N N 203 
N2C C      C  N N 204 
N2C O      O  N N 205 
N2C OXT    O  N N 206 
N2C H      H  N N 207 
N2C HA     H  N N 208 
N2C HB2    H  N N 209 
N2C HB3    H  N N 210 
N2C HD1    H  N N 211 
N2C HD2    H  N N 212 
N2C HD3    H  N N 213 
N2C HN1    H  N N 214 
N2C HN2    H  N N 215 
N2C HN3    H  N N 216 
N2C HXT    H  N N 217 
NCY N      N  N N 218 
NCY CA     C  N R 219 
NCY CB     C  N N 220 
NCY SG     S  N N 221 
NCY CN     C  N N 222 
NCY C      C  N N 223 
NCY O      O  N N 224 
NCY OXT    O  N N 225 
NCY H      H  N N 226 
NCY HA     H  N N 227 
NCY HB2    H  N N 228 
NCY HB3    H  N N 229 
NCY HG     H  N N 230 
NCY HCN1   H  N N 231 
NCY HCN2   H  N N 232 
NCY HCN3   H  N N 233 
NCY HXT    H  N N 234 
QUI N1     N  Y N 235 
QUI C2     C  Y N 236 
QUI C3     C  Y N 237 
QUI N4     N  Y N 238 
QUI C5     C  Y N 239 
QUI C6     C  Y N 240 
QUI C7     C  Y N 241 
QUI C8     C  Y N 242 
QUI C9     C  Y N 243 
QUI C10    C  Y N 244 
QUI C      C  N N 245 
QUI O1     O  N N 246 
QUI O2     O  N N 247 
QUI H3     H  N N 248 
QUI H5     H  N N 249 
QUI H6     H  N N 250 
QUI H7     H  N N 251 
QUI H8     H  N N 252 
QUI HO2    H  N N 253 
# 
loop_
_chem_comp_bond.comp_id 
_chem_comp_bond.atom_id_1 
_chem_comp_bond.atom_id_2 
_chem_comp_bond.value_order 
_chem_comp_bond.pdbx_aromatic_flag 
_chem_comp_bond.pdbx_stereo_config 
_chem_comp_bond.pdbx_ordinal 
ALA N     CA     sing N N 1   
ALA N     H      sing N N 2   
ALA N     H2     sing N N 3   
ALA CA    C      sing N N 4   
ALA CA    CB     sing N N 5   
ALA CA    HA     sing N N 6   
ALA C     O      doub N N 7   
ALA C     OXT    sing N N 8   
ALA CB    HB1    sing N N 9   
ALA CB    HB2    sing N N 10  
ALA CB    HB3    sing N N 11  
ALA OXT   HXT    sing N N 12  
DA  OP3   P      sing N N 13  
DA  OP3   HOP3   sing N N 14  
DA  P     OP1    doub N N 15  
DA  P     OP2    sing N N 16  
DA  P     "O5'"  sing N N 17  
DA  OP2   HOP2   sing N N 18  
DA  "O5'" "C5'"  sing N N 19  
DA  "C5'" "C4'"  sing N N 20  
DA  "C5'" "H5'"  sing N N 21  
DA  "C5'" "H5''" sing N N 22  
DA  "C4'" "O4'"  sing N N 23  
DA  "C4'" "C3'"  sing N N 24  
DA  "C4'" "H4'"  sing N N 25  
DA  "O4'" "C1'"  sing N N 26  
DA  "C3'" "O3'"  sing N N 27  
DA  "C3'" "C2'"  sing N N 28  
DA  "C3'" "H3'"  sing N N 29  
DA  "O3'" "HO3'" sing N N 30  
DA  "C2'" "C1'"  sing N N 31  
DA  "C2'" "H2'"  sing N N 32  
DA  "C2'" "H2''" sing N N 33  
DA  "C1'" N9     sing N N 34  
DA  "C1'" "H1'"  sing N N 35  
DA  N9    C8     sing Y N 36  
DA  N9    C4     sing Y N 37  
DA  C8    N7     doub Y N 38  
DA  C8    H8     sing N N 39  
DA  N7    C5     sing Y N 40  
DA  C5    C6     sing Y N 41  
DA  C5    C4     doub Y N 42  
DA  C6    N6     sing N N 43  
DA  C6    N1     doub Y N 44  
DA  N6    H61    sing N N 45  
DA  N6    H62    sing N N 46  
DA  N1    C2     sing Y N 47  
DA  C2    N3     doub Y N 48  
DA  C2    H2     sing N N 49  
DA  N3    C4     sing Y N 50  
DC  OP3   P      sing N N 51  
DC  OP3   HOP3   sing N N 52  
DC  P     OP1    doub N N 53  
DC  P     OP2    sing N N 54  
DC  P     "O5'"  sing N N 55  
DC  OP2   HOP2   sing N N 56  
DC  "O5'" "C5'"  sing N N 57  
DC  "C5'" "C4'"  sing N N 58  
DC  "C5'" "H5'"  sing N N 59  
DC  "C5'" "H5''" sing N N 60  
DC  "C4'" "O4'"  sing N N 61  
DC  "C4'" "C3'"  sing N N 62  
DC  "C4'" "H4'"  sing N N 63  
DC  "O4'" "C1'"  sing N N 64  
DC  "C3'" "O3'"  sing N N 65  
DC  "C3'" "C2'"  sing N N 66  
DC  "C3'" "H3'"  sing N N 67  
DC  "O3'" "HO3'" sing N N 68  
DC  "C2'" "C1'"  sing N N 69  
DC  "C2'" "H2'"  sing N N 70  
DC  "C2'" "H2''" sing N N 71  
DC  "C1'" N1     sing N N 72  
DC  "C1'" "H1'"  sing N N 73  
DC  N1    C2     sing N N 74  
DC  N1    C6     sing N N 75  
DC  C2    O2     doub N N 76  
DC  C2    N3     sing N N 77  
DC  N3    C4     doub N N 78  
DC  C4    N4     sing N N 79  
DC  C4    C5     sing N N 80  
DC  N4    H41    sing N N 81  
DC  N4    H42    sing N N 82  
DC  C5    C6     doub N N 83  
DC  C5    H5     sing N N 84  
DC  C6    H6     sing N N 85  
DG  OP3   P      sing N N 86  
DG  OP3   HOP3   sing N N 87  
DG  P     OP1    doub N N 88  
DG  P     OP2    sing N N 89  
DG  P     "O5'"  sing N N 90  
DG  OP2   HOP2   sing N N 91  
DG  "O5'" "C5'"  sing N N 92  
DG  "C5'" "C4'"  sing N N 93  
DG  "C5'" "H5'"  sing N N 94  
DG  "C5'" "H5''" sing N N 95  
DG  "C4'" "O4'"  sing N N 96  
DG  "C4'" "C3'"  sing N N 97  
DG  "C4'" "H4'"  sing N N 98  
DG  "O4'" "C1'"  sing N N 99  
DG  "C3'" "O3'"  sing N N 100 
DG  "C3'" "C2'"  sing N N 101 
DG  "C3'" "H3'"  sing N N 102 
DG  "O3'" "HO3'" sing N N 103 
DG  "C2'" "C1'"  sing N N 104 
DG  "C2'" "H2'"  sing N N 105 
DG  "C2'" "H2''" sing N N 106 
DG  "C1'" N9     sing N N 107 
DG  "C1'" "H1'"  sing N N 108 
DG  N9    C8     sing Y N 109 
DG  N9    C4     sing Y N 110 
DG  C8    N7     doub Y N 111 
DG  C8    H8     sing N N 112 
DG  N7    C5     sing Y N 113 
DG  C5    C6     sing N N 114 
DG  C5    C4     doub Y N 115 
DG  C6    O6     doub N N 116 
DG  C6    N1     sing N N 117 
DG  N1    C2     sing N N 118 
DG  N1    H1     sing N N 119 
DG  C2    N2     sing N N 120 
DG  C2    N3     doub N N 121 
DG  N2    H21    sing N N 122 
DG  N2    H22    sing N N 123 
DG  N3    C4     sing N N 124 
DSN N     CA     sing N N 125 
DSN N     H      sing N N 126 
DSN N     H2     sing N N 127 
DSN CA    C      sing N N 128 
DSN CA    CB     sing N N 129 
DSN CA    HA     sing N N 130 
DSN C     O      doub N N 131 
DSN C     OXT    sing N N 132 
DSN OXT   HXT    sing N N 133 
DSN CB    OG     sing N N 134 
DSN CB    HB2    sing N N 135 
DSN CB    HB3    sing N N 136 
DSN OG    HG     sing N N 137 
DT  OP3   P      sing N N 138 
DT  OP3   HOP3   sing N N 139 
DT  P     OP1    doub N N 140 
DT  P     OP2    sing N N 141 
DT  P     "O5'"  sing N N 142 
DT  OP2   HOP2   sing N N 143 
DT  "O5'" "C5'"  sing N N 144 
DT  "C5'" "C4'"  sing N N 145 
DT  "C5'" "H5'"  sing N N 146 
DT  "C5'" "H5''" sing N N 147 
DT  "C4'" "O4'"  sing N N 148 
DT  "C4'" "C3'"  sing N N 149 
DT  "C4'" "H4'"  sing N N 150 
DT  "O4'" "C1'"  sing N N 151 
DT  "C3'" "O3'"  sing N N 152 
DT  "C3'" "C2'"  sing N N 153 
DT  "C3'" "H3'"  sing N N 154 
DT  "O3'" "HO3'" sing N N 155 
DT  "C2'" "C1'"  sing N N 156 
DT  "C2'" "H2'"  sing N N 157 
DT  "C2'" "H2''" sing N N 158 
DT  "C1'" N1     sing N N 159 
DT  "C1'" "H1'"  sing N N 160 
DT  N1    C2     sing N N 161 
DT  N1    C6     sing N N 162 
DT  C2    O2     doub N N 163 
DT  C2    N3     sing N N 164 
DT  N3    C4     sing N N 165 
DT  N3    H3     sing N N 166 
DT  C4    O4     doub N N 167 
DT  C4    C5     sing N N 168 
DT  C5    C7     sing N N 169 
DT  C5    C6     doub N N 170 
DT  C7    H71    sing N N 171 
DT  C7    H72    sing N N 172 
DT  C7    H73    sing N N 173 
DT  C6    H6     sing N N 174 
HOH O     H1     sing N N 175 
HOH O     H2     sing N N 176 
MVA N     CN     sing N N 177 
MVA N     CA     sing N N 178 
MVA N     H      sing N N 179 
MVA CN    HN1    sing N N 180 
MVA CN    HN2    sing N N 181 
MVA CN    HN3    sing N N 182 
MVA CA    CB     sing N N 183 
MVA CA    C      sing N N 184 
MVA CA    HA     sing N N 185 
MVA CB    CG1    sing N N 186 
MVA CB    CG2    sing N N 187 
MVA CB    HB     sing N N 188 
MVA CG1   HG11   sing N N 189 
MVA CG1   HG12   sing N N 190 
MVA CG1   HG13   sing N N 191 
MVA CG2   HG21   sing N N 192 
MVA CG2   HG22   sing N N 193 
MVA CG2   HG23   sing N N 194 
MVA C     O      doub N N 195 
MVA C     OXT    sing N N 196 
MVA OXT   HXT    sing N N 197 
N2C N     CA     sing N N 198 
N2C N     CN     sing N N 199 
N2C N     H      sing N N 200 
N2C CA    CB     sing N N 201 
N2C CA    C      sing N N 202 
N2C CA    HA     sing N N 203 
N2C CB    SG     sing N N 204 
N2C CB    HB2    sing N N 205 
N2C CB    HB3    sing N N 206 
N2C SG    CD     sing N N 207 
N2C CD    HD1    sing N N 208 
N2C CD    HD2    sing N N 209 
N2C CD    HD3    sing N N 210 
N2C CN    HN1    sing N N 211 
N2C CN    HN2    sing N N 212 
N2C CN    HN3    sing N N 213 
N2C C     O      doub N N 214 
N2C C     OXT    sing N N 215 
N2C OXT   HXT    sing N N 216 
NCY N     CA     sing N N 217 
NCY N     CN     sing N N 218 
NCY N     H      sing N N 219 
NCY CA    CB     sing N N 220 
NCY CA    C      sing N N 221 
NCY CA    HA     sing N N 222 
NCY CB    SG     sing N N 223 
NCY CB    HB2    sing N N 224 
NCY CB    HB3    sing N N 225 
NCY SG    HG     sing N N 226 
NCY CN    HCN1   sing N N 227 
NCY CN    HCN2   sing N N 228 
NCY CN    HCN3   sing N N 229 
NCY C     O      doub N N 230 
NCY C     OXT    sing N N 231 
NCY OXT   HXT    sing N N 232 
QUI N1    C2     doub Y N 233 
QUI N1    C9     sing Y N 234 
QUI C2    C3     sing Y N 235 
QUI C2    C      sing N N 236 
QUI C3    N4     doub Y N 237 
QUI C3    H3     sing N N 238 
QUI N4    C10    sing Y N 239 
QUI C5    C6     doub Y N 240 
QUI C5    C10    sing Y N 241 
QUI C5    H5     sing N N 242 
QUI C6    C7     sing Y N 243 
QUI C6    H6     sing N N 244 
QUI C7    C8     doub Y N 245 
QUI C7    H7     sing N N 246 
QUI C8    C9     sing Y N 247 
QUI C8    H8     sing N N 248 
QUI C9    C10    doub Y N 249 
QUI C     O1     doub N N 250 
QUI C     O2     sing N N 251 
QUI O2    HO2    sing N N 252 
# 
_ndb_struct_conf_na.entry_id   5YTY 
_ndb_struct_conf_na.feature    'double helix' 
# 
loop_
_ndb_struct_na_base_pair.model_number 
_ndb_struct_na_base_pair.i_label_asym_id 
_ndb_struct_na_base_pair.i_label_comp_id 
_ndb_struct_na_base_pair.i_label_seq_id 
_ndb_struct_na_base_pair.i_symmetry 
_ndb_struct_na_base_pair.j_label_asym_id 
_ndb_struct_na_base_pair.j_label_comp_id 
_ndb_struct_na_base_pair.j_label_seq_id 
_ndb_struct_na_base_pair.j_symmetry 
_ndb_struct_na_base_pair.shear 
_ndb_struct_na_base_pair.stretch 
_ndb_struct_na_base_pair.stagger 
_ndb_struct_na_base_pair.buckle 
_ndb_struct_na_base_pair.propeller 
_ndb_struct_na_base_pair.opening 
_ndb_struct_na_base_pair.pair_number 
_ndb_struct_na_base_pair.pair_name 
_ndb_struct_na_base_pair.i_auth_asym_id 
_ndb_struct_na_base_pair.i_auth_seq_id 
_ndb_struct_na_base_pair.i_PDB_ins_code 
_ndb_struct_na_base_pair.j_auth_asym_id 
_ndb_struct_na_base_pair.j_auth_seq_id 
_ndb_struct_na_base_pair.j_PDB_ins_code 
_ndb_struct_na_base_pair.hbond_type_28 
_ndb_struct_na_base_pair.hbond_type_12 
1 A DA 1 1_555 B DT 7 1_555 0.223  -0.239 0.002 2.813   5.572 1.041  1 A_DA1:DT7_B A 1 ? B 7 ? 20 1 
1 A DC 2 1_555 B DG 6 1_555 0.288  -0.190 0.044 -19.372 5.809 -2.018 2 A_DC2:DG6_B A 2 ? B 6 ? 19 1 
1 A DG 3 1_555 B DC 5 1_555 -0.366 -0.081 0.027 21.066  4.123 -1.642 3 A_DG3:DC5_B A 3 ? B 5 ? 19 1 
1 A DA 4 1_555 B DT 4 1_555 0.262  -0.283 0.357 -0.046  4.564 -0.266 4 A_DA4:DT4_B A 4 ? B 4 ? 20 1 
1 A DC 5 1_555 B DG 3 1_555 0.350  -0.102 0.021 -21.182 4.608 -1.668 5 A_DC5:DG3_B A 5 ? B 3 ? 19 1 
1 A DG 6 1_555 B DC 2 1_555 -0.286 -0.195 0.109 18.836  4.155 -2.428 6 A_DG6:DC2_B A 6 ? B 2 ? 19 1 
1 A DT 7 1_555 B DA 1 1_555 -0.543 -0.204 0.075 -2.936  5.287 0.900  7 A_DT7:DA1_B A 7 ? B 1 ? 20 1 
# 
loop_
_ndb_struct_na_base_pair_step.model_number 
_ndb_struct_na_base_pair_step.i_label_asym_id_1 
_ndb_struct_na_base_pair_step.i_label_comp_id_1 
_ndb_struct_na_base_pair_step.i_label_seq_id_1 
_ndb_struct_na_base_pair_step.i_symmetry_1 
_ndb_struct_na_base_pair_step.j_label_asym_id_1 
_ndb_struct_na_base_pair_step.j_label_comp_id_1 
_ndb_struct_na_base_pair_step.j_label_seq_id_1 
_ndb_struct_na_base_pair_step.j_symmetry_1 
_ndb_struct_na_base_pair_step.i_label_asym_id_2 
_ndb_struct_na_base_pair_step.i_label_comp_id_2 
_ndb_struct_na_base_pair_step.i_label_seq_id_2 
_ndb_struct_na_base_pair_step.i_symmetry_2 
_ndb_struct_na_base_pair_step.j_label_asym_id_2 
_ndb_struct_na_base_pair_step.j_label_comp_id_2 
_ndb_struct_na_base_pair_step.j_label_seq_id_2 
_ndb_struct_na_base_pair_step.j_symmetry_2 
_ndb_struct_na_base_pair_step.shift 
_ndb_struct_na_base_pair_step.slide 
_ndb_struct_na_base_pair_step.rise 
_ndb_struct_na_base_pair_step.tilt 
_ndb_struct_na_base_pair_step.roll 
_ndb_struct_na_base_pair_step.twist 
_ndb_struct_na_base_pair_step.x_displacement 
_ndb_struct_na_base_pair_step.y_displacement 
_ndb_struct_na_base_pair_step.helical_rise 
_ndb_struct_na_base_pair_step.inclination 
_ndb_struct_na_base_pair_step.tip 
_ndb_struct_na_base_pair_step.helical_twist 
_ndb_struct_na_base_pair_step.step_number 
_ndb_struct_na_base_pair_step.step_name 
_ndb_struct_na_base_pair_step.i_auth_asym_id_1 
_ndb_struct_na_base_pair_step.i_auth_seq_id_1 
_ndb_struct_na_base_pair_step.i_PDB_ins_code_1 
_ndb_struct_na_base_pair_step.j_auth_asym_id_1 
_ndb_struct_na_base_pair_step.j_auth_seq_id_1 
_ndb_struct_na_base_pair_step.j_PDB_ins_code_1 
_ndb_struct_na_base_pair_step.i_auth_asym_id_2 
_ndb_struct_na_base_pair_step.i_auth_seq_id_2 
_ndb_struct_na_base_pair_step.i_PDB_ins_code_2 
_ndb_struct_na_base_pair_step.j_auth_asym_id_2 
_ndb_struct_na_base_pair_step.j_auth_seq_id_2 
_ndb_struct_na_base_pair_step.j_PDB_ins_code_2 
1 A DA 1 1_555 B DT 7 1_555 A DC 2 1_555 B DG 6 1_555 0.235  0.904 6.907 9.283   -1.563 15.940 4.621  10.018  6.001 -5.097  
-30.277 18.497 1 AA_DA1DC2:DG6DT7_BB A 1 ? B 7 ? A 2 ? B 6 ? 
1 A DC 2 1_555 B DG 6 1_555 A DG 3 1_555 B DC 5 1_555 0.001  2.672 2.545 1.358   -0.202 10.889 14.216 1.622   2.476 -1.061  -7.117 
10.975 2 AA_DC2DG3:DC5DG6_BB A 2 ? B 6 ? A 3 ? B 5 ? 
1 A DG 3 1_555 B DC 5 1_555 A DA 4 1_555 B DT 4 1_555 -0.741 1.128 7.027 -13.079 -3.977 17.715 6.171  -8.811  5.816 -11.025 36.259 
22.343 3 AA_DG3DA4:DT4DC5_BB A 3 ? B 5 ? A 4 ? B 4 ? 
1 A DA 4 1_555 B DT 4 1_555 A DC 5 1_555 B DG 3 1_555 0.695  0.805 7.060 12.801  -4.394 14.560 6.942  11.403  5.458 -13.999 
-40.784 19.854 4 AA_DA4DC5:DG3DT4_BB A 4 ? B 4 ? A 5 ? B 3 ? 
1 A DC 5 1_555 B DG 3 1_555 A DG 6 1_555 B DC 2 1_555 0.032  2.639 2.553 -1.687  -0.548 11.021 14.190 -2.087  2.387 -2.827  8.707 
11.163 5 AA_DC5DG6:DC2DG3_BB A 5 ? B 3 ? A 6 ? B 2 ? 
1 A DG 6 1_555 B DC 2 1_555 A DT 7 1_555 B DA 1 1_555 -0.310 0.852 6.917 -9.118  -1.753 15.220 4.948  -10.431 5.991 -5.949  30.949 
17.815 6 AA_DG6DT7:DA1DC2_BB A 6 ? B 2 ? A 7 ? B 1 ? 
# 
loop_
_pdbx_entity_nonpoly.entity_id 
_pdbx_entity_nonpoly.name 
_pdbx_entity_nonpoly.comp_id 
4 'MAGNESIUM ION'      MG  
5 'MANGANESE (II) ION' MN  
6 2-CARBOXYQUINOXALINE QUI 
7 water                HOH 
# 
_pdbx_initial_refinement_model.id               1 
_pdbx_initial_refinement_model.entity_id_list   ? 
_pdbx_initial_refinement_model.type             'experimental model' 
_pdbx_initial_refinement_model.source_name      PDB 
_pdbx_initial_refinement_model.accession_code   5YTZ 
_pdbx_initial_refinement_model.details          ? 
# 
_pdbx_struct_assembly_auth_evidence.id                     1 
_pdbx_struct_assembly_auth_evidence.assembly_id            1 
_pdbx_struct_assembly_auth_evidence.experimental_support   none 
_pdbx_struct_assembly_auth_evidence.details                ? 
# 
